data_9PJ2
#
_entry.id   9PJ2
#
_cell.length_a   85.714
_cell.length_b   120.563
_cell.length_c   89.059
_cell.angle_alpha   90.000
_cell.angle_beta   90.930
_cell.angle_gamma   90.000
#
_symmetry.space_group_name_H-M   'P 1 21 1'
#
loop_
_entity.id
_entity.type
_entity.pdbx_description
1 polymer 'Putative molybdopterin oxidoreductase'
2 non-polymer ISOLEUCINE
3 non-polymer 'FE (II) ION'
4 non-polymer 'OXYGEN MOLECULE'
5 water water
#
_entity_poly.entity_id   1
_entity_poly.type   'polypeptide(L)'
_entity_poly.pdbx_seq_one_letter_code
;MTVNALALSAAEQQDLDARVGKEIDAARLRRADNAFFGEARKAESVTPEAALAIAHRWRAMTKAFMFTTLSGLGVMARRF
QGQDAPDHELLAAFQTVYQVIGDDLDNAAPAFREVAPRGPAGIHYVWWEDTVLKPVAAHVAEEDRQSAAVLPRAVTGLLD
SMDRLATHPLGAAVQLRVVEDIALDIAVGFRRLYAKVEVPGTTLFAGRDDLAWVDSHIKAETMHAAQVSDEDTGMTRLVA
DREQAEEFLTAVREYAAHWSAALETYAQALRDGHA
;
_entity_poly.pdbx_strand_id   A,B,C,D,E,F
#
loop_
_chem_comp.id
_chem_comp.type
_chem_comp.name
_chem_comp.formula
FE2 non-polymer 'FE (II) ION' 'Fe 2'
OXY non-polymer 'OXYGEN MOLECULE' O2
#
# COMPACT_ATOMS: atom_id res chain seq x y z
N ALA A 7 42.18 -22.38 8.73
CA ALA A 7 41.54 -21.06 8.74
C ALA A 7 42.45 -19.99 8.11
N LEU A 8 42.00 -18.74 8.16
CA LEU A 8 42.75 -17.61 7.64
C LEU A 8 43.02 -16.64 8.78
N SER A 9 44.28 -16.22 8.91
CA SER A 9 44.67 -15.30 9.97
C SER A 9 44.09 -13.92 9.70
N ALA A 10 44.11 -13.07 10.73
CA ALA A 10 43.63 -11.71 10.58
C ALA A 10 44.33 -10.97 9.44
N ALA A 11 45.57 -11.37 9.12
CA ALA A 11 46.31 -10.73 8.05
C ALA A 11 45.84 -11.21 6.68
N GLU A 12 45.71 -12.54 6.52
CA GLU A 12 45.24 -13.10 5.25
C GLU A 12 43.78 -12.72 4.98
N GLN A 13 42.98 -12.50 6.03
CA GLN A 13 41.60 -12.05 5.83
C GLN A 13 41.59 -10.64 5.27
N GLN A 14 42.38 -9.75 5.85
CA GLN A 14 42.40 -8.37 5.37
C GLN A 14 42.97 -8.29 3.96
N ASP A 15 43.94 -9.15 3.64
CA ASP A 15 44.46 -9.17 2.28
C ASP A 15 43.39 -9.63 1.28
N LEU A 16 42.61 -10.66 1.63
CA LEU A 16 41.56 -11.15 0.73
C LEU A 16 40.49 -10.10 0.51
N ASP A 17 39.97 -9.54 1.60
CA ASP A 17 38.93 -8.52 1.52
C ASP A 17 39.37 -7.33 0.68
N ALA A 18 40.66 -6.98 0.73
CA ALA A 18 41.13 -5.87 -0.07
C ALA A 18 41.30 -6.27 -1.52
N ARG A 19 41.71 -7.51 -1.78
CA ARG A 19 41.91 -7.94 -3.15
C ARG A 19 40.60 -8.15 -3.89
N VAL A 20 39.52 -8.49 -3.17
CA VAL A 20 38.19 -8.54 -3.80
C VAL A 20 37.76 -7.15 -4.25
N GLY A 21 37.91 -6.15 -3.38
CA GLY A 21 37.61 -4.78 -3.79
C GLY A 21 38.39 -4.33 -5.02
N LYS A 22 39.63 -4.80 -5.17
CA LYS A 22 40.43 -4.38 -6.31
C LYS A 22 40.04 -5.11 -7.59
N GLU A 23 39.61 -6.37 -7.49
CA GLU A 23 39.12 -7.06 -8.69
C GLU A 23 37.83 -6.41 -9.20
N ILE A 24 36.99 -5.89 -8.30
CA ILE A 24 35.76 -5.24 -8.72
C ILE A 24 36.05 -3.89 -9.37
N ASP A 25 36.98 -3.13 -8.77
CA ASP A 25 37.52 -1.93 -9.40
C ASP A 25 38.01 -2.22 -10.81
N ALA A 26 38.84 -3.25 -10.96
CA ALA A 26 39.47 -3.54 -12.25
C ALA A 26 38.48 -4.03 -13.27
N ALA A 27 37.34 -4.57 -12.84
CA ALA A 27 36.31 -5.01 -13.78
C ALA A 27 35.50 -3.85 -14.36
N ARG A 28 35.79 -2.61 -13.95
N ARG A 28 35.74 -2.60 -13.93
CA ARG A 28 35.04 -1.43 -14.39
CA ARG A 28 35.04 -1.41 -14.45
C ARG A 28 33.57 -1.55 -14.01
C ARG A 28 33.59 -1.30 -13.93
N LEU A 29 33.33 -1.80 -12.73
CA LEU A 29 31.97 -1.85 -12.18
C LEU A 29 31.65 -0.71 -11.22
N ARG A 30 32.63 0.13 -10.87
CA ARG A 30 32.37 1.25 -9.98
C ARG A 30 31.60 2.36 -10.71
N ARG A 31 31.01 3.24 -9.91
CA ARG A 31 30.10 4.26 -10.42
C ARG A 31 30.74 5.14 -11.49
N ALA A 32 32.02 5.46 -11.35
CA ALA A 32 32.64 6.40 -12.29
C ALA A 32 33.11 5.72 -13.57
N ASP A 33 33.07 4.40 -13.63
CA ASP A 33 33.72 3.68 -14.72
C ASP A 33 32.77 2.93 -15.63
N ASN A 34 31.73 2.28 -15.11
CA ASN A 34 30.90 1.47 -16.00
C ASN A 34 30.10 2.34 -16.94
N ALA A 35 30.00 1.92 -18.19
CA ALA A 35 29.34 2.70 -19.21
C ALA A 35 27.85 2.84 -18.95
N PHE A 36 27.22 1.88 -18.27
CA PHE A 36 25.78 1.99 -18.07
C PHE A 36 25.45 3.18 -17.15
N PHE A 37 26.19 3.34 -16.05
CA PHE A 37 25.84 4.39 -15.09
C PHE A 37 25.99 5.78 -15.69
N GLY A 38 27.08 6.01 -16.43
CA GLY A 38 27.26 7.31 -17.08
C GLY A 38 26.22 7.55 -18.15
N GLU A 39 25.96 6.55 -18.99
CA GLU A 39 25.01 6.74 -20.08
C GLU A 39 23.59 7.01 -19.56
N ALA A 40 23.20 6.38 -18.45
CA ALA A 40 21.83 6.59 -17.98
C ALA A 40 21.66 7.98 -17.37
N ARG A 41 22.73 8.52 -16.78
CA ARG A 41 22.65 9.88 -16.25
C ARG A 41 22.67 10.90 -17.38
N LYS A 42 23.48 10.67 -18.41
CA LYS A 42 23.72 11.67 -19.46
C LYS A 42 22.69 11.68 -20.57
N ALA A 43 21.95 10.60 -20.76
CA ALA A 43 21.00 10.53 -21.86
C ALA A 43 19.94 11.62 -21.70
N GLU A 44 19.66 12.33 -22.79
CA GLU A 44 18.61 13.36 -22.74
C GLU A 44 17.24 12.72 -22.71
N SER A 45 17.07 11.63 -23.44
CA SER A 45 15.81 10.91 -23.44
C SER A 45 16.07 9.47 -23.84
N VAL A 46 15.10 8.62 -23.57
CA VAL A 46 15.23 7.19 -23.83
C VAL A 46 14.04 6.75 -24.64
N THR A 47 14.28 5.97 -25.70
CA THR A 47 13.14 5.45 -26.45
C THR A 47 12.48 4.31 -25.68
N PRO A 48 11.18 4.08 -25.91
CA PRO A 48 10.56 2.86 -25.35
C PRO A 48 11.27 1.59 -25.79
N GLU A 49 11.76 1.52 -27.02
CA GLU A 49 12.40 0.30 -27.48
C GLU A 49 13.70 0.05 -26.71
N ALA A 50 14.45 1.10 -26.42
CA ALA A 50 15.66 0.94 -25.61
C ALA A 50 15.30 0.54 -24.18
N ALA A 51 14.36 1.25 -23.56
CA ALA A 51 13.92 0.92 -22.20
C ALA A 51 13.37 -0.50 -22.12
N LEU A 52 12.79 -1.01 -23.20
CA LEU A 52 12.19 -2.35 -23.17
C LEU A 52 13.25 -3.43 -23.29
N ALA A 53 14.22 -3.21 -24.18
CA ALA A 53 15.35 -4.11 -24.28
C ALA A 53 16.07 -4.23 -22.94
N ILE A 54 16.30 -3.10 -22.27
CA ILE A 54 16.91 -3.13 -20.95
C ILE A 54 16.02 -3.89 -19.96
N ALA A 55 14.70 -3.75 -20.08
CA ALA A 55 13.83 -4.45 -19.12
C ALA A 55 13.85 -5.95 -19.31
N HIS A 56 13.96 -6.43 -20.55
CA HIS A 56 14.07 -7.87 -20.79
C HIS A 56 15.39 -8.43 -20.28
N ARG A 57 16.48 -7.70 -20.49
CA ARG A 57 17.78 -8.16 -20.02
C ARG A 57 17.81 -8.23 -18.50
N TRP A 58 17.30 -7.20 -17.84
CA TRP A 58 17.31 -7.20 -16.37
C TRP A 58 16.42 -8.29 -15.84
N ARG A 59 15.25 -8.50 -16.48
CA ARG A 59 14.39 -9.63 -16.13
C ARG A 59 15.19 -10.92 -16.09
N ALA A 60 15.93 -11.22 -17.17
CA ALA A 60 16.67 -12.48 -17.22
C ALA A 60 17.77 -12.52 -16.15
N MET A 61 18.48 -11.42 -15.98
CA MET A 61 19.64 -11.41 -15.09
C MET A 61 19.23 -11.51 -13.62
N THR A 62 18.15 -10.82 -13.22
CA THR A 62 17.75 -10.84 -11.82
C THR A 62 17.06 -12.14 -11.45
N LYS A 63 16.28 -12.71 -12.37
CA LYS A 63 15.71 -14.04 -12.12
C LYS A 63 16.82 -15.08 -11.94
N ALA A 64 17.77 -15.10 -12.87
CA ALA A 64 18.90 -16.02 -12.75
C ALA A 64 19.71 -15.74 -11.49
N PHE A 65 19.94 -14.47 -11.16
CA PHE A 65 20.68 -14.15 -9.94
C PHE A 65 20.01 -14.78 -8.73
N MET A 66 18.69 -14.61 -8.62
CA MET A 66 17.98 -15.07 -7.45
C MET A 66 18.01 -16.59 -7.34
N PHE A 67 17.58 -17.30 -8.38
CA PHE A 67 17.52 -18.76 -8.30
C PHE A 67 18.90 -19.39 -8.17
N THR A 68 19.93 -18.86 -8.88
CA THR A 68 21.24 -19.50 -8.77
C THR A 68 21.93 -19.16 -7.45
N THR A 69 21.64 -18.00 -6.86
CA THR A 69 22.15 -17.75 -5.52
C THR A 69 21.49 -18.67 -4.50
N LEU A 70 20.18 -18.88 -4.62
CA LEU A 70 19.50 -19.84 -3.75
C LEU A 70 20.03 -21.26 -3.95
N SER A 71 20.34 -21.63 -5.19
CA SER A 71 20.99 -22.91 -5.42
C SER A 71 22.32 -22.96 -4.70
N GLY A 72 23.08 -21.87 -4.73
CA GLY A 72 24.35 -21.84 -4.02
C GLY A 72 24.21 -21.93 -2.51
N LEU A 73 23.13 -21.38 -1.96
CA LEU A 73 22.84 -21.55 -0.53
C LEU A 73 22.62 -23.03 -0.19
N GLY A 74 21.83 -23.73 -0.99
CA GLY A 74 21.62 -25.16 -0.76
C GLY A 74 22.90 -25.97 -0.84
N VAL A 75 23.79 -25.62 -1.76
CA VAL A 75 25.09 -26.28 -1.85
C VAL A 75 25.90 -26.09 -0.58
N MET A 76 25.93 -24.85 -0.05
CA MET A 76 26.63 -24.62 1.22
C MET A 76 25.98 -25.41 2.35
N ALA A 77 24.65 -25.48 2.35
CA ALA A 77 23.93 -26.23 3.38
C ALA A 77 24.33 -27.71 3.39
N ARG A 78 24.34 -28.34 2.22
CA ARG A 78 24.83 -29.71 2.12
C ARG A 78 26.24 -29.84 2.65
N ARG A 79 27.10 -28.84 2.39
CA ARG A 79 28.47 -28.88 2.88
C ARG A 79 28.53 -28.76 4.40
N PHE A 80 27.76 -27.84 4.98
CA PHE A 80 27.67 -27.74 6.43
C PHE A 80 27.16 -29.03 7.06
N GLN A 81 26.20 -29.67 6.41
CA GLN A 81 25.62 -30.88 6.99
C GLN A 81 26.65 -32.00 7.13
N GLY A 82 27.70 -31.98 6.30
CA GLY A 82 28.80 -32.93 6.36
C GLY A 82 29.77 -32.72 7.49
N GLN A 83 29.70 -31.58 8.17
CA GLN A 83 30.56 -31.30 9.31
C GLN A 83 29.80 -31.59 10.60
N ASP A 84 30.49 -32.23 11.55
CA ASP A 84 29.86 -32.57 12.82
C ASP A 84 29.37 -31.32 13.54
N ALA A 85 30.18 -30.26 13.51
CA ALA A 85 29.87 -29.02 14.21
C ALA A 85 30.40 -27.84 13.41
N PRO A 86 29.60 -27.32 12.47
CA PRO A 86 30.02 -26.14 11.72
C PRO A 86 30.49 -25.00 12.62
N ASP A 87 31.54 -24.30 12.17
CA ASP A 87 32.05 -23.18 12.94
C ASP A 87 31.00 -22.06 12.99
N HIS A 88 30.80 -21.49 14.19
CA HIS A 88 29.73 -20.51 14.36
C HIS A 88 29.97 -19.23 13.59
N GLU A 89 31.23 -18.92 13.28
CA GLU A 89 31.51 -17.72 12.49
C GLU A 89 31.12 -17.93 11.03
N LEU A 90 31.37 -19.12 10.50
CA LEU A 90 30.81 -19.47 9.20
C LEU A 90 29.29 -19.47 9.23
N LEU A 91 28.68 -19.95 10.31
CA LEU A 91 27.23 -19.97 10.36
C LEU A 91 26.65 -18.56 10.38
N ALA A 92 27.37 -17.60 10.99
CA ALA A 92 26.91 -16.21 10.97
C ALA A 92 26.87 -15.65 9.56
N ALA A 93 27.93 -15.90 8.76
CA ALA A 93 27.93 -15.47 7.37
C ALA A 93 26.91 -16.22 6.52
N PHE A 94 26.67 -17.50 6.84
CA PHE A 94 25.62 -18.26 6.18
C PHE A 94 24.25 -17.64 6.43
N GLN A 95 24.04 -17.13 7.64
CA GLN A 95 22.80 -16.43 7.93
C GLN A 95 22.67 -15.16 7.08
N THR A 96 23.78 -14.44 6.85
CA THR A 96 23.71 -13.24 6.01
C THR A 96 23.24 -13.58 4.60
N VAL A 97 23.75 -14.68 4.02
CA VAL A 97 23.29 -15.10 2.69
C VAL A 97 21.79 -15.29 2.69
N TYR A 98 21.28 -16.05 3.67
CA TYR A 98 19.86 -16.32 3.78
C TYR A 98 19.06 -15.03 3.87
N GLN A 99 19.50 -14.10 4.71
CA GLN A 99 18.78 -12.85 4.90
C GLN A 99 18.81 -12.00 3.63
N VAL A 100 20.01 -11.79 3.06
CA VAL A 100 20.15 -10.94 1.87
C VAL A 100 19.31 -11.47 0.72
N ILE A 101 19.59 -12.71 0.28
CA ILE A 101 18.87 -13.24 -0.88
C ILE A 101 17.38 -13.46 -0.59
N GLY A 102 17.00 -13.59 0.68
CA GLY A 102 15.60 -13.74 1.01
C GLY A 102 14.74 -12.52 0.73
N ASP A 103 15.33 -11.31 0.69
CA ASP A 103 14.56 -10.14 0.30
C ASP A 103 14.00 -10.27 -1.11
N ASP A 104 14.81 -10.82 -2.03
CA ASP A 104 14.39 -10.99 -3.41
C ASP A 104 13.23 -11.95 -3.52
N LEU A 105 13.22 -12.98 -2.66
CA LEU A 105 12.18 -13.99 -2.67
C LEU A 105 10.95 -13.53 -1.89
N ASP A 106 11.10 -12.85 -0.74
CA ASP A 106 9.89 -12.54 0.00
C ASP A 106 9.88 -11.21 0.75
N ASN A 107 10.82 -10.30 0.49
CA ASN A 107 10.67 -8.89 0.90
C ASN A 107 10.59 -8.72 2.43
N ALA A 108 11.53 -9.32 3.16
CA ALA A 108 11.49 -9.21 4.62
C ALA A 108 11.94 -7.84 5.10
N ALA A 109 12.96 -7.23 4.47
CA ALA A 109 13.51 -5.98 4.98
C ALA A 109 12.44 -4.88 4.96
N PRO A 110 12.43 -3.98 5.96
CA PRO A 110 11.34 -3.00 6.04
C PRO A 110 11.19 -2.14 4.81
N ALA A 111 12.30 -1.85 4.12
CA ALA A 111 12.21 -1.05 2.90
C ALA A 111 11.31 -1.69 1.84
N PHE A 112 11.24 -3.03 1.81
CA PHE A 112 10.46 -3.73 0.79
C PHE A 112 9.04 -4.07 1.25
N ARG A 113 8.84 -4.43 2.51
CA ARG A 113 7.51 -4.89 2.92
C ARG A 113 6.46 -3.78 2.82
N GLU A 114 6.86 -2.53 3.01
CA GLU A 114 5.91 -1.42 2.92
C GLU A 114 5.28 -1.31 1.55
N VAL A 115 6.05 -1.56 0.48
CA VAL A 115 5.55 -1.32 -0.86
C VAL A 115 5.42 -2.57 -1.71
N ALA A 116 6.12 -3.66 -1.41
CA ALA A 116 6.12 -4.81 -2.32
C ALA A 116 4.76 -5.50 -2.32
N PRO A 117 4.26 -5.91 -3.50
CA PRO A 117 3.08 -6.79 -3.54
C PRO A 117 3.29 -8.02 -2.67
N ARG A 118 2.21 -8.64 -2.22
CA ARG A 118 2.26 -9.87 -1.43
C ARG A 118 2.31 -11.09 -2.33
N GLY A 119 2.84 -12.19 -1.81
CA GLY A 119 2.85 -13.43 -2.54
C GLY A 119 3.86 -13.46 -3.68
N PRO A 120 3.63 -14.32 -4.67
CA PRO A 120 4.58 -14.46 -5.79
C PRO A 120 4.76 -13.20 -6.60
N ALA A 121 3.75 -12.32 -6.61
CA ALA A 121 3.85 -11.06 -7.34
C ALA A 121 4.92 -10.13 -6.78
N GLY A 122 5.34 -10.35 -5.53
CA GLY A 122 6.42 -9.57 -4.93
C GLY A 122 7.82 -10.13 -5.14
N ILE A 123 7.95 -11.33 -5.71
CA ILE A 123 9.27 -11.84 -6.08
C ILE A 123 9.91 -10.85 -7.05
N HIS A 124 11.18 -10.55 -6.85
CA HIS A 124 11.65 -9.31 -7.44
C HIS A 124 11.69 -9.36 -8.97
N TYR A 125 11.98 -10.51 -9.61
CA TYR A 125 11.90 -10.52 -11.07
C TYR A 125 10.46 -10.45 -11.57
N VAL A 126 9.53 -11.03 -10.80
CA VAL A 126 8.10 -10.93 -11.13
C VAL A 126 7.60 -9.51 -10.93
N TRP A 127 7.91 -8.91 -9.78
CA TRP A 127 7.54 -7.53 -9.53
C TRP A 127 8.14 -6.58 -10.59
N TRP A 128 9.37 -6.83 -11.01
CA TRP A 128 9.94 -6.08 -12.13
C TRP A 128 9.13 -6.26 -13.42
N GLU A 129 8.77 -7.50 -13.77
CA GLU A 129 7.97 -7.77 -14.96
C GLU A 129 6.70 -6.95 -15.00
N ASP A 130 6.00 -6.90 -13.88
CA ASP A 130 4.66 -6.33 -13.82
C ASP A 130 4.66 -4.81 -13.82
N THR A 131 5.62 -4.20 -13.13
CA THR A 131 5.55 -2.77 -12.91
C THR A 131 6.54 -1.97 -13.72
N VAL A 132 7.52 -2.60 -14.34
CA VAL A 132 8.43 -1.90 -15.24
C VAL A 132 8.30 -2.43 -16.66
N LEU A 133 8.45 -3.74 -16.85
CA LEU A 133 8.58 -4.28 -18.20
C LEU A 133 7.27 -4.17 -18.97
N LYS A 134 6.18 -4.69 -18.40
CA LYS A 134 4.91 -4.68 -19.11
C LYS A 134 4.41 -3.26 -19.40
N PRO A 135 4.45 -2.30 -18.46
CA PRO A 135 4.03 -0.94 -18.84
C PRO A 135 4.85 -0.35 -19.98
N VAL A 136 6.15 -0.64 -20.05
CA VAL A 136 6.95 -0.15 -21.16
C VAL A 136 6.58 -0.84 -22.46
N ALA A 137 6.32 -2.15 -22.41
CA ALA A 137 6.01 -2.88 -23.62
C ALA A 137 4.74 -2.37 -24.29
N ALA A 138 3.80 -1.85 -23.50
CA ALA A 138 2.56 -1.34 -24.06
C ALA A 138 2.82 -0.30 -25.16
N HIS A 139 3.90 0.48 -25.04
CA HIS A 139 4.22 1.53 -25.99
C HIS A 139 5.19 1.10 -27.09
N VAL A 140 5.31 -0.20 -27.35
CA VAL A 140 6.25 -0.72 -28.33
C VAL A 140 5.49 -1.61 -29.30
N ALA A 141 5.68 -1.36 -30.60
CA ALA A 141 4.97 -2.13 -31.62
C ALA A 141 5.39 -3.61 -31.59
N GLU A 142 4.44 -4.49 -31.94
CA GLU A 142 4.59 -5.91 -31.65
C GLU A 142 5.91 -6.49 -32.16
N GLU A 143 6.33 -6.11 -33.37
CA GLU A 143 7.55 -6.69 -33.95
C GLU A 143 8.80 -6.12 -33.29
N ASP A 144 8.73 -4.89 -32.79
CA ASP A 144 9.84 -4.34 -32.02
C ASP A 144 9.94 -4.98 -30.63
N ARG A 145 8.85 -5.54 -30.10
CA ARG A 145 8.90 -6.23 -28.81
C ARG A 145 9.79 -7.46 -28.88
N GLN A 146 9.52 -8.33 -29.86
CA GLN A 146 10.33 -9.52 -30.01
C GLN A 146 11.79 -9.15 -30.20
N SER A 147 12.06 -8.08 -30.96
CA SER A 147 13.43 -7.65 -31.15
C SER A 147 14.06 -7.23 -29.83
N ALA A 148 13.32 -6.53 -28.97
CA ALA A 148 13.81 -6.13 -27.66
C ALA A 148 14.17 -7.32 -26.77
N ALA A 149 13.57 -8.48 -27.02
CA ALA A 149 13.72 -9.63 -26.13
C ALA A 149 14.91 -10.51 -26.47
N VAL A 150 15.58 -10.29 -27.60
CA VAL A 150 16.77 -11.08 -27.92
C VAL A 150 17.90 -10.65 -26.99
N LEU A 151 18.49 -11.62 -26.25
CA LEU A 151 19.52 -11.22 -25.30
C LEU A 151 20.87 -11.17 -25.98
N PRO A 152 21.63 -10.10 -25.80
CA PRO A 152 23.02 -10.08 -26.27
C PRO A 152 23.82 -11.24 -25.74
N ARG A 153 24.89 -11.59 -26.48
CA ARG A 153 25.80 -12.65 -26.04
C ARG A 153 26.45 -12.32 -24.70
N ALA A 154 26.70 -11.04 -24.40
CA ALA A 154 27.31 -10.73 -23.12
C ALA A 154 26.34 -11.01 -21.96
N VAL A 155 25.04 -10.82 -22.20
CA VAL A 155 24.06 -11.14 -21.17
C VAL A 155 23.98 -12.66 -21.00
N THR A 156 23.84 -13.41 -22.11
CA THR A 156 23.74 -14.86 -21.95
C THR A 156 25.05 -15.44 -21.42
N GLY A 157 26.19 -14.82 -21.72
CA GLY A 157 27.42 -15.21 -21.07
C GLY A 157 27.37 -15.04 -19.55
N LEU A 158 26.70 -13.99 -19.08
CA LEU A 158 26.56 -13.83 -17.64
C LEU A 158 25.62 -14.88 -17.06
N LEU A 159 24.50 -15.15 -17.74
CA LEU A 159 23.58 -16.19 -17.27
C LEU A 159 24.27 -17.54 -17.16
N ASP A 160 25.17 -17.85 -18.11
CA ASP A 160 25.94 -19.10 -18.05
C ASP A 160 26.88 -19.11 -16.86
N SER A 161 27.56 -18.00 -16.58
CA SER A 161 28.41 -17.89 -15.40
C SER A 161 27.60 -18.14 -14.12
N MET A 162 26.40 -17.56 -14.02
CA MET A 162 25.56 -17.79 -12.84
C MET A 162 25.20 -19.26 -12.69
N ASP A 163 24.88 -19.96 -13.80
CA ASP A 163 24.59 -21.38 -13.76
C ASP A 163 25.77 -22.20 -13.24
N ARG A 164 27.00 -21.78 -13.52
CA ARG A 164 28.15 -22.48 -12.95
C ARG A 164 28.29 -22.19 -11.47
N LEU A 165 28.11 -20.93 -11.07
CA LEU A 165 28.17 -20.61 -9.65
C LEU A 165 27.04 -21.26 -8.85
N ALA A 166 25.96 -21.72 -9.50
CA ALA A 166 24.84 -22.32 -8.79
C ALA A 166 25.22 -23.61 -8.09
N THR A 167 26.29 -24.30 -8.54
CA THR A 167 26.74 -25.54 -7.92
C THR A 167 28.14 -25.41 -7.32
N HIS A 168 28.67 -24.21 -7.24
CA HIS A 168 29.95 -23.93 -6.60
C HIS A 168 29.78 -23.76 -5.09
N PRO A 169 30.65 -24.35 -4.27
CA PRO A 169 30.48 -24.23 -2.80
C PRO A 169 30.70 -22.82 -2.26
N LEU A 170 31.28 -21.93 -3.04
CA LEU A 170 31.34 -20.52 -2.69
C LEU A 170 30.56 -19.66 -3.66
N GLY A 171 29.72 -20.29 -4.51
CA GLY A 171 29.02 -19.53 -5.53
C GLY A 171 28.14 -18.44 -4.95
N ALA A 172 27.33 -18.78 -3.94
CA ALA A 172 26.41 -17.79 -3.38
C ALA A 172 27.18 -16.61 -2.79
N ALA A 173 28.32 -16.89 -2.16
CA ALA A 173 29.10 -15.82 -1.56
C ALA A 173 29.68 -14.90 -2.63
N VAL A 174 30.16 -15.47 -3.74
CA VAL A 174 30.73 -14.66 -4.83
C VAL A 174 29.67 -13.74 -5.42
N GLN A 175 28.50 -14.30 -5.74
CA GLN A 175 27.44 -13.52 -6.40
C GLN A 175 26.94 -12.38 -5.52
N LEU A 176 26.70 -12.65 -4.23
CA LEU A 176 26.24 -11.59 -3.34
C LEU A 176 27.32 -10.54 -3.08
N ARG A 177 28.58 -10.97 -2.96
CA ARG A 177 29.66 -10.00 -2.76
C ARG A 177 29.73 -9.02 -3.92
N VAL A 178 29.59 -9.51 -5.15
CA VAL A 178 29.69 -8.62 -6.31
C VAL A 178 28.39 -7.85 -6.53
N VAL A 179 27.25 -8.56 -6.60
CA VAL A 179 25.99 -7.92 -6.97
C VAL A 179 25.61 -6.85 -5.95
N GLU A 180 25.67 -7.19 -4.66
CA GLU A 180 25.17 -6.23 -3.68
C GLU A 180 26.08 -5.02 -3.57
N ASP A 181 27.33 -5.13 -4.03
CA ASP A 181 28.24 -3.99 -4.08
C ASP A 181 27.92 -3.04 -5.24
N ILE A 182 27.42 -3.54 -6.37
CA ILE A 182 27.07 -2.67 -7.49
C ILE A 182 25.58 -2.34 -7.55
N ALA A 183 24.75 -2.94 -6.68
CA ALA A 183 23.30 -2.88 -6.85
C ALA A 183 22.75 -1.45 -6.79
N LEU A 184 23.32 -0.62 -5.92
CA LEU A 184 22.79 0.74 -5.75
C LEU A 184 22.94 1.54 -7.04
N ASP A 185 24.12 1.45 -7.66
CA ASP A 185 24.38 2.16 -8.92
C ASP A 185 23.45 1.70 -10.04
N ILE A 186 23.17 0.39 -10.12
CA ILE A 186 22.21 -0.12 -11.09
C ILE A 186 20.83 0.50 -10.88
N ALA A 187 20.33 0.45 -9.64
CA ALA A 187 18.99 0.97 -9.35
C ALA A 187 18.90 2.46 -9.62
N VAL A 188 19.96 3.21 -9.36
CA VAL A 188 19.95 4.65 -9.63
C VAL A 188 19.99 4.90 -11.14
N GLY A 189 20.72 4.06 -11.88
CA GLY A 189 20.59 4.10 -13.32
C GLY A 189 19.17 3.85 -13.80
N PHE A 190 18.48 2.91 -13.16
CA PHE A 190 17.09 2.63 -13.53
C PHE A 190 16.19 3.83 -13.19
N ARG A 191 16.39 4.42 -12.01
CA ARG A 191 15.57 5.56 -11.59
C ARG A 191 15.75 6.75 -12.53
N ARG A 192 16.98 6.96 -13.01
CA ARG A 192 17.24 8.05 -13.95
C ARG A 192 16.64 7.73 -15.32
N LEU A 193 16.95 6.57 -15.88
CA LEU A 193 16.58 6.35 -17.28
C LEU A 193 15.09 6.14 -17.44
N TYR A 194 14.46 5.43 -16.49
CA TYR A 194 13.03 5.13 -16.68
C TYR A 194 12.14 6.33 -16.43
N ALA A 195 12.70 7.43 -15.95
CA ALA A 195 11.93 8.65 -15.75
C ALA A 195 12.04 9.59 -16.95
N LYS A 196 12.79 9.19 -17.98
CA LYS A 196 13.06 9.98 -19.18
C LYS A 196 12.66 9.22 -20.44
N VAL A 197 11.68 8.33 -20.34
CA VAL A 197 11.22 7.61 -21.53
C VAL A 197 10.25 8.51 -22.30
N GLU A 198 10.56 8.75 -23.57
CA GLU A 198 9.72 9.65 -24.37
C GLU A 198 8.68 8.85 -25.13
N VAL A 199 7.43 8.99 -24.70
CA VAL A 199 6.28 8.36 -25.32
C VAL A 199 5.38 9.47 -25.85
N PRO A 200 5.21 9.59 -27.17
CA PRO A 200 4.50 10.76 -27.72
C PRO A 200 3.04 10.79 -27.28
N GLY A 201 2.67 11.87 -26.60
CA GLY A 201 1.29 12.11 -26.23
C GLY A 201 0.86 11.57 -24.89
N THR A 202 1.81 11.26 -24.00
CA THR A 202 1.49 10.69 -22.68
C THR A 202 2.76 10.72 -21.84
N THR A 203 2.65 10.20 -20.62
CA THR A 203 3.78 10.08 -19.71
C THR A 203 3.93 8.63 -19.26
N LEU A 204 5.16 8.26 -18.88
CA LEU A 204 5.43 6.94 -18.32
C LEU A 204 6.07 7.12 -16.97
N PHE A 205 5.57 6.40 -15.97
CA PHE A 205 6.12 6.37 -14.62
C PHE A 205 6.15 7.75 -13.97
N ALA A 206 5.18 8.62 -14.29
CA ALA A 206 5.12 9.95 -13.67
C ALA A 206 4.43 9.95 -12.32
N GLY A 207 3.67 8.90 -11.99
CA GLY A 207 3.01 8.79 -10.70
C GLY A 207 3.99 8.61 -9.55
N ARG A 208 3.45 8.75 -8.34
N ARG A 208 3.46 8.80 -8.34
CA ARG A 208 4.28 8.83 -7.14
CA ARG A 208 4.30 8.83 -7.15
C ARG A 208 4.85 7.47 -6.74
C ARG A 208 4.90 7.46 -6.85
N ASP A 209 4.14 6.38 -7.08
CA ASP A 209 4.57 5.04 -6.70
C ASP A 209 4.82 4.16 -7.91
N ASP A 210 4.99 4.75 -9.10
CA ASP A 210 5.10 3.96 -10.33
C ASP A 210 6.41 3.19 -10.42
N LEU A 211 7.45 3.67 -9.76
CA LEU A 211 8.75 3.02 -9.72
C LEU A 211 9.09 2.52 -8.31
N ALA A 212 8.08 1.94 -7.64
CA ALA A 212 8.26 1.44 -6.28
C ALA A 212 9.33 0.35 -6.20
N TRP A 213 9.41 -0.50 -7.23
CA TRP A 213 10.51 -1.47 -7.32
C TRP A 213 11.86 -0.78 -7.15
N VAL A 214 12.08 0.30 -7.91
CA VAL A 214 13.36 0.99 -7.90
C VAL A 214 13.57 1.74 -6.58
N ASP A 215 12.56 2.51 -6.16
CA ASP A 215 12.77 3.37 -4.99
C ASP A 215 13.03 2.55 -3.72
N SER A 216 12.43 1.36 -3.60
CA SER A 216 12.69 0.53 -2.42
C SER A 216 14.05 -0.13 -2.45
N HIS A 217 14.55 -0.53 -3.64
CA HIS A 217 15.92 -1.05 -3.71
C HIS A 217 16.93 0.02 -3.32
N ILE A 218 16.73 1.26 -3.79
CA ILE A 218 17.65 2.33 -3.44
C ILE A 218 17.74 2.55 -1.92
N LYS A 219 16.64 2.38 -1.21
CA LYS A 219 16.72 2.52 0.24
C LYS A 219 17.39 1.32 0.91
N ALA A 220 17.36 0.15 0.28
CA ALA A 220 17.85 -1.06 0.93
C ALA A 220 19.29 -1.44 0.59
N GLU A 221 19.84 -0.96 -0.53
CA GLU A 221 21.00 -1.61 -1.10
C GLU A 221 22.34 -1.18 -0.48
N THR A 222 22.39 -0.07 0.24
CA THR A 222 23.64 0.21 0.94
C THR A 222 23.81 -0.67 2.18
N MET A 223 22.68 -1.06 2.79
CA MET A 223 22.71 -2.02 3.88
C MET A 223 23.11 -3.41 3.39
N HIS A 224 22.58 -3.85 2.24
CA HIS A 224 23.05 -5.10 1.64
C HIS A 224 24.53 -5.05 1.31
N ALA A 225 25.00 -3.91 0.75
CA ALA A 225 26.43 -3.78 0.45
C ALA A 225 27.25 -3.83 1.72
N ALA A 226 26.72 -3.29 2.82
CA ALA A 226 27.43 -3.39 4.10
C ALA A 226 27.44 -4.83 4.61
N GLN A 227 26.29 -5.52 4.54
CA GLN A 227 26.23 -6.89 5.05
C GLN A 227 27.23 -7.79 4.33
N VAL A 228 27.25 -7.74 2.99
CA VAL A 228 28.04 -8.72 2.26
C VAL A 228 29.53 -8.45 2.40
N SER A 229 29.91 -7.26 2.82
CA SER A 229 31.31 -6.89 2.89
C SER A 229 31.79 -6.72 4.33
N ASP A 230 30.89 -6.83 5.30
CA ASP A 230 31.25 -6.79 6.71
C ASP A 230 32.37 -7.78 7.01
N GLU A 231 33.40 -7.30 7.71
CA GLU A 231 34.59 -8.12 7.91
C GLU A 231 34.37 -9.23 8.93
N ASP A 232 33.26 -9.20 9.67
CA ASP A 232 32.93 -10.27 10.60
C ASP A 232 31.93 -11.27 9.99
N THR A 233 30.75 -10.81 9.59
CA THR A 233 29.70 -11.70 9.09
C THR A 233 29.46 -11.56 7.59
N GLY A 234 30.43 -11.02 6.85
CA GLY A 234 30.28 -10.80 5.42
C GLY A 234 30.70 -12.01 4.61
N MET A 235 30.62 -11.84 3.28
CA MET A 235 30.71 -12.97 2.37
C MET A 235 32.09 -13.60 2.38
N THR A 236 33.14 -12.81 2.52
CA THR A 236 34.46 -13.44 2.44
C THR A 236 34.79 -14.27 3.68
N ARG A 237 33.99 -14.16 4.75
CA ARG A 237 34.19 -14.98 5.93
C ARG A 237 33.73 -16.43 5.76
N LEU A 238 32.95 -16.72 4.71
CA LEU A 238 32.69 -18.09 4.31
C LEU A 238 33.87 -18.73 3.60
N VAL A 239 34.95 -18.00 3.37
CA VAL A 239 36.17 -18.56 2.77
C VAL A 239 37.05 -19.10 3.90
N ALA A 240 37.27 -20.42 3.90
CA ALA A 240 37.81 -21.09 5.07
C ALA A 240 39.33 -21.23 5.09
N ASP A 241 40.03 -21.06 3.97
CA ASP A 241 41.47 -21.24 3.96
C ASP A 241 42.07 -20.63 2.69
N ARG A 242 43.39 -20.73 2.58
CA ARG A 242 44.13 -20.05 1.51
C ARG A 242 43.74 -20.57 0.13
N GLU A 243 43.47 -21.87 0.02
CA GLU A 243 43.14 -22.45 -1.27
C GLU A 243 41.77 -21.96 -1.75
N GLN A 244 40.82 -21.78 -0.83
CA GLN A 244 39.52 -21.22 -1.17
C GLN A 244 39.62 -19.73 -1.46
N ALA A 245 40.51 -19.02 -0.75
CA ALA A 245 40.73 -17.61 -1.02
C ALA A 245 41.17 -17.37 -2.45
N GLU A 246 41.95 -18.28 -3.03
CA GLU A 246 42.37 -18.11 -4.41
C GLU A 246 41.28 -18.56 -5.39
N GLU A 247 40.44 -19.52 -4.99
CA GLU A 247 39.27 -19.82 -5.81
C GLU A 247 38.30 -18.65 -5.80
N PHE A 248 38.09 -18.05 -4.62
CA PHE A 248 37.15 -16.95 -4.48
C PHE A 248 37.55 -15.78 -5.36
N LEU A 249 38.83 -15.41 -5.33
CA LEU A 249 39.30 -14.28 -6.12
C LEU A 249 39.21 -14.58 -7.60
N THR A 250 39.52 -15.80 -8.01
CA THR A 250 39.38 -16.16 -9.41
C THR A 250 37.92 -16.09 -9.84
N ALA A 251 37.00 -16.59 -9.00
CA ALA A 251 35.59 -16.54 -9.35
C ALA A 251 35.08 -15.10 -9.41
N VAL A 252 35.46 -14.25 -8.44
CA VAL A 252 35.05 -12.85 -8.50
C VAL A 252 35.55 -12.19 -9.79
N ARG A 253 36.80 -12.44 -10.16
CA ARG A 253 37.34 -11.81 -11.36
C ARG A 253 36.54 -12.21 -12.59
N GLU A 254 36.22 -13.49 -12.74
CA GLU A 254 35.47 -13.93 -13.90
C GLU A 254 34.03 -13.41 -13.85
N TYR A 255 33.39 -13.55 -12.69
CA TYR A 255 32.00 -13.14 -12.56
C TYR A 255 31.83 -11.64 -12.76
N ALA A 256 32.70 -10.85 -12.15
CA ALA A 256 32.62 -9.40 -12.28
C ALA A 256 32.81 -8.96 -13.73
N ALA A 257 33.67 -9.65 -14.46
CA ALA A 257 33.85 -9.30 -15.87
C ALA A 257 32.57 -9.55 -16.66
N HIS A 258 31.88 -10.65 -16.37
CA HIS A 258 30.59 -10.88 -17.05
C HIS A 258 29.58 -9.81 -16.69
N TRP A 259 29.52 -9.42 -15.42
CA TRP A 259 28.56 -8.39 -15.02
C TRP A 259 28.83 -7.09 -15.77
N SER A 260 30.10 -6.70 -15.87
CA SER A 260 30.48 -5.46 -16.54
C SER A 260 30.15 -5.51 -18.02
N ALA A 261 30.41 -6.66 -18.66
CA ALA A 261 30.09 -6.78 -20.08
C ALA A 261 28.59 -6.78 -20.30
N ALA A 262 27.83 -7.44 -19.41
CA ALA A 262 26.37 -7.38 -19.52
C ALA A 262 25.86 -5.94 -19.40
N LEU A 263 26.37 -5.19 -18.41
CA LEU A 263 25.87 -3.83 -18.24
C LEU A 263 26.32 -2.90 -19.36
N GLU A 264 27.45 -3.18 -20.00
CA GLU A 264 27.87 -2.36 -21.13
C GLU A 264 26.87 -2.46 -22.30
N THR A 265 26.16 -3.59 -22.44
CA THR A 265 25.14 -3.65 -23.49
C THR A 265 23.97 -2.74 -23.17
N TYR A 266 23.69 -2.47 -21.89
CA TYR A 266 22.65 -1.52 -21.55
C TYR A 266 23.00 -0.13 -22.07
N ALA A 267 24.26 0.28 -21.90
CA ALA A 267 24.68 1.57 -22.44
C ALA A 267 24.49 1.59 -23.96
N GLN A 268 24.90 0.49 -24.62
CA GLN A 268 24.74 0.37 -26.06
C GLN A 268 23.29 0.56 -26.47
N ALA A 269 22.36 -0.07 -25.76
CA ALA A 269 20.94 0.07 -26.10
C ALA A 269 20.48 1.52 -25.96
N LEU A 270 20.99 2.24 -24.96
CA LEU A 270 20.58 3.62 -24.73
C LEU A 270 21.14 4.55 -25.80
N ARG A 271 22.38 4.32 -26.24
CA ARG A 271 22.95 5.11 -27.32
C ARG A 271 22.27 4.84 -28.65
N ASP A 272 21.88 3.59 -28.91
CA ASP A 272 21.30 3.19 -30.19
C ASP A 272 19.81 3.50 -30.28
N GLY A 273 19.14 3.77 -29.17
CA GLY A 273 17.70 3.94 -29.16
C GLY A 273 16.90 2.68 -29.44
N HIS A 274 17.54 1.53 -29.57
CA HIS A 274 16.86 0.27 -29.75
C HIS A 274 17.84 -0.84 -29.40
N ALA A 275 17.35 -2.07 -29.41
CA ALA A 275 18.24 -3.21 -29.24
C ALA A 275 17.52 -4.51 -29.48
N THR B 2 -34.40 23.27 -12.73
CA THR B 2 -34.47 21.96 -13.37
C THR B 2 -35.82 21.75 -14.06
N VAL B 3 -35.86 20.77 -14.96
CA VAL B 3 -36.99 20.55 -15.86
C VAL B 3 -38.11 19.73 -15.20
N ASN B 4 -37.75 18.76 -14.35
CA ASN B 4 -38.67 17.74 -13.88
C ASN B 4 -39.27 18.02 -12.49
N ALA B 5 -38.85 19.11 -11.85
CA ALA B 5 -39.37 19.51 -10.54
C ALA B 5 -38.91 20.94 -10.30
N LEU B 6 -39.45 21.55 -9.25
CA LEU B 6 -39.00 22.86 -8.81
C LEU B 6 -37.75 22.67 -7.94
N ALA B 7 -36.58 22.86 -8.52
CA ALA B 7 -35.34 22.52 -7.84
C ALA B 7 -35.16 23.37 -6.59
N LEU B 8 -34.43 22.84 -5.62
CA LEU B 8 -34.06 23.63 -4.46
C LEU B 8 -33.11 24.73 -4.91
N SER B 9 -33.32 25.94 -4.40
CA SER B 9 -32.35 27.00 -4.64
C SER B 9 -31.04 26.67 -3.95
N ALA B 10 -29.97 27.36 -4.40
CA ALA B 10 -28.67 27.20 -3.75
C ALA B 10 -28.78 27.47 -2.27
N ALA B 11 -29.64 28.42 -1.88
CA ALA B 11 -29.90 28.64 -0.47
C ALA B 11 -30.53 27.41 0.17
N GLU B 12 -31.51 26.81 -0.51
CA GLU B 12 -32.21 25.66 0.06
C GLU B 12 -31.30 24.44 0.16
N GLN B 13 -30.47 24.22 -0.87
CA GLN B 13 -29.48 23.13 -0.79
C GLN B 13 -28.59 23.29 0.42
N GLN B 14 -28.14 24.52 0.69
CA GLN B 14 -27.27 24.77 1.85
C GLN B 14 -28.00 24.44 3.14
N ASP B 15 -29.23 24.93 3.27
CA ASP B 15 -30.01 24.65 4.47
C ASP B 15 -30.24 23.15 4.66
N LEU B 16 -30.68 22.45 3.61
CA LEU B 16 -30.91 21.02 3.73
C LEU B 16 -29.62 20.29 4.15
N ASP B 17 -28.48 20.67 3.55
CA ASP B 17 -27.22 20.01 3.90
C ASP B 17 -26.88 20.25 5.36
N ALA B 18 -27.16 21.46 5.86
CA ALA B 18 -26.87 21.78 7.26
C ALA B 18 -27.76 20.99 8.20
N ARG B 19 -29.03 20.79 7.83
CA ARG B 19 -29.95 20.07 8.71
C ARG B 19 -29.66 18.58 8.73
N VAL B 20 -29.28 17.99 7.58
CA VAL B 20 -28.84 16.59 7.58
C VAL B 20 -27.67 16.42 8.56
N GLY B 21 -26.72 17.35 8.53
CA GLY B 21 -25.64 17.31 9.50
C GLY B 21 -26.13 17.33 10.94
N LYS B 22 -27.09 18.22 11.24
CA LYS B 22 -27.61 18.31 12.60
C LYS B 22 -28.39 17.06 13.01
N GLU B 23 -29.07 16.41 12.06
CA GLU B 23 -29.80 15.18 12.38
C GLU B 23 -28.86 14.05 12.78
N ILE B 24 -27.69 13.98 12.14
CA ILE B 24 -26.73 12.95 12.53
C ILE B 24 -26.07 13.31 13.86
N ASP B 25 -25.80 14.61 14.07
CA ASP B 25 -25.39 15.10 15.38
C ASP B 25 -26.36 14.65 16.47
N ALA B 26 -27.65 14.94 16.28
CA ALA B 26 -28.66 14.63 17.29
C ALA B 26 -28.86 13.14 17.49
N ALA B 27 -28.51 12.30 16.52
CA ALA B 27 -28.63 10.86 16.68
C ALA B 27 -27.56 10.27 17.60
N ARG B 28 -26.59 11.08 18.02
CA ARG B 28 -25.47 10.62 18.85
C ARG B 28 -24.62 9.61 18.07
N LEU B 29 -24.29 9.97 16.82
CA LEU B 29 -23.48 9.15 15.95
C LEU B 29 -22.06 9.66 15.80
N ARG B 30 -21.78 10.89 16.23
CA ARG B 30 -20.44 11.43 16.06
C ARG B 30 -19.43 10.69 16.95
N ARG B 31 -18.14 10.92 16.65
CA ARG B 31 -17.04 10.24 17.35
C ARG B 31 -17.16 10.36 18.86
N ALA B 32 -17.46 11.55 19.37
CA ALA B 32 -17.47 11.78 20.82
C ALA B 32 -18.76 11.34 21.50
N ASP B 33 -19.82 11.05 20.76
CA ASP B 33 -21.13 10.91 21.35
C ASP B 33 -21.68 9.50 21.39
N ASN B 34 -21.23 8.61 20.50
CA ASN B 34 -21.74 7.25 20.48
C ASN B 34 -20.93 6.38 21.43
N ALA B 35 -21.62 5.49 22.14
CA ALA B 35 -20.96 4.70 23.16
C ALA B 35 -19.90 3.77 22.57
N PHE B 36 -20.19 3.18 21.42
CA PHE B 36 -19.31 2.15 20.85
C PHE B 36 -17.90 2.68 20.62
N PHE B 37 -17.79 3.84 19.98
CA PHE B 37 -16.49 4.41 19.65
C PHE B 37 -15.63 4.60 20.91
N GLY B 38 -16.26 4.93 22.04
CA GLY B 38 -15.56 5.08 23.29
C GLY B 38 -15.19 3.76 23.93
N GLU B 39 -16.16 2.85 24.09
CA GLU B 39 -15.86 1.56 24.71
C GLU B 39 -14.72 0.85 24.00
N ALA B 40 -14.76 0.83 22.67
CA ALA B 40 -13.67 0.23 21.91
C ALA B 40 -12.35 0.96 22.16
N ARG B 41 -12.41 2.27 22.37
CA ARG B 41 -11.22 3.05 22.63
C ARG B 41 -10.66 2.74 24.02
N LYS B 42 -11.54 2.53 25.00
CA LYS B 42 -11.17 2.34 26.39
C LYS B 42 -11.11 0.87 26.81
N ALA B 43 -11.45 -0.06 25.92
CA ALA B 43 -11.46 -1.46 26.31
C ALA B 43 -10.05 -1.94 26.63
N GLU B 44 -9.87 -2.52 27.83
CA GLU B 44 -8.57 -3.08 28.17
C GLU B 44 -8.26 -4.28 27.29
N SER B 45 -9.09 -5.32 27.36
CA SER B 45 -9.07 -6.40 26.39
C SER B 45 -10.52 -6.76 26.08
N VAL B 46 -10.71 -7.73 25.20
CA VAL B 46 -12.02 -8.07 24.68
C VAL B 46 -12.14 -9.59 24.66
N THR B 47 -13.24 -10.11 25.19
CA THR B 47 -13.47 -11.55 25.12
C THR B 47 -13.76 -11.94 23.67
N PRO B 48 -13.38 -13.16 23.28
CA PRO B 48 -13.70 -13.59 21.92
C PRO B 48 -15.17 -13.81 21.70
N GLU B 49 -15.97 -13.92 22.77
CA GLU B 49 -17.42 -14.07 22.61
C GLU B 49 -18.08 -12.74 22.28
N ALA B 50 -17.65 -11.67 22.96
CA ALA B 50 -18.11 -10.33 22.64
C ALA B 50 -17.66 -9.89 21.25
N ALA B 51 -16.46 -10.30 20.84
CA ALA B 51 -15.94 -9.92 19.53
C ALA B 51 -16.61 -10.71 18.42
N LEU B 52 -16.99 -11.95 18.69
CA LEU B 52 -17.71 -12.74 17.72
C LEU B 52 -19.15 -12.25 17.54
N ALA B 53 -19.77 -11.77 18.62
CA ALA B 53 -21.14 -11.27 18.54
C ALA B 53 -21.20 -10.00 17.68
N ILE B 54 -20.27 -9.07 17.92
CA ILE B 54 -20.11 -7.90 17.08
C ILE B 54 -19.86 -8.31 15.62
N ALA B 55 -19.00 -9.31 15.40
CA ALA B 55 -18.74 -9.75 14.03
C ALA B 55 -19.98 -10.31 13.37
N HIS B 56 -20.84 -11.02 14.13
CA HIS B 56 -22.07 -11.54 13.56
C HIS B 56 -23.05 -10.41 13.24
N ARG B 57 -23.17 -9.44 14.13
CA ARG B 57 -24.09 -8.33 13.90
C ARG B 57 -23.63 -7.49 12.70
N TRP B 58 -22.32 -7.23 12.62
CA TRP B 58 -21.81 -6.43 11.50
C TRP B 58 -21.97 -7.16 10.17
N ARG B 59 -21.81 -8.49 10.19
CA ARG B 59 -22.03 -9.28 8.99
C ARG B 59 -23.44 -9.03 8.43
N ALA B 60 -24.45 -9.14 9.29
CA ALA B 60 -25.81 -8.91 8.83
C ALA B 60 -26.03 -7.47 8.39
N MET B 61 -25.52 -6.50 9.16
CA MET B 61 -25.79 -5.09 8.87
C MET B 61 -25.13 -4.63 7.58
N THR B 62 -23.89 -5.07 7.32
CA THR B 62 -23.17 -4.62 6.15
C THR B 62 -23.64 -5.36 4.90
N LYS B 63 -24.04 -6.62 5.03
CA LYS B 63 -24.61 -7.33 3.88
C LYS B 63 -25.93 -6.70 3.46
N ALA B 64 -26.78 -6.35 4.43
CA ALA B 64 -28.04 -5.71 4.15
C ALA B 64 -27.82 -4.32 3.57
N PHE B 65 -26.92 -3.55 4.19
CA PHE B 65 -26.56 -2.24 3.65
C PHE B 65 -26.26 -2.34 2.17
N MET B 66 -25.40 -3.28 1.77
CA MET B 66 -24.94 -3.30 0.39
C MET B 66 -26.07 -3.67 -0.54
N PHE B 67 -26.78 -4.77 -0.26
CA PHE B 67 -27.83 -5.19 -1.18
C PHE B 67 -29.02 -4.22 -1.17
N THR B 68 -29.38 -3.66 -0.01
CA THR B 68 -30.54 -2.75 -0.08
C THR B 68 -30.16 -1.40 -0.68
N THR B 69 -28.90 -0.97 -0.57
CA THR B 69 -28.48 0.22 -1.30
C THR B 69 -28.48 -0.04 -2.80
N LEU B 70 -28.02 -1.22 -3.24
CA LEU B 70 -28.11 -1.56 -4.66
C LEU B 70 -29.55 -1.59 -5.16
N SER B 71 -30.46 -2.16 -4.37
CA SER B 71 -31.88 -2.12 -4.75
C SER B 71 -32.36 -0.68 -4.88
N GLY B 72 -31.96 0.19 -3.96
CA GLY B 72 -32.35 1.59 -4.06
C GLY B 72 -31.79 2.29 -5.29
N LEU B 73 -30.59 1.88 -5.72
CA LEU B 73 -30.02 2.37 -6.98
C LEU B 73 -30.91 2.02 -8.16
N GLY B 74 -31.44 0.79 -8.17
CA GLY B 74 -32.33 0.37 -9.24
C GLY B 74 -33.69 1.06 -9.23
N VAL B 75 -34.21 1.37 -8.05
CA VAL B 75 -35.45 2.13 -7.96
C VAL B 75 -35.26 3.54 -8.52
N MET B 76 -34.16 4.22 -8.16
CA MET B 76 -33.83 5.50 -8.78
C MET B 76 -33.75 5.39 -10.29
N ALA B 77 -33.02 4.38 -10.79
CA ALA B 77 -32.88 4.21 -12.22
C ALA B 77 -34.25 4.07 -12.90
N ARG B 78 -35.14 3.31 -12.29
CA ARG B 78 -36.44 3.13 -12.93
C ARG B 78 -37.24 4.43 -12.93
N ARG B 79 -37.10 5.26 -11.89
CA ARG B 79 -37.72 6.58 -11.90
C ARG B 79 -37.12 7.48 -12.99
N PHE B 80 -35.79 7.46 -13.15
CA PHE B 80 -35.17 8.28 -14.18
C PHE B 80 -35.65 7.85 -15.55
N GLN B 81 -35.84 6.54 -15.74
CA GLN B 81 -36.25 6.08 -17.05
C GLN B 81 -37.65 6.58 -17.39
N GLY B 82 -38.49 6.83 -16.38
CA GLY B 82 -39.77 7.44 -16.66
C GLY B 82 -39.74 8.91 -17.02
N GLN B 83 -38.59 9.58 -16.95
CA GLN B 83 -38.47 10.98 -17.34
C GLN B 83 -37.91 11.06 -18.76
N ASP B 84 -38.39 12.02 -19.54
CA ASP B 84 -37.88 12.21 -20.90
C ASP B 84 -36.40 12.56 -20.88
N ALA B 85 -36.01 13.43 -19.95
CA ALA B 85 -34.64 13.96 -19.90
C ALA B 85 -34.29 14.25 -18.46
N PRO B 86 -33.82 13.24 -17.73
CA PRO B 86 -33.42 13.46 -16.34
C PRO B 86 -32.45 14.64 -16.22
N ASP B 87 -32.63 15.44 -15.16
CA ASP B 87 -31.74 16.59 -14.95
C ASP B 87 -30.32 16.14 -14.62
N HIS B 88 -29.33 16.69 -15.33
CA HIS B 88 -27.94 16.30 -15.13
C HIS B 88 -27.47 16.54 -13.69
N GLU B 89 -28.06 17.52 -12.98
CA GLU B 89 -27.69 17.74 -11.57
C GLU B 89 -28.02 16.52 -10.70
N LEU B 90 -29.15 15.87 -10.99
CA LEU B 90 -29.47 14.62 -10.27
C LEU B 90 -28.60 13.46 -10.76
N LEU B 91 -28.31 13.40 -12.07
CA LEU B 91 -27.54 12.28 -12.59
C LEU B 91 -26.11 12.29 -12.04
N ALA B 92 -25.57 13.46 -11.73
CA ALA B 92 -24.24 13.55 -11.14
C ALA B 92 -24.18 12.90 -9.76
N ALA B 93 -25.17 13.16 -8.90
CA ALA B 93 -25.19 12.47 -7.61
C ALA B 93 -25.48 10.97 -7.79
N PHE B 94 -26.27 10.62 -8.81
CA PHE B 94 -26.58 9.21 -9.11
C PHE B 94 -25.30 8.45 -9.47
N GLN B 95 -24.44 9.05 -10.29
CA GLN B 95 -23.12 8.46 -10.55
C GLN B 95 -22.36 8.21 -9.26
N THR B 96 -22.48 9.13 -8.29
CA THR B 96 -21.76 8.94 -7.02
C THR B 96 -22.29 7.72 -6.27
N VAL B 97 -23.63 7.52 -6.25
CA VAL B 97 -24.18 6.32 -5.64
C VAL B 97 -23.53 5.09 -6.25
N TYR B 98 -23.51 5.03 -7.60
CA TYR B 98 -22.95 3.86 -8.28
C TYR B 98 -21.50 3.64 -7.87
N GLN B 99 -20.70 4.72 -7.86
CA GLN B 99 -19.27 4.62 -7.55
C GLN B 99 -19.05 4.14 -6.12
N VAL B 100 -19.74 4.74 -5.16
CA VAL B 100 -19.49 4.44 -3.76
C VAL B 100 -19.88 3.00 -3.44
N ILE B 101 -21.11 2.61 -3.77
CA ILE B 101 -21.51 1.27 -3.39
C ILE B 101 -20.76 0.23 -4.23
N GLY B 102 -20.19 0.66 -5.36
CA GLY B 102 -19.34 -0.22 -6.13
C GLY B 102 -18.14 -0.76 -5.36
N ASP B 103 -17.67 -0.03 -4.34
CA ASP B 103 -16.49 -0.53 -3.64
C ASP B 103 -16.81 -1.77 -2.82
N ASP B 104 -17.95 -1.78 -2.15
CA ASP B 104 -18.37 -2.95 -1.38
C ASP B 104 -18.65 -4.14 -2.28
N LEU B 105 -19.04 -3.91 -3.53
CA LEU B 105 -19.34 -5.05 -4.38
C LEU B 105 -18.13 -5.50 -5.19
N ASP B 106 -17.21 -4.58 -5.52
CA ASP B 106 -16.18 -4.94 -6.47
C ASP B 106 -14.82 -4.29 -6.22
N ASN B 107 -14.63 -3.57 -5.13
CA ASN B 107 -13.31 -3.07 -4.74
C ASN B 107 -12.63 -2.25 -5.85
N ALA B 108 -13.39 -1.34 -6.47
CA ALA B 108 -12.83 -0.54 -7.55
C ALA B 108 -11.82 0.49 -7.04
N ALA B 109 -12.12 1.13 -5.91
CA ALA B 109 -11.29 2.24 -5.44
C ALA B 109 -9.87 1.77 -5.18
N PRO B 110 -8.86 2.61 -5.48
CA PRO B 110 -7.46 2.23 -5.24
C PRO B 110 -7.19 1.70 -3.84
N ALA B 111 -7.92 2.17 -2.82
CA ALA B 111 -7.67 1.66 -1.47
C ALA B 111 -8.00 0.18 -1.31
N PHE B 112 -8.85 -0.38 -2.20
CA PHE B 112 -9.34 -1.74 -2.06
C PHE B 112 -8.75 -2.71 -3.07
N ARG B 113 -8.52 -2.26 -4.30
CA ARG B 113 -8.18 -3.21 -5.35
C ARG B 113 -6.79 -3.82 -5.16
N GLU B 114 -5.93 -3.24 -4.34
CA GLU B 114 -4.61 -3.81 -4.12
C GLU B 114 -4.57 -4.82 -2.99
N VAL B 115 -5.58 -4.83 -2.11
CA VAL B 115 -5.54 -5.67 -0.93
C VAL B 115 -6.70 -6.66 -0.92
N ALA B 116 -7.84 -6.29 -1.55
CA ALA B 116 -9.00 -7.15 -1.41
C ALA B 116 -8.87 -8.40 -2.27
N PRO B 117 -9.38 -9.53 -1.79
CA PRO B 117 -9.47 -10.71 -2.65
C PRO B 117 -10.24 -10.40 -3.92
N ARG B 118 -9.87 -11.09 -5.00
CA ARG B 118 -10.54 -10.97 -6.28
C ARG B 118 -11.83 -11.79 -6.27
N GLY B 119 -12.78 -11.38 -7.12
CA GLY B 119 -14.03 -12.09 -7.27
C GLY B 119 -14.91 -11.98 -6.03
N PRO B 120 -15.86 -12.91 -5.88
CA PRO B 120 -16.85 -12.77 -4.81
C PRO B 120 -16.26 -12.82 -3.41
N ALA B 121 -15.07 -13.43 -3.23
CA ALA B 121 -14.41 -13.39 -1.92
C ALA B 121 -14.07 -11.97 -1.49
N GLY B 122 -14.04 -11.01 -2.42
CA GLY B 122 -13.75 -9.63 -2.08
C GLY B 122 -14.94 -8.77 -1.70
N ILE B 123 -16.18 -9.24 -1.99
CA ILE B 123 -17.38 -8.54 -1.54
C ILE B 123 -17.30 -8.36 -0.04
N HIS B 124 -17.59 -7.15 0.41
CA HIS B 124 -17.15 -6.75 1.74
C HIS B 124 -17.79 -7.56 2.86
N TYR B 125 -19.04 -7.97 2.74
CA TYR B 125 -19.56 -8.84 3.81
C TYR B 125 -18.95 -10.23 3.73
N VAL B 126 -18.60 -10.71 2.53
CA VAL B 126 -17.93 -12.01 2.43
C VAL B 126 -16.48 -11.91 2.93
N TRP B 127 -15.75 -10.89 2.46
CA TRP B 127 -14.41 -10.62 2.97
C TRP B 127 -14.39 -10.51 4.50
N TRP B 128 -15.41 -9.87 5.10
CA TRP B 128 -15.52 -9.79 6.55
C TRP B 128 -15.74 -11.18 7.16
N GLU B 129 -16.65 -11.97 6.59
CA GLU B 129 -16.89 -13.33 7.05
C GLU B 129 -15.59 -14.14 7.13
N ASP B 130 -14.75 -14.01 6.11
CA ASP B 130 -13.59 -14.89 5.97
C ASP B 130 -12.44 -14.47 6.86
N THR B 131 -12.19 -13.18 6.99
CA THR B 131 -10.94 -12.71 7.57
C THR B 131 -11.09 -12.13 8.97
N VAL B 132 -12.31 -11.86 9.42
CA VAL B 132 -12.54 -11.40 10.78
C VAL B 132 -13.39 -12.40 11.57
N LEU B 133 -14.56 -12.75 11.04
CA LEU B 133 -15.52 -13.55 11.81
C LEU B 133 -15.01 -14.97 12.03
N LYS B 134 -14.69 -15.68 10.95
CA LYS B 134 -14.27 -17.08 11.11
C LYS B 134 -13.03 -17.22 11.97
N PRO B 135 -11.92 -16.51 11.72
CA PRO B 135 -10.79 -16.59 12.67
C PRO B 135 -11.20 -16.38 14.13
N VAL B 136 -12.06 -15.40 14.42
CA VAL B 136 -12.51 -15.18 15.80
C VAL B 136 -13.37 -16.35 16.28
N ALA B 137 -14.21 -16.91 15.41
CA ALA B 137 -15.12 -17.96 15.82
C ALA B 137 -14.40 -19.25 16.20
N ALA B 138 -13.13 -19.41 15.77
CA ALA B 138 -12.40 -20.64 16.05
C ALA B 138 -11.97 -20.74 17.50
N HIS B 139 -11.89 -19.61 18.22
CA HIS B 139 -11.62 -19.57 19.66
C HIS B 139 -12.89 -19.48 20.49
N VAL B 140 -14.01 -19.99 19.99
CA VAL B 140 -15.30 -19.95 20.70
C VAL B 140 -15.96 -21.30 20.55
N ALA B 141 -16.49 -21.83 21.66
CA ALA B 141 -17.11 -23.15 21.66
C ALA B 141 -18.53 -23.08 21.11
N GLU B 142 -18.95 -24.21 20.51
CA GLU B 142 -20.15 -24.24 19.67
C GLU B 142 -21.37 -23.63 20.36
N GLU B 143 -21.56 -23.94 21.64
CA GLU B 143 -22.72 -23.42 22.36
C GLU B 143 -22.73 -21.89 22.32
N ASP B 144 -21.62 -21.27 22.70
CA ASP B 144 -21.57 -19.80 22.72
C ASP B 144 -21.63 -19.21 21.30
N ARG B 145 -21.32 -20.00 20.27
CA ARG B 145 -21.40 -19.50 18.90
C ARG B 145 -22.82 -19.07 18.56
N GLN B 146 -23.79 -19.97 18.77
CA GLN B 146 -25.17 -19.65 18.46
C GLN B 146 -25.67 -18.48 19.29
N SER B 147 -25.24 -18.40 20.55
CA SER B 147 -25.64 -17.26 21.39
C SER B 147 -25.02 -15.96 20.88
N ALA B 148 -23.80 -16.01 20.34
CA ALA B 148 -23.20 -14.82 19.77
C ALA B 148 -23.87 -14.39 18.48
N ALA B 149 -24.53 -15.31 17.78
CA ALA B 149 -25.19 -15.09 16.50
C ALA B 149 -26.63 -14.58 16.63
N VAL B 150 -27.11 -14.31 17.83
CA VAL B 150 -28.49 -13.87 18.02
C VAL B 150 -28.51 -12.34 17.95
N LEU B 151 -29.18 -11.81 16.93
CA LEU B 151 -29.15 -10.39 16.72
C LEU B 151 -30.04 -9.68 17.74
N PRO B 152 -29.54 -8.68 18.45
CA PRO B 152 -30.40 -7.86 19.30
C PRO B 152 -31.55 -7.25 18.52
N ARG B 153 -32.59 -6.80 19.25
CA ARG B 153 -33.75 -6.26 18.57
C ARG B 153 -33.43 -4.93 17.89
N ALA B 154 -32.51 -4.16 18.46
CA ALA B 154 -32.10 -2.89 17.87
C ALA B 154 -31.39 -3.09 16.54
N VAL B 155 -30.85 -4.30 16.31
CA VAL B 155 -30.13 -4.62 15.08
C VAL B 155 -31.10 -5.07 13.99
N THR B 156 -32.03 -5.97 14.34
CA THR B 156 -33.05 -6.39 13.38
C THR B 156 -33.98 -5.24 13.00
N GLY B 157 -34.18 -4.29 13.90
CA GLY B 157 -34.93 -3.09 13.54
C GLY B 157 -34.19 -2.25 12.50
N LEU B 158 -32.87 -2.10 12.65
CA LEU B 158 -32.09 -1.46 11.60
C LEU B 158 -32.21 -2.22 10.29
N LEU B 159 -32.12 -3.56 10.35
CA LEU B 159 -32.27 -4.38 9.14
C LEU B 159 -33.63 -4.18 8.47
N ASP B 160 -34.70 -3.99 9.27
CA ASP B 160 -36.03 -3.79 8.70
C ASP B 160 -36.14 -2.40 8.09
N SER B 161 -35.54 -1.41 8.75
CA SER B 161 -35.44 -0.08 8.16
C SER B 161 -34.67 -0.10 6.84
N MET B 162 -33.60 -0.90 6.75
CA MET B 162 -32.89 -1.00 5.47
C MET B 162 -33.77 -1.62 4.38
N ASP B 163 -34.58 -2.62 4.75
CA ASP B 163 -35.48 -3.26 3.78
C ASP B 163 -36.55 -2.29 3.27
N ARG B 164 -37.01 -1.37 4.10
CA ARG B 164 -37.95 -0.37 3.61
C ARG B 164 -37.27 0.60 2.66
N LEU B 165 -36.07 1.07 3.01
CA LEU B 165 -35.33 1.98 2.13
C LEU B 165 -34.93 1.32 0.81
N ALA B 166 -34.94 -0.01 0.76
CA ALA B 166 -34.62 -0.73 -0.47
C ALA B 166 -35.56 -0.38 -1.61
N THR B 167 -36.79 0.06 -1.32
CA THR B 167 -37.72 0.46 -2.38
C THR B 167 -38.12 1.93 -2.30
N HIS B 168 -37.47 2.69 -1.50
CA HIS B 168 -37.77 4.12 -1.41
C HIS B 168 -36.98 4.88 -2.48
N PRO B 169 -37.57 5.82 -3.22
CA PRO B 169 -36.83 6.50 -4.31
C PRO B 169 -35.66 7.37 -3.84
N LEU B 170 -35.52 7.65 -2.55
CA LEU B 170 -34.33 8.30 -1.99
C LEU B 170 -33.56 7.39 -1.05
N GLY B 171 -33.93 6.11 -0.98
CA GLY B 171 -33.39 5.23 0.06
C GLY B 171 -31.89 5.05 -0.03
N ALA B 172 -31.39 4.78 -1.25
CA ALA B 172 -29.96 4.63 -1.44
C ALA B 172 -29.22 5.90 -1.03
N ALA B 173 -29.81 7.08 -1.32
CA ALA B 173 -29.16 8.33 -0.95
C ALA B 173 -29.19 8.55 0.56
N VAL B 174 -30.28 8.15 1.21
CA VAL B 174 -30.34 8.20 2.68
C VAL B 174 -29.28 7.29 3.29
N GLN B 175 -29.18 6.06 2.80
CA GLN B 175 -28.26 5.12 3.43
C GLN B 175 -26.81 5.58 3.28
N LEU B 176 -26.41 5.95 2.06
CA LEU B 176 -25.01 6.32 1.84
C LEU B 176 -24.66 7.59 2.61
N ARG B 177 -25.60 8.54 2.71
CA ARG B 177 -25.33 9.78 3.40
C ARG B 177 -24.98 9.52 4.86
N VAL B 178 -25.74 8.65 5.52
CA VAL B 178 -25.50 8.39 6.93
C VAL B 178 -24.30 7.46 7.13
N VAL B 179 -24.32 6.31 6.45
CA VAL B 179 -23.32 5.27 6.70
C VAL B 179 -21.92 5.74 6.33
N GLU B 180 -21.77 6.39 5.16
CA GLU B 180 -20.42 6.78 4.77
C GLU B 180 -19.87 7.88 5.68
N ASP B 181 -20.76 8.62 6.37
CA ASP B 181 -20.34 9.67 7.30
C ASP B 181 -19.82 9.10 8.62
N ILE B 182 -20.36 7.97 9.09
CA ILE B 182 -19.89 7.36 10.32
C ILE B 182 -18.92 6.20 10.10
N ALA B 183 -18.65 5.83 8.83
CA ALA B 183 -17.92 4.59 8.57
C ALA B 183 -16.49 4.64 9.11
N LEU B 184 -15.81 5.79 8.99
CA LEU B 184 -14.45 5.87 9.49
C LEU B 184 -14.39 5.54 10.97
N ASP B 185 -15.25 6.17 11.77
CA ASP B 185 -15.25 5.95 13.22
C ASP B 185 -15.60 4.49 13.58
N ILE B 186 -16.45 3.84 12.79
CA ILE B 186 -16.74 2.43 13.00
C ILE B 186 -15.52 1.58 12.68
N ALA B 187 -14.90 1.82 11.52
CA ALA B 187 -13.71 1.06 11.14
C ALA B 187 -12.60 1.22 12.18
N VAL B 188 -12.40 2.44 12.69
CA VAL B 188 -11.40 2.68 13.73
C VAL B 188 -11.78 1.94 15.02
N GLY B 189 -13.06 1.91 15.35
CA GLY B 189 -13.51 1.09 16.47
C GLY B 189 -13.17 -0.37 16.29
N PHE B 190 -13.37 -0.90 15.08
CA PHE B 190 -13.04 -2.30 14.81
C PHE B 190 -11.53 -2.56 14.92
N ARG B 191 -10.72 -1.64 14.38
CA ARG B 191 -9.27 -1.82 14.38
C ARG B 191 -8.75 -1.94 15.81
N ARG B 192 -9.32 -1.12 16.71
CA ARG B 192 -8.94 -1.15 18.12
C ARG B 192 -9.39 -2.44 18.79
N LEU B 193 -10.69 -2.71 18.78
CA LEU B 193 -11.19 -3.84 19.56
C LEU B 193 -10.67 -5.17 19.05
N TYR B 194 -10.56 -5.35 17.72
CA TYR B 194 -10.17 -6.67 17.23
C TYR B 194 -8.68 -6.96 17.42
N ALA B 195 -7.88 -5.95 17.71
CA ALA B 195 -6.48 -6.15 18.05
C ALA B 195 -6.29 -6.38 19.54
N LYS B 196 -7.38 -6.49 20.29
CA LYS B 196 -7.32 -6.61 21.74
C LYS B 196 -8.13 -7.80 22.23
N VAL B 197 -8.24 -8.85 21.41
CA VAL B 197 -8.98 -10.06 21.78
C VAL B 197 -8.03 -11.00 22.52
N GLU B 198 -8.40 -11.37 23.76
CA GLU B 198 -7.54 -12.22 24.59
C GLU B 198 -7.93 -13.68 24.36
N VAL B 199 -7.03 -14.44 23.77
CA VAL B 199 -7.26 -15.85 23.50
C VAL B 199 -6.15 -16.62 24.19
N PRO B 200 -6.46 -17.37 25.25
CA PRO B 200 -5.41 -17.89 26.13
C PRO B 200 -4.42 -18.77 25.35
N GLY B 201 -3.16 -18.36 25.37
CA GLY B 201 -2.12 -19.10 24.70
C GLY B 201 -1.61 -18.46 23.43
N THR B 202 -2.51 -18.00 22.58
CA THR B 202 -2.14 -17.52 21.26
C THR B 202 -2.56 -16.07 21.09
N THR B 203 -2.19 -15.50 19.95
CA THR B 203 -2.60 -14.15 19.57
C THR B 203 -3.47 -14.23 18.32
N LEU B 204 -4.46 -13.33 18.23
CA LEU B 204 -5.51 -13.50 17.23
C LEU B 204 -5.14 -12.88 15.88
N PHE B 205 -4.86 -11.58 15.85
CA PHE B 205 -4.59 -10.94 14.56
C PHE B 205 -3.17 -10.38 14.52
N ALA B 206 -2.19 -11.24 14.79
CA ALA B 206 -0.80 -10.81 14.82
C ALA B 206 -0.17 -10.66 13.43
N GLY B 207 -0.68 -11.40 12.44
CA GLY B 207 -0.13 -11.27 11.10
C GLY B 207 -0.29 -9.87 10.55
N ARG B 208 0.60 -9.52 9.62
CA ARG B 208 0.71 -8.14 9.13
C ARG B 208 -0.58 -7.68 8.45
N ASP B 209 -1.07 -8.45 7.48
CA ASP B 209 -2.27 -8.12 6.72
C ASP B 209 -3.51 -8.84 7.27
N ASP B 210 -3.55 -9.12 8.57
CA ASP B 210 -4.63 -9.93 9.11
C ASP B 210 -5.93 -9.14 9.28
N LEU B 211 -5.85 -7.83 9.54
CA LEU B 211 -7.02 -6.97 9.58
C LEU B 211 -7.07 -6.06 8.34
N ALA B 212 -6.69 -6.62 7.18
CA ALA B 212 -6.64 -5.83 5.95
C ALA B 212 -8.00 -5.27 5.57
N TRP B 213 -9.08 -6.02 5.83
CA TRP B 213 -10.43 -5.50 5.67
C TRP B 213 -10.59 -4.16 6.39
N VAL B 214 -10.10 -4.09 7.64
CA VAL B 214 -10.27 -2.87 8.43
C VAL B 214 -9.28 -1.80 8.03
N ASP B 215 -8.05 -2.18 7.69
CA ASP B 215 -7.04 -1.18 7.34
C ASP B 215 -7.39 -0.46 6.04
N SER B 216 -7.94 -1.19 5.06
CA SER B 216 -8.29 -0.55 3.79
C SER B 216 -9.52 0.35 3.93
N HIS B 217 -10.50 -0.04 4.74
CA HIS B 217 -11.63 0.86 4.97
C HIS B 217 -11.17 2.14 5.64
N ILE B 218 -10.25 2.05 6.60
CA ILE B 218 -9.75 3.24 7.26
C ILE B 218 -9.12 4.19 6.25
N LYS B 219 -8.42 3.65 5.24
CA LYS B 219 -7.83 4.49 4.19
C LYS B 219 -8.90 5.12 3.32
N ALA B 220 -9.90 4.34 2.93
CA ALA B 220 -10.87 4.84 1.97
C ALA B 220 -11.91 5.77 2.59
N GLU B 221 -12.16 5.69 3.91
CA GLU B 221 -13.41 6.21 4.45
C GLU B 221 -13.49 7.73 4.50
N THR B 222 -12.38 8.43 4.70
CA THR B 222 -12.48 9.89 4.68
C THR B 222 -12.83 10.39 3.28
N MET B 223 -12.34 9.71 2.24
CA MET B 223 -12.71 10.08 0.88
C MET B 223 -14.19 9.81 0.60
N HIS B 224 -14.70 8.65 1.01
CA HIS B 224 -16.14 8.38 0.86
C HIS B 224 -16.99 9.39 1.63
N ALA B 225 -16.55 9.78 2.83
CA ALA B 225 -17.31 10.77 3.57
C ALA B 225 -17.41 12.09 2.81
N ALA B 226 -16.34 12.47 2.10
CA ALA B 226 -16.40 13.68 1.29
C ALA B 226 -17.30 13.48 0.07
N GLN B 227 -17.29 12.29 -0.51
CA GLN B 227 -18.11 12.06 -1.71
C GLN B 227 -19.60 12.19 -1.41
N VAL B 228 -20.07 11.59 -0.31
CA VAL B 228 -21.52 11.60 -0.06
C VAL B 228 -22.02 12.96 0.39
N SER B 229 -21.15 13.84 0.85
CA SER B 229 -21.61 15.14 1.33
C SER B 229 -21.22 16.29 0.40
N ASP B 230 -20.61 15.97 -0.73
CA ASP B 230 -20.21 16.98 -1.71
C ASP B 230 -21.40 17.83 -2.15
N GLU B 231 -21.21 19.15 -2.22
CA GLU B 231 -22.40 19.98 -2.44
C GLU B 231 -22.93 19.89 -3.86
N ASP B 232 -22.15 19.39 -4.82
CA ASP B 232 -22.59 19.22 -6.20
C ASP B 232 -22.85 17.78 -6.60
N THR B 233 -22.15 16.82 -6.01
CA THR B 233 -22.31 15.43 -6.42
C THR B 233 -22.68 14.53 -5.26
N GLY B 234 -23.03 15.10 -4.09
CA GLY B 234 -23.38 14.31 -2.93
C GLY B 234 -24.85 13.88 -2.88
N MET B 235 -25.18 13.09 -1.85
CA MET B 235 -26.49 12.42 -1.77
C MET B 235 -27.65 13.41 -1.72
N THR B 236 -27.49 14.55 -1.05
CA THR B 236 -28.59 15.51 -1.01
C THR B 236 -28.87 16.14 -2.37
N ARG B 237 -27.99 15.95 -3.38
CA ARG B 237 -28.31 16.45 -4.70
C ARG B 237 -29.20 15.51 -5.50
N LEU B 238 -29.57 14.34 -4.93
CA LEU B 238 -30.68 13.54 -5.46
C LEU B 238 -32.05 14.04 -5.00
N VAL B 239 -32.11 14.95 -4.03
CA VAL B 239 -33.38 15.54 -3.61
C VAL B 239 -33.82 16.56 -4.66
N ALA B 240 -34.98 16.33 -5.28
CA ALA B 240 -35.40 17.15 -6.42
C ALA B 240 -36.21 18.40 -6.05
N ASP B 241 -36.88 18.42 -4.90
CA ASP B 241 -37.72 19.58 -4.56
C ASP B 241 -37.94 19.63 -3.05
N ARG B 242 -38.72 20.62 -2.62
CA ARG B 242 -38.89 20.87 -1.19
C ARG B 242 -39.57 19.69 -0.50
N GLU B 243 -40.58 19.11 -1.14
CA GLU B 243 -41.25 17.94 -0.58
C GLU B 243 -40.27 16.80 -0.34
N GLN B 244 -39.55 16.39 -1.38
CA GLN B 244 -38.53 15.37 -1.19
C GLN B 244 -37.50 15.76 -0.13
N ALA B 245 -37.21 17.05 0.01
CA ALA B 245 -36.23 17.48 1.01
C ALA B 245 -36.73 17.16 2.40
N GLU B 246 -38.03 17.33 2.63
CA GLU B 246 -38.61 17.00 3.93
C GLU B 246 -38.68 15.49 4.13
N GLU B 247 -38.97 14.75 3.06
CA GLU B 247 -38.97 13.29 3.12
C GLU B 247 -37.56 12.77 3.38
N PHE B 248 -36.57 13.36 2.72
CA PHE B 248 -35.19 12.97 2.96
C PHE B 248 -34.81 13.16 4.43
N LEU B 249 -35.12 14.34 5.00
CA LEU B 249 -34.75 14.64 6.38
C LEU B 249 -35.41 13.70 7.37
N THR B 250 -36.69 13.39 7.15
CA THR B 250 -37.37 12.51 8.09
C THR B 250 -36.86 11.07 7.99
N ALA B 251 -36.53 10.61 6.78
CA ALA B 251 -35.97 9.27 6.66
C ALA B 251 -34.56 9.20 7.26
N VAL B 252 -33.79 10.28 7.15
CA VAL B 252 -32.47 10.36 7.78
C VAL B 252 -32.60 10.26 9.30
N ARG B 253 -33.57 10.99 9.88
CA ARG B 253 -33.77 10.95 11.32
C ARG B 253 -34.06 9.53 11.80
N GLU B 254 -35.02 8.86 11.16
CA GLU B 254 -35.36 7.50 11.59
C GLU B 254 -34.23 6.51 11.32
N TYR B 255 -33.45 6.74 10.28
CA TYR B 255 -32.39 5.80 9.92
C TYR B 255 -31.19 5.98 10.83
N ALA B 256 -30.77 7.23 11.06
CA ALA B 256 -29.65 7.45 11.97
C ALA B 256 -29.97 6.95 13.37
N ALA B 257 -31.24 7.05 13.78
CA ALA B 257 -31.61 6.54 15.11
C ALA B 257 -31.50 5.02 15.16
N HIS B 258 -31.92 4.32 14.10
CA HIS B 258 -31.76 2.87 14.04
C HIS B 258 -30.28 2.47 14.06
N TRP B 259 -29.40 3.28 13.49
CA TRP B 259 -27.96 2.98 13.48
C TRP B 259 -27.33 3.25 14.84
N SER B 260 -27.72 4.36 15.49
CA SER B 260 -27.21 4.66 16.82
C SER B 260 -27.59 3.55 17.81
N ALA B 261 -28.82 3.05 17.71
CA ALA B 261 -29.27 1.94 18.55
C ALA B 261 -28.42 0.69 18.30
N ALA B 262 -28.30 0.28 17.03
CA ALA B 262 -27.52 -0.92 16.71
C ALA B 262 -26.09 -0.80 17.21
N LEU B 263 -25.45 0.36 17.03
CA LEU B 263 -24.10 0.52 17.54
C LEU B 263 -24.05 0.59 19.07
N GLU B 264 -25.18 0.91 19.72
CA GLU B 264 -25.24 0.88 21.18
C GLU B 264 -25.13 -0.55 21.72
N THR B 265 -25.65 -1.54 20.99
CA THR B 265 -25.49 -2.92 21.41
C THR B 265 -24.04 -3.39 21.31
N TYR B 266 -23.25 -2.85 20.38
CA TYR B 266 -21.84 -3.22 20.32
C TYR B 266 -21.12 -2.77 21.58
N ALA B 267 -21.43 -1.55 22.05
CA ALA B 267 -20.88 -1.07 23.31
C ALA B 267 -21.34 -1.96 24.45
N GLN B 268 -22.59 -2.42 24.38
CA GLN B 268 -23.10 -3.35 25.39
C GLN B 268 -22.25 -4.63 25.41
N ALA B 269 -22.01 -5.22 24.24
CA ALA B 269 -21.27 -6.47 24.18
C ALA B 269 -19.82 -6.30 24.65
N LEU B 270 -19.21 -5.15 24.39
CA LEU B 270 -17.88 -4.90 24.91
C LEU B 270 -17.88 -4.92 26.44
N ARG B 271 -18.84 -4.22 27.05
CA ARG B 271 -18.89 -4.12 28.52
C ARG B 271 -19.25 -5.45 29.16
N ASP B 272 -20.17 -6.22 28.55
CA ASP B 272 -20.63 -7.47 29.16
C ASP B 272 -19.63 -8.60 28.96
N GLY B 273 -18.99 -8.67 27.80
CA GLY B 273 -18.10 -9.77 27.47
C GLY B 273 -18.75 -10.91 26.72
N HIS B 274 -20.00 -10.76 26.31
CA HIS B 274 -20.71 -11.77 25.53
C HIS B 274 -21.94 -11.09 24.92
N ALA B 275 -22.62 -11.82 24.03
CA ALA B 275 -23.87 -11.32 23.45
C ALA B 275 -24.93 -11.09 24.53
N ALA C 7 -1.27 29.41 31.67
CA ALA C 7 -1.92 28.64 30.60
C ALA C 7 -3.35 29.15 30.35
N LEU C 8 -4.13 28.33 29.63
CA LEU C 8 -5.53 28.61 29.35
C LEU C 8 -6.41 27.59 30.04
N SER C 9 -7.31 28.06 30.90
CA SER C 9 -8.32 27.19 31.47
C SER C 9 -9.23 26.65 30.36
N ALA C 10 -10.02 25.63 30.72
CA ALA C 10 -10.91 25.00 29.76
C ALA C 10 -11.87 26.00 29.14
N ALA C 11 -12.39 26.94 29.93
CA ALA C 11 -13.34 27.92 29.40
C ALA C 11 -12.65 28.89 28.45
N GLU C 12 -11.44 29.34 28.80
CA GLU C 12 -10.67 30.20 27.90
C GLU C 12 -10.44 29.53 26.55
N GLN C 13 -10.23 28.22 26.54
CA GLN C 13 -9.98 27.51 25.29
C GLN C 13 -11.19 27.58 24.38
N GLN C 14 -12.34 27.08 24.84
CA GLN C 14 -13.54 27.15 24.02
C GLN C 14 -13.95 28.58 23.73
N ASP C 15 -13.56 29.54 24.59
CA ASP C 15 -13.82 30.94 24.28
C ASP C 15 -12.94 31.43 23.14
N LEU C 16 -11.65 31.06 23.16
CA LEU C 16 -10.77 31.39 22.05
C LEU C 16 -11.23 30.73 20.77
N ASP C 17 -11.56 29.44 20.84
CA ASP C 17 -12.01 28.70 19.66
C ASP C 17 -13.30 29.30 19.09
N ALA C 18 -14.22 29.70 19.96
CA ALA C 18 -15.45 30.34 19.49
C ALA C 18 -15.12 31.64 18.76
N ARG C 19 -14.17 32.42 19.28
CA ARG C 19 -13.90 33.74 18.72
C ARG C 19 -13.14 33.67 17.40
N VAL C 20 -12.29 32.67 17.23
CA VAL C 20 -11.62 32.46 15.95
C VAL C 20 -12.66 32.24 14.85
N GLY C 21 -13.62 31.34 15.10
CA GLY C 21 -14.68 31.12 14.13
C GLY C 21 -15.46 32.38 13.80
N LYS C 22 -15.66 33.27 14.77
CA LYS C 22 -16.41 34.49 14.51
C LYS C 22 -15.62 35.46 13.64
N GLU C 23 -14.30 35.55 13.83
CA GLU C 23 -13.48 36.41 12.98
C GLU C 23 -13.59 35.99 11.51
N ILE C 24 -13.60 34.68 11.25
CA ILE C 24 -13.68 34.18 9.88
C ILE C 24 -15.08 34.41 9.32
N ASP C 25 -16.11 34.20 10.14
CA ASP C 25 -17.46 34.62 9.79
C ASP C 25 -17.47 36.08 9.36
N ALA C 26 -16.89 36.95 10.19
CA ALA C 26 -16.90 38.40 9.93
C ALA C 26 -16.08 38.76 8.70
N ALA C 27 -15.02 38.01 8.41
CA ALA C 27 -14.27 38.34 7.21
C ALA C 27 -15.02 38.00 5.93
N ARG C 28 -16.21 37.40 6.02
CA ARG C 28 -16.99 36.97 4.85
C ARG C 28 -16.29 35.87 4.05
N LEU C 29 -15.70 34.91 4.76
CA LEU C 29 -15.00 33.80 4.13
C LEU C 29 -15.83 32.52 4.05
N ARG C 30 -17.05 32.52 4.59
CA ARG C 30 -17.86 31.30 4.58
C ARG C 30 -18.52 31.07 3.22
N ARG C 31 -19.08 29.87 3.06
CA ARG C 31 -19.57 29.38 1.76
C ARG C 31 -20.65 30.30 1.18
N ALA C 32 -21.58 30.74 2.01
CA ALA C 32 -22.69 31.53 1.49
C ALA C 32 -22.39 33.02 1.41
N ASP C 33 -21.25 33.49 1.93
CA ASP C 33 -20.91 34.91 2.01
C ASP C 33 -19.84 35.40 1.05
N ASN C 34 -18.85 34.58 0.72
CA ASN C 34 -17.73 35.11 -0.05
C ASN C 34 -18.11 35.26 -1.52
N ALA C 35 -17.65 36.37 -2.12
CA ALA C 35 -18.07 36.70 -3.47
C ALA C 35 -17.44 35.76 -4.52
N PHE C 36 -16.27 35.17 -4.23
CA PHE C 36 -15.68 34.28 -5.22
C PHE C 36 -16.50 33.02 -5.36
N PHE C 37 -16.90 32.41 -4.24
CA PHE C 37 -17.69 31.19 -4.29
C PHE C 37 -19.00 31.43 -5.04
N GLY C 38 -19.69 32.54 -4.70
CA GLY C 38 -20.91 32.90 -5.42
C GLY C 38 -20.68 33.09 -6.92
N GLU C 39 -19.67 33.87 -7.29
CA GLU C 39 -19.46 34.14 -8.71
C GLU C 39 -19.01 32.89 -9.47
N ALA C 40 -18.15 32.06 -8.86
CA ALA C 40 -17.70 30.83 -9.52
C ALA C 40 -18.88 29.89 -9.79
N ARG C 41 -19.80 29.80 -8.84
CA ARG C 41 -20.99 28.98 -9.06
C ARG C 41 -21.90 29.57 -10.14
N LYS C 42 -22.02 30.91 -10.17
CA LYS C 42 -23.03 31.54 -11.00
C LYS C 42 -22.59 31.71 -12.46
N ALA C 43 -21.30 31.89 -12.71
CA ALA C 43 -20.83 32.16 -14.06
C ALA C 43 -21.34 31.12 -15.06
N GLU C 44 -21.88 31.61 -16.18
CA GLU C 44 -22.25 30.71 -17.26
C GLU C 44 -21.01 30.17 -17.98
N SER C 45 -20.07 31.06 -18.29
CA SER C 45 -18.83 30.66 -18.95
C SER C 45 -17.70 31.53 -18.42
N VAL C 46 -16.48 31.12 -18.70
CA VAL C 46 -15.29 31.80 -18.19
C VAL C 46 -14.33 31.99 -19.35
N THR C 47 -13.79 33.21 -19.51
CA THR C 47 -12.85 33.29 -20.61
C THR C 47 -11.51 32.71 -20.18
N PRO C 48 -10.70 32.21 -21.13
CA PRO C 48 -9.37 31.73 -20.75
C PRO C 48 -8.50 32.80 -20.14
N GLU C 49 -8.72 34.07 -20.52
CA GLU C 49 -7.97 35.16 -19.92
C GLU C 49 -8.29 35.32 -18.45
N ALA C 50 -9.57 35.29 -18.09
CA ALA C 50 -9.93 35.33 -16.67
C ALA C 50 -9.38 34.10 -15.94
N ALA C 51 -9.48 32.93 -16.56
CA ALA C 51 -9.02 31.71 -15.90
C ALA C 51 -7.50 31.72 -15.71
N LEU C 52 -6.76 32.27 -16.67
CA LEU C 52 -5.32 32.40 -16.51
C LEU C 52 -4.96 33.39 -15.40
N ALA C 53 -5.67 34.53 -15.32
CA ALA C 53 -5.38 35.48 -14.25
C ALA C 53 -5.56 34.84 -12.88
N ILE C 54 -6.66 34.14 -12.70
CA ILE C 54 -6.89 33.42 -11.44
C ILE C 54 -5.78 32.37 -11.20
N ALA C 55 -5.36 31.68 -12.26
CA ALA C 55 -4.30 30.68 -12.13
C ALA C 55 -3.00 31.31 -11.62
N HIS C 56 -2.64 32.49 -12.17
CA HIS C 56 -1.42 33.19 -11.75
C HIS C 56 -1.51 33.66 -10.31
N ARG C 57 -2.66 34.21 -9.93
CA ARG C 57 -2.79 34.66 -8.55
C ARG C 57 -2.72 33.49 -7.59
N TRP C 58 -3.36 32.38 -7.96
CA TRP C 58 -3.35 31.21 -7.07
C TRP C 58 -1.93 30.67 -6.92
N ARG C 59 -1.22 30.51 -8.05
CA ARG C 59 0.16 30.06 -8.02
C ARG C 59 0.98 30.87 -7.01
N ALA C 60 0.88 32.18 -7.08
CA ALA C 60 1.67 33.02 -6.17
C ALA C 60 1.19 32.86 -4.74
N MET C 61 -0.12 32.78 -4.54
CA MET C 61 -0.67 32.69 -3.19
C MET C 61 -0.37 31.34 -2.54
N THR C 62 -0.49 30.24 -3.29
CA THR C 62 -0.28 28.95 -2.64
C THR C 62 1.21 28.63 -2.48
N LYS C 63 2.04 29.03 -3.44
CA LYS C 63 3.49 28.97 -3.21
C LYS C 63 3.87 29.70 -1.93
N ALA C 64 3.38 30.93 -1.78
CA ALA C 64 3.74 31.71 -0.59
C ALA C 64 3.18 31.08 0.67
N PHE C 65 1.94 30.58 0.61
CA PHE C 65 1.36 29.90 1.77
C PHE C 65 2.23 28.74 2.21
N MET C 66 2.73 27.96 1.25
CA MET C 66 3.48 26.77 1.66
C MET C 66 4.82 27.16 2.29
N PHE C 67 5.59 28.01 1.62
CA PHE C 67 6.92 28.33 2.15
C PHE C 67 6.84 29.17 3.42
N THR C 68 5.92 30.13 3.49
CA THR C 68 5.85 30.91 4.72
C THR C 68 5.30 30.09 5.88
N THR C 69 4.44 29.11 5.60
CA THR C 69 3.99 28.26 6.69
C THR C 69 5.12 27.36 7.19
N LEU C 70 5.96 26.85 6.28
CA LEU C 70 7.11 26.07 6.73
C LEU C 70 8.12 26.94 7.47
N SER C 71 8.23 28.22 7.09
CA SER C 71 9.08 29.12 7.86
C SER C 71 8.57 29.27 9.28
N GLY C 72 7.24 29.42 9.44
CA GLY C 72 6.68 29.56 10.77
C GLY C 72 6.84 28.30 11.62
N LEU C 73 6.73 27.13 10.99
CA LEU C 73 7.02 25.90 11.71
C LEU C 73 8.45 25.91 12.26
N GLY C 74 9.42 26.35 11.45
CA GLY C 74 10.79 26.41 11.92
C GLY C 74 10.99 27.42 13.04
N VAL C 75 10.23 28.52 13.02
CA VAL C 75 10.26 29.50 14.10
C VAL C 75 9.73 28.89 15.39
N MET C 76 8.62 28.15 15.30
CA MET C 76 8.11 27.45 16.49
C MET C 76 9.13 26.48 17.02
N ALA C 77 9.83 25.77 16.13
CA ALA C 77 10.83 24.81 16.56
C ALA C 77 11.94 25.49 17.34
N ARG C 78 12.42 26.62 16.83
CA ARG C 78 13.52 27.33 17.50
C ARG C 78 13.09 27.82 18.88
N ARG C 79 11.88 28.39 18.99
CA ARG C 79 11.33 28.72 20.30
C ARG C 79 11.23 27.49 21.18
N PHE C 80 10.93 26.32 20.61
CA PHE C 80 10.80 25.12 21.42
C PHE C 80 12.14 24.67 21.99
N GLN C 81 13.22 24.80 21.20
CA GLN C 81 14.52 24.35 21.70
C GLN C 81 14.98 25.19 22.88
N GLY C 82 14.62 26.48 22.91
CA GLY C 82 14.88 27.32 24.07
C GLY C 82 14.19 26.87 25.34
N GLN C 83 13.21 25.96 25.25
CA GLN C 83 12.57 25.40 26.45
C GLN C 83 13.28 24.11 26.84
N ASP C 84 13.36 23.87 28.15
CA ASP C 84 14.06 22.69 28.64
C ASP C 84 13.26 21.43 28.39
N ALA C 85 11.95 21.49 28.59
CA ALA C 85 11.06 20.34 28.33
C ALA C 85 9.70 20.85 27.86
N PRO C 86 9.58 21.13 26.55
CA PRO C 86 8.33 21.70 26.02
C PRO C 86 7.07 20.95 26.43
N ASP C 87 5.98 21.71 26.56
CA ASP C 87 4.68 21.17 26.95
C ASP C 87 4.17 20.17 25.93
N HIS C 88 3.70 19.01 26.42
CA HIS C 88 3.22 17.95 25.53
C HIS C 88 1.96 18.35 24.77
N GLU C 89 1.10 19.17 25.37
CA GLU C 89 -0.07 19.67 24.65
C GLU C 89 0.35 20.52 23.45
N LEU C 90 1.40 21.34 23.62
CA LEU C 90 1.87 22.16 22.51
C LEU C 90 2.56 21.32 21.44
N LEU C 91 3.18 20.20 21.82
CA LEU C 91 3.85 19.38 20.82
C LEU C 91 2.83 18.61 19.98
N ALA C 92 1.73 18.18 20.59
CA ALA C 92 0.65 17.53 19.85
C ALA C 92 0.16 18.42 18.72
N ALA C 93 -0.15 19.69 19.02
CA ALA C 93 -0.58 20.62 17.99
C ALA C 93 0.53 20.91 16.98
N PHE C 94 1.77 21.00 17.47
CA PHE C 94 2.92 21.17 16.58
C PHE C 94 3.01 20.02 15.58
N GLN C 95 2.81 18.79 16.06
CA GLN C 95 2.77 17.65 15.15
C GLN C 95 1.69 17.81 14.08
N THR C 96 0.56 18.44 14.42
CA THR C 96 -0.50 18.64 13.43
C THR C 96 -0.05 19.59 12.33
N VAL C 97 0.68 20.65 12.70
CA VAL C 97 1.22 21.57 11.70
C VAL C 97 2.10 20.82 10.71
N TYR C 98 3.00 20.00 11.23
CA TYR C 98 3.94 19.31 10.37
C TYR C 98 3.21 18.36 9.43
N GLN C 99 2.21 17.64 9.95
CA GLN C 99 1.46 16.69 9.14
C GLN C 99 0.68 17.40 8.04
N VAL C 100 -0.05 18.45 8.40
CA VAL C 100 -0.93 19.08 7.42
C VAL C 100 -0.12 19.75 6.31
N ILE C 101 0.89 20.55 6.69
CA ILE C 101 1.63 21.26 5.65
C ILE C 101 2.45 20.28 4.82
N GLY C 102 2.70 19.08 5.34
CA GLY C 102 3.44 18.11 4.57
C GLY C 102 2.72 17.65 3.31
N ASP C 103 1.40 17.78 3.26
CA ASP C 103 0.68 17.35 2.06
C ASP C 103 1.06 18.19 0.86
N ASP C 104 1.18 19.51 1.04
CA ASP C 104 1.58 20.41 -0.05
C ASP C 104 3.00 20.17 -0.52
N LEU C 105 3.87 19.72 0.38
CA LEU C 105 5.25 19.53 0.01
C LEU C 105 5.50 18.14 -0.53
N ASP C 106 4.84 17.14 0.03
CA ASP C 106 5.20 15.75 -0.23
C ASP C 106 4.02 14.80 -0.45
N ASN C 107 2.77 15.26 -0.32
CA ASN C 107 1.63 14.45 -0.76
C ASN C 107 1.49 13.16 0.04
N ALA C 108 1.56 13.27 1.36
CA ALA C 108 1.51 12.08 2.21
C ALA C 108 0.12 11.44 2.18
N ALA C 109 -0.92 12.24 2.40
CA ALA C 109 -2.26 11.70 2.54
C ALA C 109 -2.66 10.89 1.31
N PRO C 110 -3.41 9.80 1.50
CA PRO C 110 -3.74 8.92 0.35
C PRO C 110 -4.50 9.60 -0.78
N ALA C 111 -5.38 10.55 -0.49
CA ALA C 111 -6.04 11.31 -1.56
C ALA C 111 -5.04 11.93 -2.50
N PHE C 112 -3.91 12.43 -1.98
CA PHE C 112 -2.87 12.97 -2.82
C PHE C 112 -1.95 11.87 -3.36
N ARG C 113 -1.63 10.88 -2.53
CA ARG C 113 -0.66 9.87 -2.96
C ARG C 113 -1.10 9.17 -4.26
N GLU C 114 -2.40 8.95 -4.42
CA GLU C 114 -2.84 8.13 -5.55
C GLU C 114 -2.81 8.84 -6.89
N VAL C 115 -2.72 10.18 -6.92
CA VAL C 115 -2.72 10.90 -8.20
C VAL C 115 -1.57 11.88 -8.37
N ALA C 116 -0.87 12.30 -7.31
CA ALA C 116 0.12 13.37 -7.46
C ALA C 116 1.35 12.89 -8.24
N PRO C 117 1.96 13.76 -9.05
CA PRO C 117 3.22 13.42 -9.70
C PRO C 117 4.32 13.16 -8.67
N ARG C 118 5.39 12.53 -9.15
N ARG C 118 5.39 12.51 -9.14
CA ARG C 118 6.51 12.17 -8.29
CA ARG C 118 6.49 12.17 -8.26
C ARG C 118 7.45 13.36 -8.13
C ARG C 118 7.45 13.34 -8.12
N GLY C 119 8.10 13.43 -6.97
CA GLY C 119 9.14 14.41 -6.72
C GLY C 119 8.61 15.84 -6.69
N PRO C 120 9.46 16.78 -7.14
CA PRO C 120 9.07 18.20 -7.07
C PRO C 120 7.89 18.57 -7.95
N ALA C 121 7.65 17.85 -9.05
CA ALA C 121 6.49 18.15 -9.87
C ALA C 121 5.18 17.93 -9.11
N GLY C 122 5.20 17.24 -7.97
CA GLY C 122 4.02 17.07 -7.14
C GLY C 122 3.79 18.11 -6.05
N ILE C 123 4.81 18.92 -5.73
CA ILE C 123 4.59 20.04 -4.82
C ILE C 123 3.46 20.88 -5.35
N HIS C 124 2.56 21.29 -4.48
CA HIS C 124 1.25 21.70 -4.97
C HIS C 124 1.28 22.95 -5.84
N TYR C 125 2.09 23.98 -5.51
CA TYR C 125 2.11 25.10 -6.47
C TYR C 125 2.70 24.68 -7.81
N VAL C 126 3.65 23.74 -7.80
CA VAL C 126 4.24 23.26 -9.05
C VAL C 126 3.22 22.43 -9.83
N TRP C 127 2.53 21.52 -9.15
CA TRP C 127 1.50 20.71 -9.79
C TRP C 127 0.40 21.59 -10.39
N TRP C 128 0.03 22.65 -9.67
CA TRP C 128 -0.91 23.63 -10.22
C TRP C 128 -0.37 24.30 -11.48
N GLU C 129 0.92 24.70 -11.48
CA GLU C 129 1.51 25.31 -12.66
C GLU C 129 1.41 24.40 -13.88
N ASP C 130 1.76 23.13 -13.72
CA ASP C 130 1.82 22.24 -14.87
C ASP C 130 0.45 21.82 -15.37
N THR C 131 -0.54 21.68 -14.49
CA THR C 131 -1.79 21.07 -14.94
C THR C 131 -2.93 22.04 -15.09
N VAL C 132 -2.91 23.18 -14.41
CA VAL C 132 -3.94 24.19 -14.56
C VAL C 132 -3.40 25.43 -15.30
N LEU C 133 -2.34 26.05 -14.78
CA LEU C 133 -1.86 27.31 -15.36
C LEU C 133 -1.44 27.14 -16.82
N LYS C 134 -0.43 26.32 -17.07
CA LYS C 134 0.10 26.21 -18.43
C LYS C 134 -0.93 25.71 -19.44
N PRO C 135 -1.79 24.71 -19.15
CA PRO C 135 -2.81 24.35 -20.14
C PRO C 135 -3.73 25.50 -20.50
N VAL C 136 -4.11 26.34 -19.53
CA VAL C 136 -4.98 27.48 -19.87
C VAL C 136 -4.23 28.49 -20.70
N ALA C 137 -2.97 28.77 -20.31
CA ALA C 137 -2.16 29.79 -20.97
C ALA C 137 -1.99 29.49 -22.45
N ALA C 138 -2.05 28.22 -22.84
CA ALA C 138 -1.95 27.86 -24.24
C ALA C 138 -3.07 28.43 -25.08
N HIS C 139 -4.18 28.85 -24.47
CA HIS C 139 -5.32 29.40 -25.20
C HIS C 139 -5.40 30.92 -25.08
N VAL C 140 -4.31 31.55 -24.65
CA VAL C 140 -4.27 32.99 -24.45
C VAL C 140 -3.13 33.58 -25.29
N ALA C 141 -3.45 34.56 -26.12
CA ALA C 141 -2.44 35.28 -26.89
C ALA C 141 -1.42 35.93 -25.95
N GLU C 142 -0.23 36.18 -26.50
CA GLU C 142 0.91 36.61 -25.68
C GLU C 142 0.66 37.94 -24.99
N GLU C 143 -0.01 38.88 -25.68
CA GLU C 143 -0.27 40.19 -25.08
C GLU C 143 -1.04 40.05 -23.78
N ASP C 144 -1.98 39.11 -23.74
CA ASP C 144 -2.86 38.94 -22.60
C ASP C 144 -2.26 38.06 -21.51
N ARG C 145 -1.27 37.22 -21.84
CA ARG C 145 -0.62 36.43 -20.81
C ARG C 145 0.14 37.34 -19.85
N GLN C 146 0.87 38.33 -20.39
CA GLN C 146 1.59 39.25 -19.52
C GLN C 146 0.63 40.04 -18.65
N SER C 147 -0.49 40.47 -19.22
CA SER C 147 -1.53 41.12 -18.43
C SER C 147 -2.03 40.22 -17.31
N ALA C 148 -2.40 38.97 -17.65
CA ALA C 148 -2.89 38.02 -16.65
C ALA C 148 -1.91 37.83 -15.50
N ALA C 149 -0.61 37.87 -15.77
CA ALA C 149 0.37 37.65 -14.70
C ALA C 149 0.52 38.82 -13.73
N VAL C 150 -0.08 39.98 -14.00
CA VAL C 150 0.06 41.12 -13.09
C VAL C 150 -0.88 40.94 -11.90
N LEU C 151 -0.32 40.96 -10.68
CA LEU C 151 -1.07 40.64 -9.49
C LEU C 151 -1.82 41.89 -8.99
N PRO C 152 -3.07 41.73 -8.56
CA PRO C 152 -3.75 42.86 -7.90
C PRO C 152 -3.10 43.20 -6.57
N ARG C 153 -3.35 44.45 -6.16
CA ARG C 153 -2.88 44.98 -4.89
C ARG C 153 -3.46 44.20 -3.70
N ALA C 154 -4.69 43.73 -3.82
CA ALA C 154 -5.22 42.86 -2.77
C ALA C 154 -4.44 41.55 -2.69
N VAL C 155 -4.02 41.02 -3.85
CA VAL C 155 -3.24 39.78 -3.85
C VAL C 155 -1.88 40.03 -3.23
N THR C 156 -1.17 41.09 -3.67
CA THR C 156 0.10 41.44 -3.04
C THR C 156 -0.07 41.73 -1.57
N GLY C 157 -1.21 42.27 -1.15
CA GLY C 157 -1.42 42.50 0.27
C GLY C 157 -1.44 41.21 1.08
N LEU C 158 -2.07 40.16 0.55
CA LEU C 158 -2.05 38.86 1.22
C LEU C 158 -0.62 38.30 1.27
N LEU C 159 0.09 38.34 0.14
CA LEU C 159 1.46 37.84 0.10
C LEU C 159 2.34 38.54 1.13
N ASP C 160 2.16 39.86 1.29
CA ASP C 160 2.93 40.58 2.30
C ASP C 160 2.56 40.12 3.70
N SER C 161 1.27 39.86 3.93
CA SER C 161 0.84 39.33 5.22
C SER C 161 1.49 37.98 5.51
N MET C 162 1.55 37.09 4.51
CA MET C 162 2.23 35.79 4.68
C MET C 162 3.71 35.99 4.99
N ASP C 163 4.37 36.92 4.30
CA ASP C 163 5.78 37.19 4.53
C ASP C 163 6.03 37.62 5.98
N ARG C 164 5.16 38.45 6.53
CA ARG C 164 5.30 38.78 7.95
C ARG C 164 5.03 37.56 8.83
N LEU C 165 3.97 36.80 8.53
CA LEU C 165 3.70 35.63 9.36
C LEU C 165 4.78 34.55 9.22
N ALA C 166 5.61 34.60 8.17
CA ALA C 166 6.72 33.67 8.04
C ALA C 166 7.68 33.68 9.22
N THR C 167 7.73 34.79 9.99
CA THR C 167 8.62 34.92 11.14
C THR C 167 7.85 35.12 12.43
N HIS C 168 6.57 35.01 12.39
CA HIS C 168 5.76 35.17 13.58
C HIS C 168 5.75 33.87 14.38
N PRO C 169 5.87 33.94 15.71
CA PRO C 169 5.88 32.72 16.53
C PRO C 169 4.57 31.93 16.48
N LEU C 170 3.50 32.50 15.95
CA LEU C 170 2.25 31.79 15.77
C LEU C 170 1.78 31.82 14.33
N GLY C 171 2.63 32.29 13.41
CA GLY C 171 2.18 32.50 12.04
C GLY C 171 1.75 31.22 11.35
N ALA C 172 2.44 30.10 11.64
CA ALA C 172 2.07 28.82 11.07
C ALA C 172 0.69 28.40 11.54
N ALA C 173 0.45 28.44 12.85
CA ALA C 173 -0.85 28.07 13.37
C ALA C 173 -1.95 28.98 12.85
N VAL C 174 -1.63 30.26 12.64
CA VAL C 174 -2.63 31.19 12.13
C VAL C 174 -3.00 30.85 10.68
N GLN C 175 -1.99 30.64 9.83
CA GLN C 175 -2.27 30.42 8.41
C GLN C 175 -3.05 29.12 8.21
N LEU C 176 -2.65 28.04 8.89
CA LEU C 176 -3.36 26.76 8.71
C LEU C 176 -4.78 26.82 9.25
N ARG C 177 -4.98 27.48 10.40
CA ARG C 177 -6.32 27.57 10.96
C ARG C 177 -7.28 28.25 9.99
N VAL C 178 -6.83 29.28 9.30
CA VAL C 178 -7.70 29.99 8.38
C VAL C 178 -7.79 29.26 7.04
N VAL C 179 -6.66 28.92 6.44
CA VAL C 179 -6.66 28.38 5.08
C VAL C 179 -7.40 27.05 5.03
N GLU C 180 -7.08 26.14 5.93
CA GLU C 180 -7.70 24.82 5.87
C GLU C 180 -9.19 24.88 6.16
N ASP C 181 -9.67 25.93 6.82
CA ASP C 181 -11.11 26.11 7.03
C ASP C 181 -11.81 26.55 5.75
N ILE C 182 -11.15 27.35 4.91
CA ILE C 182 -11.79 27.81 3.67
C ILE C 182 -11.37 26.99 2.45
N ALA C 183 -10.49 26.01 2.63
CA ALA C 183 -9.84 25.39 1.48
C ALA C 183 -10.88 24.69 0.59
N LEU C 184 -11.82 23.94 1.19
CA LEU C 184 -12.79 23.18 0.40
C LEU C 184 -13.59 24.09 -0.53
N ASP C 185 -14.07 25.21 -0.02
CA ASP C 185 -14.87 26.10 -0.86
C ASP C 185 -14.05 26.69 -2.00
N ILE C 186 -12.77 27.00 -1.76
CA ILE C 186 -11.92 27.45 -2.86
C ILE C 186 -11.82 26.37 -3.93
N ALA C 187 -11.51 25.14 -3.51
CA ALA C 187 -11.32 24.03 -4.44
C ALA C 187 -12.58 23.75 -5.24
N VAL C 188 -13.74 23.83 -4.59
CA VAL C 188 -15.02 23.65 -5.30
C VAL C 188 -15.24 24.79 -6.27
N GLY C 189 -14.86 26.01 -5.89
CA GLY C 189 -14.88 27.12 -6.83
C GLY C 189 -14.03 26.85 -8.06
N PHE C 190 -12.81 26.33 -7.86
CA PHE C 190 -11.98 25.96 -9.01
C PHE C 190 -12.64 24.85 -9.82
N ARG C 191 -13.18 23.81 -9.15
CA ARG C 191 -13.81 22.74 -9.90
C ARG C 191 -14.92 23.29 -10.81
N ARG C 192 -15.69 24.24 -10.30
CA ARG C 192 -16.78 24.78 -11.09
C ARG C 192 -16.26 25.67 -12.22
N LEU C 193 -15.41 26.66 -11.89
CA LEU C 193 -15.03 27.64 -12.92
C LEU C 193 -14.13 27.03 -13.98
N TYR C 194 -13.26 26.07 -13.61
CA TYR C 194 -12.35 25.56 -14.63
C TYR C 194 -13.00 24.50 -15.50
N ALA C 195 -14.23 24.07 -15.18
CA ALA C 195 -15.02 23.27 -16.09
C ALA C 195 -15.77 24.11 -17.12
N LYS C 196 -15.81 25.43 -16.96
CA LYS C 196 -16.62 26.29 -17.82
C LYS C 196 -15.77 27.24 -18.66
N VAL C 197 -14.52 26.87 -18.95
CA VAL C 197 -13.65 27.74 -19.74
C VAL C 197 -13.99 27.51 -21.21
N GLU C 198 -14.59 28.51 -21.85
CA GLU C 198 -15.01 28.36 -23.25
C GLU C 198 -13.86 28.75 -24.18
N VAL C 199 -13.40 27.78 -24.97
CA VAL C 199 -12.39 27.98 -26.00
C VAL C 199 -12.99 27.47 -27.30
N PRO C 200 -12.84 28.19 -28.41
CA PRO C 200 -13.64 27.88 -29.60
C PRO C 200 -13.21 26.55 -30.21
N GLY C 201 -14.18 25.71 -30.53
CA GLY C 201 -13.93 24.48 -31.25
C GLY C 201 -13.67 23.26 -30.40
N THR C 202 -13.26 23.44 -29.15
CA THR C 202 -12.91 22.31 -28.29
C THR C 202 -13.36 22.58 -26.86
N THR C 203 -13.06 21.61 -25.99
CA THR C 203 -13.37 21.70 -24.57
C THR C 203 -12.08 21.68 -23.76
N LEU C 204 -12.13 22.31 -22.60
CA LEU C 204 -10.99 22.37 -21.71
C LEU C 204 -11.36 21.70 -20.39
N PHE C 205 -10.42 20.90 -19.87
CA PHE C 205 -10.47 20.27 -18.54
C PHE C 205 -11.65 19.29 -18.37
N ALA C 206 -12.15 18.73 -19.47
CA ALA C 206 -13.28 17.81 -19.42
C ALA C 206 -12.87 16.35 -19.32
N GLY C 207 -11.58 16.04 -19.47
CA GLY C 207 -11.13 14.67 -19.24
C GLY C 207 -11.20 14.29 -17.78
N ARG C 208 -11.35 12.98 -17.52
CA ARG C 208 -11.60 12.52 -16.16
C ARG C 208 -10.46 12.88 -15.20
N ASP C 209 -9.22 12.84 -15.68
CA ASP C 209 -8.05 13.16 -14.85
C ASP C 209 -7.50 14.57 -15.08
N ASP C 210 -8.21 15.42 -15.83
CA ASP C 210 -7.65 16.73 -16.17
C ASP C 210 -7.49 17.64 -14.97
N LEU C 211 -8.31 17.48 -13.95
CA LEU C 211 -8.28 18.35 -12.78
C LEU C 211 -7.95 17.57 -11.51
N ALA C 212 -7.07 16.56 -11.64
CA ALA C 212 -6.69 15.76 -10.48
C ALA C 212 -6.24 16.63 -9.30
N TRP C 213 -5.55 17.77 -9.59
CA TRP C 213 -5.17 18.70 -8.53
C TRP C 213 -6.38 19.10 -7.69
N VAL C 214 -7.45 19.48 -8.36
CA VAL C 214 -8.66 19.97 -7.69
C VAL C 214 -9.40 18.83 -7.01
N ASP C 215 -9.59 17.71 -7.72
CA ASP C 215 -10.39 16.62 -7.15
C ASP C 215 -9.73 16.03 -5.92
N SER C 216 -8.41 15.87 -5.92
CA SER C 216 -7.75 15.33 -4.74
C SER C 216 -7.81 16.30 -3.56
N HIS C 217 -7.72 17.62 -3.81
CA HIS C 217 -7.91 18.55 -2.69
C HIS C 217 -9.32 18.47 -2.12
N ILE C 218 -10.34 18.34 -2.98
CA ILE C 218 -11.72 18.24 -2.50
C ILE C 218 -11.92 16.99 -1.63
N LYS C 219 -11.23 15.89 -1.95
CA LYS C 219 -11.33 14.70 -1.12
C LYS C 219 -10.64 14.86 0.22
N ALA C 220 -9.67 15.78 0.34
CA ALA C 220 -8.84 15.84 1.53
C ALA C 220 -9.18 16.97 2.48
N GLU C 221 -9.81 18.05 2.00
CA GLU C 221 -9.87 19.30 2.75
C GLU C 221 -10.90 19.34 3.88
N THR C 222 -11.89 18.44 3.90
CA THR C 222 -12.76 18.41 5.07
C THR C 222 -12.02 17.82 6.26
N MET C 223 -11.20 16.79 6.02
CA MET C 223 -10.34 16.27 7.06
C MET C 223 -9.36 17.33 7.56
N HIS C 224 -8.66 18.00 6.63
CA HIS C 224 -7.76 19.09 7.01
C HIS C 224 -8.46 20.14 7.85
N ALA C 225 -9.67 20.55 7.44
CA ALA C 225 -10.43 21.50 8.25
C ALA C 225 -10.67 20.97 9.65
N ALA C 226 -10.91 19.66 9.78
CA ALA C 226 -11.14 19.07 11.11
C ALA C 226 -9.86 19.04 11.93
N GLN C 227 -8.72 18.78 11.28
CA GLN C 227 -7.44 18.70 12.00
C GLN C 227 -7.04 20.05 12.61
N VAL C 228 -7.15 21.14 11.83
CA VAL C 228 -6.67 22.44 12.31
C VAL C 228 -7.60 23.07 13.33
N SER C 229 -8.87 22.68 13.36
CA SER C 229 -9.83 23.25 14.30
C SER C 229 -10.20 22.26 15.40
N ASP C 230 -9.41 21.20 15.56
CA ASP C 230 -9.68 20.23 16.61
C ASP C 230 -9.38 20.84 17.98
N GLU C 231 -10.18 20.45 18.98
CA GLU C 231 -10.07 21.10 20.27
C GLU C 231 -8.92 20.57 21.11
N ASP C 232 -8.36 19.41 20.74
CA ASP C 232 -7.24 18.80 21.46
C ASP C 232 -5.91 18.96 20.75
N THR C 233 -5.85 18.81 19.42
CA THR C 233 -4.59 18.90 18.69
C THR C 233 -4.66 19.91 17.54
N GLY C 234 -5.66 20.77 17.51
CA GLY C 234 -5.77 21.78 16.47
C GLY C 234 -4.86 22.97 16.74
N MET C 235 -5.01 23.98 15.87
CA MET C 235 -4.05 25.08 15.83
C MET C 235 -4.13 25.98 17.06
N THR C 236 -5.28 26.08 17.72
CA THR C 236 -5.36 26.96 18.88
C THR C 236 -4.75 26.32 20.12
N ARG C 237 -4.44 25.02 20.11
CA ARG C 237 -3.72 24.42 21.23
C ARG C 237 -2.23 24.75 21.21
N LEU C 238 -1.75 25.45 20.18
CA LEU C 238 -0.41 26.05 20.19
C LEU C 238 -0.37 27.38 20.94
N VAL C 239 -1.51 27.84 21.45
CA VAL C 239 -1.59 29.09 22.22
C VAL C 239 -1.41 28.76 23.69
N ALA C 240 -0.31 29.25 24.29
CA ALA C 240 0.09 28.82 25.63
C ALA C 240 -0.57 29.59 26.76
N ASP C 241 -0.95 30.86 26.57
CA ASP C 241 -1.52 31.67 27.65
C ASP C 241 -2.44 32.74 27.05
N ARG C 242 -2.87 33.68 27.91
CA ARG C 242 -3.82 34.72 27.49
C ARG C 242 -3.21 35.69 26.50
N GLU C 243 -1.96 36.10 26.76
CA GLU C 243 -1.33 37.12 25.92
C GLU C 243 -1.22 36.65 24.48
N GLN C 244 -0.81 35.39 24.28
CA GLN C 244 -0.76 34.83 22.93
C GLN C 244 -2.15 34.72 22.35
N ALA C 245 -3.12 34.28 23.15
CA ALA C 245 -4.48 34.06 22.65
C ALA C 245 -5.05 35.32 22.00
N GLU C 246 -4.71 36.50 22.52
CA GLU C 246 -5.20 37.73 21.91
C GLU C 246 -4.38 38.11 20.69
N GLU C 247 -3.09 37.79 20.70
CA GLU C 247 -2.29 38.02 19.50
C GLU C 247 -2.76 37.10 18.37
N PHE C 248 -3.13 35.85 18.72
CA PHE C 248 -3.64 34.91 17.72
C PHE C 248 -4.91 35.44 17.08
N LEU C 249 -5.80 36.03 17.88
CA LEU C 249 -7.06 36.54 17.32
C LEU C 249 -6.82 37.73 16.41
N THR C 250 -5.92 38.64 16.80
CA THR C 250 -5.75 39.82 15.97
C THR C 250 -4.95 39.49 14.71
N ALA C 251 -4.07 38.48 14.78
CA ALA C 251 -3.41 37.99 13.57
C ALA C 251 -4.43 37.32 12.65
N VAL C 252 -5.32 36.50 13.20
CA VAL C 252 -6.36 35.87 12.37
C VAL C 252 -7.21 36.93 11.69
N ARG C 253 -7.63 37.96 12.44
CA ARG C 253 -8.46 39.00 11.86
C ARG C 253 -7.74 39.70 10.70
N GLU C 254 -6.48 40.09 10.91
CA GLU C 254 -5.73 40.72 9.83
C GLU C 254 -5.58 39.78 8.65
N TYR C 255 -5.15 38.54 8.92
CA TYR C 255 -4.92 37.56 7.85
C TYR C 255 -6.21 37.22 7.11
N ALA C 256 -7.29 36.92 7.85
CA ALA C 256 -8.55 36.60 7.20
C ALA C 256 -9.04 37.72 6.28
N ALA C 257 -8.74 38.98 6.64
CA ALA C 257 -9.17 40.09 5.82
C ALA C 257 -8.40 40.15 4.51
N HIS C 258 -7.10 39.82 4.56
CA HIS C 258 -6.33 39.77 3.33
C HIS C 258 -6.79 38.63 2.43
N TRP C 259 -7.17 37.49 3.01
CA TRP C 259 -7.69 36.39 2.20
C TRP C 259 -9.00 36.77 1.53
N SER C 260 -9.92 37.35 2.31
CA SER C 260 -11.18 37.78 1.74
C SER C 260 -10.97 38.81 0.64
N ALA C 261 -10.09 39.78 0.89
CA ALA C 261 -9.78 40.77 -0.14
C ALA C 261 -9.13 40.11 -1.35
N ALA C 262 -8.20 39.16 -1.14
CA ALA C 262 -7.58 38.49 -2.29
C ALA C 262 -8.61 37.75 -3.13
N LEU C 263 -9.53 37.02 -2.47
CA LEU C 263 -10.52 36.24 -3.20
C LEU C 263 -11.53 37.13 -3.91
N GLU C 264 -11.80 38.32 -3.38
CA GLU C 264 -12.60 39.30 -4.11
C GLU C 264 -12.02 39.57 -5.49
N THR C 265 -10.70 39.64 -5.62
CA THR C 265 -10.14 39.90 -6.94
C THR C 265 -10.45 38.77 -7.91
N TYR C 266 -10.64 37.54 -7.40
CA TYR C 266 -11.03 36.43 -8.29
C TYR C 266 -12.44 36.63 -8.82
N ALA C 267 -13.40 36.94 -7.93
CA ALA C 267 -14.74 37.27 -8.39
C ALA C 267 -14.71 38.43 -9.37
N GLN C 268 -13.85 39.43 -9.11
CA GLN C 268 -13.73 40.55 -10.05
C GLN C 268 -13.27 40.08 -11.42
N ALA C 269 -12.31 39.15 -11.48
CA ALA C 269 -11.83 38.67 -12.77
C ALA C 269 -12.89 37.84 -13.48
N LEU C 270 -13.71 37.10 -12.74
CA LEU C 270 -14.75 36.33 -13.42
C LEU C 270 -15.77 37.26 -14.08
N ARG C 271 -16.16 38.32 -13.36
CA ARG C 271 -17.09 39.30 -13.94
C ARG C 271 -16.48 39.98 -15.16
N ASP C 272 -15.20 40.38 -15.09
CA ASP C 272 -14.60 41.13 -16.19
C ASP C 272 -14.39 40.27 -17.41
N GLY C 273 -13.95 39.03 -17.23
CA GLY C 273 -13.43 38.25 -18.33
C GLY C 273 -11.97 38.45 -18.61
N HIS C 274 -11.21 39.00 -17.66
CA HIS C 274 -9.77 39.28 -17.78
C HIS C 274 -9.30 39.89 -16.47
N ALA C 275 -7.99 40.09 -16.37
CA ALA C 275 -7.39 40.76 -15.20
C ALA C 275 -7.79 42.24 -15.12
N THR D 2 -24.55 -25.53 -4.64
CA THR D 2 -25.07 -24.26 -4.18
C THR D 2 -26.05 -24.44 -3.02
N VAL D 3 -26.17 -23.43 -2.17
CA VAL D 3 -26.99 -23.56 -0.96
C VAL D 3 -28.43 -23.07 -1.15
N ASN D 4 -28.68 -22.14 -2.08
CA ASN D 4 -30.00 -21.55 -2.24
C ASN D 4 -30.77 -22.09 -3.45
N ALA D 5 -30.25 -23.10 -4.15
CA ALA D 5 -30.93 -23.71 -5.28
C ALA D 5 -30.20 -24.99 -5.67
N LEU D 6 -30.91 -25.85 -6.43
CA LEU D 6 -30.30 -27.02 -7.07
C LEU D 6 -29.63 -26.53 -8.35
N ALA D 7 -28.32 -26.30 -8.27
CA ALA D 7 -27.60 -25.64 -9.34
C ALA D 7 -27.62 -26.49 -10.61
N LEU D 8 -27.53 -25.81 -11.76
CA LEU D 8 -27.36 -26.52 -13.02
C LEU D 8 -26.03 -27.25 -13.00
N SER D 9 -26.00 -28.43 -13.63
CA SER D 9 -24.79 -29.20 -13.71
C SER D 9 -23.78 -28.51 -14.62
N ALA D 10 -22.58 -29.08 -14.68
CA ALA D 10 -21.57 -28.62 -15.63
C ALA D 10 -22.10 -28.69 -17.06
N ALA D 11 -22.69 -29.82 -17.42
CA ALA D 11 -23.24 -29.98 -18.76
C ALA D 11 -24.41 -29.04 -18.99
N GLU D 12 -25.35 -28.98 -18.03
CA GLU D 12 -26.54 -28.15 -18.19
C GLU D 12 -26.17 -26.69 -18.45
N GLN D 13 -25.11 -26.20 -17.81
CA GLN D 13 -24.61 -24.87 -18.12
C GLN D 13 -24.23 -24.76 -19.60
N GLN D 14 -23.62 -25.80 -20.16
CA GLN D 14 -23.18 -25.70 -21.55
C GLN D 14 -24.37 -25.65 -22.52
N ASP D 15 -25.44 -26.41 -22.23
CA ASP D 15 -26.58 -26.47 -23.15
C ASP D 15 -27.33 -25.15 -23.18
N LEU D 16 -27.59 -24.56 -22.01
CA LEU D 16 -28.23 -23.25 -21.95
C LEU D 16 -27.46 -22.26 -22.80
N ASP D 17 -26.13 -22.23 -22.63
CA ASP D 17 -25.29 -21.29 -23.36
C ASP D 17 -25.48 -21.42 -24.86
N ALA D 18 -25.40 -22.66 -25.37
CA ALA D 18 -25.55 -22.88 -26.81
C ALA D 18 -26.94 -22.46 -27.28
N ARG D 19 -27.98 -22.86 -26.56
CA ARG D 19 -29.34 -22.52 -26.95
C ARG D 19 -29.54 -21.00 -27.01
N VAL D 20 -28.91 -20.26 -26.09
CA VAL D 20 -28.99 -18.80 -26.16
C VAL D 20 -28.32 -18.30 -27.43
N GLY D 21 -27.15 -18.86 -27.76
CA GLY D 21 -26.47 -18.46 -28.99
C GLY D 21 -27.31 -18.68 -30.23
N LYS D 22 -28.08 -19.78 -30.24
CA LYS D 22 -28.94 -20.06 -31.39
C LYS D 22 -30.14 -19.14 -31.43
N GLU D 23 -30.68 -18.76 -30.27
CA GLU D 23 -31.79 -17.82 -30.24
C GLU D 23 -31.38 -16.49 -30.85
N ILE D 24 -30.14 -16.05 -30.60
CA ILE D 24 -29.70 -14.78 -31.19
C ILE D 24 -29.44 -14.96 -32.67
N ASP D 25 -28.96 -16.14 -33.09
CA ASP D 25 -28.87 -16.44 -34.52
C ASP D 25 -30.24 -16.37 -35.17
N ALA D 26 -31.20 -17.11 -34.61
CA ALA D 26 -32.54 -17.17 -35.19
C ALA D 26 -33.17 -15.79 -35.32
N ALA D 27 -32.74 -14.83 -34.51
CA ALA D 27 -33.34 -13.51 -34.50
C ALA D 27 -32.77 -12.60 -35.56
N ARG D 28 -31.76 -13.07 -36.31
CA ARG D 28 -31.14 -12.28 -37.38
C ARG D 28 -30.39 -11.07 -36.82
N LEU D 29 -29.63 -11.30 -35.73
CA LEU D 29 -28.79 -10.26 -35.14
C LEU D 29 -27.32 -10.37 -35.53
N ARG D 30 -26.89 -11.45 -36.18
CA ARG D 30 -25.47 -11.58 -36.53
C ARG D 30 -25.11 -10.65 -37.68
N ARG D 31 -23.81 -10.46 -37.87
CA ARG D 31 -23.32 -9.45 -38.82
C ARG D 31 -23.87 -9.68 -40.22
N ALA D 32 -23.84 -10.94 -40.67
CA ALA D 32 -24.25 -11.25 -42.04
C ALA D 32 -25.74 -11.10 -42.26
N ASP D 33 -26.54 -10.97 -41.19
CA ASP D 33 -27.97 -11.22 -41.26
C ASP D 33 -28.87 -10.03 -40.97
N ASN D 34 -28.43 -9.04 -40.22
CA ASN D 34 -29.29 -7.90 -39.95
C ASN D 34 -29.09 -6.81 -41.01
N ALA D 35 -30.19 -6.23 -41.46
CA ALA D 35 -30.14 -5.28 -42.56
C ALA D 35 -29.33 -4.04 -42.21
N PHE D 36 -29.40 -3.59 -40.96
CA PHE D 36 -28.73 -2.34 -40.61
C PHE D 36 -27.24 -2.42 -40.91
N PHE D 37 -26.59 -3.47 -40.42
CA PHE D 37 -25.14 -3.60 -40.59
C PHE D 37 -24.75 -3.49 -42.06
N GLY D 38 -25.38 -4.29 -42.92
CA GLY D 38 -25.05 -4.25 -44.33
C GLY D 38 -25.40 -2.91 -44.97
N GLU D 39 -26.57 -2.36 -44.63
CA GLU D 39 -27.02 -1.13 -45.26
C GLU D 39 -26.11 0.05 -44.90
N ALA D 40 -25.56 0.06 -43.67
CA ALA D 40 -24.63 1.12 -43.29
C ALA D 40 -23.27 0.95 -43.93
N ARG D 41 -22.86 -0.28 -44.21
CA ARG D 41 -21.64 -0.49 -44.98
C ARG D 41 -21.85 -0.10 -46.44
N LYS D 42 -22.94 -0.57 -47.05
CA LYS D 42 -23.15 -0.40 -48.49
C LYS D 42 -23.41 1.06 -48.84
N ALA D 43 -24.02 1.82 -47.94
CA ALA D 43 -24.46 3.20 -48.20
C ALA D 43 -23.36 4.02 -48.86
N GLU D 44 -23.69 4.57 -50.02
CA GLU D 44 -22.76 5.51 -50.67
C GLU D 44 -22.72 6.82 -49.89
N SER D 45 -23.87 7.33 -49.48
CA SER D 45 -23.95 8.51 -48.64
C SER D 45 -25.15 8.37 -47.72
N VAL D 46 -25.28 9.32 -46.81
CA VAL D 46 -26.35 9.34 -45.82
C VAL D 46 -26.84 10.78 -45.70
N THR D 47 -28.15 10.98 -45.80
CA THR D 47 -28.71 12.32 -45.64
C THR D 47 -28.65 12.74 -44.17
N PRO D 48 -28.56 14.04 -43.90
CA PRO D 48 -28.62 14.49 -42.50
C PRO D 48 -29.92 14.10 -41.82
N GLU D 49 -30.99 13.86 -42.59
CA GLU D 49 -32.29 13.55 -42.02
C GLU D 49 -32.36 12.10 -41.55
N ALA D 50 -31.89 11.17 -42.37
CA ALA D 50 -31.81 9.77 -41.93
C ALA D 50 -30.91 9.65 -40.71
N ALA D 51 -29.72 10.28 -40.75
CA ALA D 51 -28.79 10.22 -39.64
C ALA D 51 -29.43 10.73 -38.36
N LEU D 52 -30.20 11.82 -38.46
CA LEU D 52 -30.86 12.37 -37.27
C LEU D 52 -31.92 11.40 -36.76
N ALA D 53 -32.67 10.76 -37.66
CA ALA D 53 -33.67 9.80 -37.21
C ALA D 53 -33.03 8.67 -36.43
N ILE D 54 -31.92 8.14 -36.95
CA ILE D 54 -31.22 7.06 -36.26
C ILE D 54 -30.68 7.54 -34.93
N ALA D 55 -30.21 8.79 -34.86
CA ALA D 55 -29.66 9.30 -33.60
C ALA D 55 -30.75 9.44 -32.53
N HIS D 56 -31.96 9.85 -32.93
CA HIS D 56 -33.07 9.95 -31.99
C HIS D 56 -33.50 8.59 -31.49
N ARG D 57 -33.55 7.61 -32.38
CA ARG D 57 -33.92 6.27 -31.95
C ARG D 57 -32.88 5.69 -31.01
N TRP D 58 -31.60 5.83 -31.37
CA TRP D 58 -30.53 5.30 -30.54
C TRP D 58 -30.53 5.96 -29.17
N ARG D 59 -30.70 7.28 -29.14
CA ARG D 59 -30.80 7.99 -27.86
C ARG D 59 -31.81 7.30 -26.96
N ALA D 60 -33.00 7.03 -27.50
CA ALA D 60 -34.05 6.43 -26.68
C ALA D 60 -33.69 5.00 -26.30
N MET D 61 -33.13 4.22 -27.23
CA MET D 61 -32.85 2.82 -26.93
C MET D 61 -31.71 2.66 -25.92
N THR D 62 -30.67 3.49 -26.03
CA THR D 62 -29.54 3.29 -25.14
C THR D 62 -29.80 3.89 -23.76
N LYS D 63 -30.54 5.00 -23.69
CA LYS D 63 -31.02 5.51 -22.40
C LYS D 63 -31.81 4.44 -21.64
N ALA D 64 -32.73 3.77 -22.34
CA ALA D 64 -33.57 2.78 -21.68
C ALA D 64 -32.78 1.53 -21.35
N PHE D 65 -31.92 1.09 -22.26
CA PHE D 65 -31.04 -0.02 -21.94
C PHE D 65 -30.32 0.24 -20.61
N MET D 66 -29.74 1.43 -20.46
CA MET D 66 -28.93 1.65 -19.27
C MET D 66 -29.79 1.66 -18.01
N PHE D 67 -30.86 2.47 -18.00
CA PHE D 67 -31.66 2.59 -16.80
C PHE D 67 -32.42 1.32 -16.49
N THR D 68 -32.88 0.57 -17.49
CA THR D 68 -33.65 -0.62 -17.15
C THR D 68 -32.74 -1.78 -16.75
N THR D 69 -31.49 -1.80 -17.23
CA THR D 69 -30.53 -2.79 -16.72
C THR D 69 -30.13 -2.48 -15.29
N LEU D 70 -29.92 -1.19 -14.96
CA LEU D 70 -29.68 -0.81 -13.58
C LEU D 70 -30.87 -1.17 -12.70
N SER D 71 -32.08 -0.96 -13.21
CA SER D 71 -33.26 -1.38 -12.44
C SER D 71 -33.22 -2.89 -12.20
N GLY D 72 -32.97 -3.68 -13.25
CA GLY D 72 -32.93 -5.13 -13.06
C GLY D 72 -31.89 -5.58 -12.06
N LEU D 73 -30.75 -4.88 -12.02
CA LEU D 73 -29.71 -5.18 -11.04
C LEU D 73 -30.22 -4.98 -9.62
N GLY D 74 -30.95 -3.89 -9.39
CA GLY D 74 -31.56 -3.69 -8.07
C GLY D 74 -32.56 -4.77 -7.70
N VAL D 75 -33.32 -5.25 -8.68
CA VAL D 75 -34.24 -6.36 -8.45
C VAL D 75 -33.46 -7.60 -8.00
N MET D 76 -32.35 -7.90 -8.69
CA MET D 76 -31.49 -9.02 -8.29
C MET D 76 -30.94 -8.82 -6.88
N ALA D 77 -30.50 -7.59 -6.57
CA ALA D 77 -29.94 -7.32 -5.24
C ALA D 77 -30.97 -7.57 -4.15
N ARG D 78 -32.23 -7.22 -4.43
N ARG D 78 -32.24 -7.24 -4.42
CA ARG D 78 -33.32 -7.39 -3.47
CA ARG D 78 -33.26 -7.42 -3.40
C ARG D 78 -33.56 -8.88 -3.18
C ARG D 78 -33.56 -8.89 -3.16
N ARG D 79 -33.51 -9.71 -4.22
CA ARG D 79 -33.66 -11.16 -4.04
C ARG D 79 -32.47 -11.76 -3.29
N PHE D 80 -31.24 -11.34 -3.61
CA PHE D 80 -30.09 -11.81 -2.84
C PHE D 80 -30.26 -11.48 -1.38
N GLN D 81 -30.78 -10.30 -1.07
CA GLN D 81 -30.88 -9.93 0.34
C GLN D 81 -31.87 -10.81 1.10
N GLY D 82 -32.83 -11.41 0.41
CA GLY D 82 -33.72 -12.37 1.04
C GLY D 82 -33.06 -13.70 1.36
N GLN D 83 -31.84 -13.94 0.88
CA GLN D 83 -31.11 -15.17 1.14
C GLN D 83 -30.14 -14.96 2.30
N ASP D 84 -30.10 -15.93 3.21
CA ASP D 84 -29.17 -15.84 4.33
C ASP D 84 -27.72 -15.80 3.85
N ALA D 85 -27.41 -16.54 2.79
CA ALA D 85 -26.04 -16.65 2.30
C ALA D 85 -26.06 -16.92 0.80
N PRO D 86 -26.11 -15.85 -0.01
CA PRO D 86 -26.13 -16.05 -1.47
C PRO D 86 -24.91 -16.81 -1.97
N ASP D 87 -25.16 -17.62 -3.00
CA ASP D 87 -24.11 -18.48 -3.54
C ASP D 87 -23.08 -17.67 -4.34
N HIS D 88 -21.80 -17.95 -4.07
CA HIS D 88 -20.72 -17.15 -4.66
C HIS D 88 -20.71 -17.27 -6.17
N GLU D 89 -21.16 -18.40 -6.71
CA GLU D 89 -21.26 -18.55 -8.16
C GLU D 89 -22.20 -17.52 -8.76
N LEU D 90 -23.30 -17.22 -8.08
CA LEU D 90 -24.20 -16.21 -8.61
C LEU D 90 -23.66 -14.80 -8.35
N LEU D 91 -23.00 -14.61 -7.21
CA LEU D 91 -22.44 -13.31 -6.90
C LEU D 91 -21.35 -12.92 -7.90
N ALA D 92 -20.53 -13.89 -8.33
CA ALA D 92 -19.52 -13.62 -9.35
C ALA D 92 -20.14 -13.05 -10.63
N ALA D 93 -21.26 -13.62 -11.07
CA ALA D 93 -21.90 -13.12 -12.29
C ALA D 93 -22.61 -11.79 -12.07
N PHE D 94 -23.17 -11.59 -10.87
CA PHE D 94 -23.71 -10.29 -10.47
C PHE D 94 -22.63 -9.21 -10.51
N GLN D 95 -21.41 -9.53 -10.06
CA GLN D 95 -20.30 -8.59 -10.17
C GLN D 95 -20.04 -8.19 -11.62
N THR D 96 -20.14 -9.15 -12.53
CA THR D 96 -19.96 -8.85 -13.95
C THR D 96 -21.01 -7.87 -14.45
N VAL D 97 -22.29 -8.10 -14.09
CA VAL D 97 -23.36 -7.17 -14.46
C VAL D 97 -23.00 -5.76 -14.03
N TYR D 98 -22.64 -5.61 -12.77
CA TYR D 98 -22.34 -4.30 -12.21
C TYR D 98 -21.21 -3.61 -12.96
N GLN D 99 -20.17 -4.35 -13.30
CA GLN D 99 -19.01 -3.76 -13.95
C GLN D 99 -19.30 -3.33 -15.38
N VAL D 100 -20.00 -4.18 -16.13
CA VAL D 100 -20.26 -3.89 -17.53
C VAL D 100 -21.16 -2.67 -17.66
N ILE D 101 -22.25 -2.61 -16.88
CA ILE D 101 -23.17 -1.49 -17.02
C ILE D 101 -22.56 -0.21 -16.47
N GLY D 102 -21.55 -0.33 -15.59
CA GLY D 102 -20.82 0.84 -15.13
C GLY D 102 -20.02 1.56 -16.19
N ASP D 103 -19.72 0.90 -17.32
CA ASP D 103 -19.14 1.64 -18.44
C ASP D 103 -20.09 2.72 -18.92
N ASP D 104 -21.36 2.34 -19.15
CA ASP D 104 -22.36 3.29 -19.62
C ASP D 104 -22.67 4.39 -18.63
N LEU D 105 -22.65 4.08 -17.34
CA LEU D 105 -22.99 5.10 -16.36
C LEU D 105 -21.78 5.93 -15.96
N ASP D 106 -20.59 5.32 -15.90
CA ASP D 106 -19.44 5.94 -15.25
C ASP D 106 -18.13 5.83 -16.02
N ASN D 107 -18.14 5.24 -17.21
CA ASN D 107 -16.94 5.12 -18.04
C ASN D 107 -15.76 4.54 -17.26
N ALA D 108 -16.03 3.41 -16.60
CA ALA D 108 -15.04 2.74 -15.78
C ALA D 108 -13.88 2.20 -16.63
N ALA D 109 -14.18 1.56 -17.75
CA ALA D 109 -13.15 0.82 -18.49
C ALA D 109 -12.12 1.77 -19.07
N PRO D 110 -10.89 1.27 -19.30
CA PRO D 110 -9.82 2.12 -19.86
C PRO D 110 -10.16 2.83 -21.18
N ALA D 111 -10.71 2.10 -22.15
CA ALA D 111 -11.06 2.71 -23.44
C ALA D 111 -11.99 3.91 -23.26
N PHE D 112 -12.87 3.85 -22.26
CA PHE D 112 -13.77 4.97 -22.03
C PHE D 112 -13.15 6.02 -21.13
N ARG D 113 -12.41 5.59 -20.11
CA ARG D 113 -11.85 6.57 -19.17
C ARG D 113 -10.87 7.50 -19.86
N GLU D 114 -10.30 7.08 -21.01
CA GLU D 114 -9.31 7.92 -21.69
C GLU D 114 -9.93 9.11 -22.40
N VAL D 115 -11.19 9.00 -22.83
CA VAL D 115 -11.73 10.03 -23.74
C VAL D 115 -13.07 10.58 -23.28
N ALA D 116 -13.83 9.82 -22.50
CA ALA D 116 -15.20 10.25 -22.19
C ALA D 116 -15.18 11.48 -21.28
N PRO D 117 -16.08 12.44 -21.51
CA PRO D 117 -16.17 13.59 -20.60
C PRO D 117 -16.52 13.16 -19.18
N ARG D 118 -16.04 13.94 -18.22
CA ARG D 118 -16.28 13.63 -16.82
C ARG D 118 -17.71 13.97 -16.46
N GLY D 119 -18.22 13.35 -15.40
CA GLY D 119 -19.51 13.70 -14.88
C GLY D 119 -20.64 13.21 -15.77
N PRO D 120 -21.85 13.79 -15.60
CA PRO D 120 -23.01 13.29 -16.37
C PRO D 120 -22.90 13.50 -17.86
N ALA D 121 -22.06 14.43 -18.31
CA ALA D 121 -21.85 14.57 -19.74
C ALA D 121 -21.27 13.31 -20.35
N GLY D 122 -20.63 12.46 -19.55
CA GLY D 122 -20.08 11.21 -20.05
C GLY D 122 -21.03 10.02 -20.07
N ILE D 123 -22.19 10.13 -19.40
CA ILE D 123 -23.18 9.05 -19.47
C ILE D 123 -23.50 8.82 -20.94
N HIS D 124 -23.51 7.56 -21.33
CA HIS D 124 -23.39 7.29 -22.75
C HIS D 124 -24.57 7.84 -23.57
N TYR D 125 -25.80 7.77 -23.05
CA TYR D 125 -26.84 8.40 -23.86
C TYR D 125 -26.70 9.92 -23.87
N VAL D 126 -26.18 10.51 -22.79
CA VAL D 126 -25.93 11.95 -22.79
C VAL D 126 -24.79 12.29 -23.76
N TRP D 127 -23.61 11.65 -23.58
CA TRP D 127 -22.50 11.77 -24.52
C TRP D 127 -22.96 11.64 -25.97
N TRP D 128 -23.86 10.69 -26.24
CA TRP D 128 -24.41 10.54 -27.58
C TRP D 128 -25.23 11.77 -27.99
N GLU D 129 -26.14 12.21 -27.12
CA GLU D 129 -26.90 13.43 -27.38
C GLU D 129 -25.96 14.57 -27.75
N ASP D 130 -24.96 14.80 -26.89
CA ASP D 130 -24.12 15.99 -26.99
C ASP D 130 -23.21 15.94 -28.23
N THR D 131 -22.68 14.76 -28.61
CA THR D 131 -21.64 14.75 -29.62
C THR D 131 -22.02 14.08 -30.93
N VAL D 132 -23.21 13.47 -31.03
CA VAL D 132 -23.67 12.89 -32.29
C VAL D 132 -25.02 13.48 -32.70
N LEU D 133 -26.01 13.44 -31.80
CA LEU D 133 -27.36 13.86 -32.17
C LEU D 133 -27.40 15.36 -32.44
N LYS D 134 -26.97 16.17 -31.48
CA LYS D 134 -27.06 17.62 -31.65
C LYS D 134 -26.19 18.17 -32.78
N PRO D 135 -24.94 17.70 -33.00
CA PRO D 135 -24.21 18.13 -34.21
C PRO D 135 -24.91 17.81 -35.52
N VAL D 136 -25.53 16.63 -35.65
CA VAL D 136 -26.26 16.34 -36.89
C VAL D 136 -27.50 17.21 -37.00
N ALA D 137 -28.20 17.43 -35.88
CA ALA D 137 -29.46 18.15 -35.93
C ALA D 137 -29.28 19.60 -36.38
N ALA D 138 -28.07 20.13 -36.27
CA ALA D 138 -27.78 21.48 -36.74
C ALA D 138 -27.79 21.61 -38.26
N HIS D 139 -28.01 20.53 -39.00
CA HIS D 139 -28.03 20.51 -40.46
C HIS D 139 -29.36 20.01 -41.00
N VAL D 140 -30.40 20.14 -40.18
CA VAL D 140 -31.76 19.69 -40.53
C VAL D 140 -32.71 20.82 -40.18
N ALA D 141 -33.78 20.96 -40.98
CA ALA D 141 -34.71 22.06 -40.79
C ALA D 141 -35.73 21.74 -39.70
N GLU D 142 -36.22 22.80 -39.04
CA GLU D 142 -37.09 22.67 -37.87
C GLU D 142 -38.24 21.68 -38.09
N GLU D 143 -38.82 21.66 -39.30
CA GLU D 143 -39.94 20.74 -39.54
C GLU D 143 -39.46 19.30 -39.68
N ASP D 144 -38.26 19.10 -40.23
CA ASP D 144 -37.73 17.75 -40.37
C ASP D 144 -37.18 17.19 -39.06
N ARG D 145 -36.73 18.07 -38.14
CA ARG D 145 -36.32 17.60 -36.81
C ARG D 145 -37.48 16.95 -36.08
N GLN D 146 -38.68 17.52 -36.17
CA GLN D 146 -39.84 16.94 -35.49
C GLN D 146 -40.13 15.54 -36.00
N SER D 147 -40.13 15.34 -37.32
CA SER D 147 -40.45 14.03 -37.85
C SER D 147 -39.31 13.03 -37.63
N ALA D 148 -38.07 13.51 -37.62
CA ALA D 148 -36.94 12.62 -37.32
C ALA D 148 -37.05 12.03 -35.91
N ALA D 149 -37.70 12.76 -35.00
CA ALA D 149 -37.78 12.32 -33.61
C ALA D 149 -38.97 11.40 -33.33
N VAL D 150 -39.87 11.20 -34.29
CA VAL D 150 -40.98 10.28 -34.08
C VAL D 150 -40.47 8.85 -34.09
N LEU D 151 -40.75 8.10 -33.03
CA LEU D 151 -40.11 6.79 -33.03
C LEU D 151 -41.00 5.77 -33.73
N PRO D 152 -40.40 4.89 -34.53
CA PRO D 152 -41.17 3.78 -35.12
C PRO D 152 -41.73 2.88 -34.04
N ARG D 153 -42.81 2.16 -34.42
CA ARG D 153 -43.44 1.19 -33.53
C ARG D 153 -42.46 0.11 -33.09
N ALA D 154 -41.55 -0.30 -33.97
CA ALA D 154 -40.62 -1.37 -33.61
C ALA D 154 -39.64 -0.90 -32.54
N VAL D 155 -39.19 0.36 -32.62
CA VAL D 155 -38.39 0.97 -31.55
C VAL D 155 -39.20 1.01 -30.26
N THR D 156 -40.43 1.55 -30.32
CA THR D 156 -41.28 1.60 -29.13
C THR D 156 -41.50 0.21 -28.57
N GLY D 157 -41.67 -0.79 -29.44
CA GLY D 157 -41.76 -2.16 -28.97
C GLY D 157 -40.58 -2.60 -28.13
N LEU D 158 -39.36 -2.29 -28.58
CA LEU D 158 -38.16 -2.59 -27.80
C LEU D 158 -38.16 -1.85 -26.47
N LEU D 159 -38.44 -0.54 -26.50
CA LEU D 159 -38.49 0.25 -25.27
C LEU D 159 -39.46 -0.37 -24.27
N ASP D 160 -40.63 -0.80 -24.74
CA ASP D 160 -41.57 -1.46 -23.85
C ASP D 160 -41.02 -2.78 -23.34
N SER D 161 -40.36 -3.56 -24.21
CA SER D 161 -39.75 -4.79 -23.73
C SER D 161 -38.72 -4.52 -22.60
N MET D 162 -37.96 -3.44 -22.74
CA MET D 162 -36.98 -3.07 -21.71
C MET D 162 -37.65 -2.65 -20.42
N ASP D 163 -38.75 -1.88 -20.50
CA ASP D 163 -39.47 -1.49 -19.28
C ASP D 163 -39.98 -2.71 -18.52
N ARG D 164 -40.37 -3.77 -19.22
CA ARG D 164 -40.79 -4.97 -18.52
C ARG D 164 -39.62 -5.74 -17.94
N LEU D 165 -38.51 -5.85 -18.67
CA LEU D 165 -37.35 -6.52 -18.09
C LEU D 165 -36.77 -5.75 -16.90
N ALA D 166 -37.09 -4.46 -16.76
CA ALA D 166 -36.62 -3.68 -15.61
C ALA D 166 -37.04 -4.28 -14.28
N THR D 167 -38.15 -5.03 -14.22
CA THR D 167 -38.59 -5.65 -12.97
C THR D 167 -38.49 -7.17 -12.98
N HIS D 168 -37.94 -7.76 -14.03
CA HIS D 168 -37.77 -9.20 -14.14
C HIS D 168 -36.53 -9.65 -13.37
N PRO D 169 -36.63 -10.70 -12.54
CA PRO D 169 -35.45 -11.15 -11.78
C PRO D 169 -34.25 -11.56 -12.64
N LEU D 170 -34.44 -11.85 -13.93
CA LEU D 170 -33.33 -12.14 -14.81
C LEU D 170 -33.16 -11.06 -15.87
N GLY D 171 -33.92 -9.97 -15.78
CA GLY D 171 -33.95 -8.99 -16.86
C GLY D 171 -32.58 -8.42 -17.21
N ALA D 172 -31.76 -8.09 -16.20
CA ALA D 172 -30.46 -7.48 -16.46
C ALA D 172 -29.53 -8.44 -17.20
N ALA D 173 -29.55 -9.72 -16.80
CA ALA D 173 -28.72 -10.72 -17.48
C ALA D 173 -29.18 -10.97 -18.91
N VAL D 174 -30.48 -11.06 -19.13
CA VAL D 174 -31.01 -11.16 -20.50
C VAL D 174 -30.55 -9.99 -21.35
N GLN D 175 -30.77 -8.75 -20.88
CA GLN D 175 -30.42 -7.58 -21.69
C GLN D 175 -28.94 -7.56 -22.01
N LEU D 176 -28.09 -7.76 -21.01
CA LEU D 176 -26.64 -7.72 -21.24
C LEU D 176 -26.19 -8.86 -22.15
N ARG D 177 -26.76 -10.06 -21.96
CA ARG D 177 -26.39 -11.19 -22.80
C ARG D 177 -26.62 -10.89 -24.28
N VAL D 178 -27.79 -10.34 -24.62
CA VAL D 178 -28.09 -10.06 -26.01
C VAL D 178 -27.29 -8.84 -26.49
N VAL D 179 -27.28 -7.78 -25.69
CA VAL D 179 -26.78 -6.50 -26.17
C VAL D 179 -25.27 -6.56 -26.41
N GLU D 180 -24.51 -7.15 -25.49
CA GLU D 180 -23.07 -7.06 -25.68
C GLU D 180 -22.56 -8.04 -26.73
N ASP D 181 -23.42 -8.93 -27.23
CA ASP D 181 -23.09 -9.76 -28.39
C ASP D 181 -23.09 -8.93 -29.68
N ILE D 182 -23.97 -7.94 -29.78
CA ILE D 182 -24.21 -7.20 -31.00
C ILE D 182 -23.66 -5.78 -30.93
N ALA D 183 -23.09 -5.38 -29.80
CA ALA D 183 -22.65 -4.00 -29.63
C ALA D 183 -21.65 -3.59 -30.70
N LEU D 184 -20.70 -4.48 -31.02
CA LEU D 184 -19.58 -4.07 -31.89
C LEU D 184 -20.06 -3.79 -33.31
N ASP D 185 -20.98 -4.62 -33.82
CA ASP D 185 -21.50 -4.40 -35.17
C ASP D 185 -22.32 -3.12 -35.24
N ILE D 186 -23.16 -2.85 -34.23
CA ILE D 186 -23.85 -1.57 -34.15
C ILE D 186 -22.85 -0.43 -34.16
N ALA D 187 -21.81 -0.50 -33.31
CA ALA D 187 -20.87 0.62 -33.24
C ALA D 187 -20.09 0.79 -34.54
N VAL D 188 -19.75 -0.31 -35.21
CA VAL D 188 -19.08 -0.19 -36.51
C VAL D 188 -20.01 0.43 -37.54
N GLY D 189 -21.27 0.01 -37.57
CA GLY D 189 -22.26 0.68 -38.42
C GLY D 189 -22.29 2.18 -38.19
N PHE D 190 -22.39 2.60 -36.92
CA PHE D 190 -22.36 4.02 -36.60
C PHE D 190 -21.07 4.68 -37.10
N ARG D 191 -19.92 3.99 -36.98
CA ARG D 191 -18.68 4.56 -37.49
C ARG D 191 -18.77 4.82 -38.99
N ARG D 192 -19.37 3.88 -39.72
CA ARG D 192 -19.44 4.01 -41.17
C ARG D 192 -20.46 5.06 -41.59
N LEU D 193 -21.71 4.96 -41.11
CA LEU D 193 -22.73 5.87 -41.61
C LEU D 193 -22.46 7.32 -41.17
N TYR D 194 -22.01 7.52 -39.93
CA TYR D 194 -21.83 8.90 -39.48
C TYR D 194 -20.60 9.55 -40.09
N ALA D 195 -19.75 8.78 -40.76
CA ALA D 195 -18.69 9.34 -41.59
C ALA D 195 -19.17 9.69 -43.00
N LYS D 196 -20.31 9.14 -43.42
CA LYS D 196 -20.85 9.33 -44.76
C LYS D 196 -22.02 10.33 -44.82
N VAL D 197 -22.13 11.23 -43.85
CA VAL D 197 -23.27 12.15 -43.80
C VAL D 197 -22.97 13.35 -44.70
N GLU D 198 -23.68 13.45 -45.82
CA GLU D 198 -23.35 14.44 -46.85
C GLU D 198 -24.16 15.71 -46.65
N VAL D 199 -23.50 16.77 -46.22
CA VAL D 199 -24.05 18.12 -46.19
C VAL D 199 -23.28 18.95 -47.19
N PRO D 200 -23.93 19.70 -48.08
CA PRO D 200 -23.20 20.42 -49.13
C PRO D 200 -22.24 21.43 -48.54
N GLY D 201 -20.99 21.36 -48.96
CA GLY D 201 -20.01 22.35 -48.54
C GLY D 201 -19.70 22.33 -47.06
N THR D 202 -19.63 21.15 -46.46
CA THR D 202 -19.11 21.00 -45.11
C THR D 202 -18.79 19.54 -44.85
N THR D 203 -17.71 19.32 -44.10
CA THR D 203 -17.34 17.99 -43.62
C THR D 203 -17.84 17.83 -42.19
N LEU D 204 -18.72 16.85 -41.99
CA LEU D 204 -19.33 16.58 -40.70
C LEU D 204 -18.53 15.50 -39.97
N PHE D 205 -18.16 15.79 -38.71
CA PHE D 205 -17.36 14.89 -37.87
C PHE D 205 -15.95 14.71 -38.44
N ALA D 206 -15.36 15.81 -38.90
CA ALA D 206 -14.04 15.76 -39.54
C ALA D 206 -12.92 15.64 -38.52
N GLY D 207 -13.00 16.38 -37.41
CA GLY D 207 -11.99 16.37 -36.37
C GLY D 207 -11.63 14.97 -35.89
N ARG D 208 -10.38 14.80 -35.47
CA ARG D 208 -9.89 13.47 -35.11
C ARG D 208 -10.75 12.82 -34.04
N ASP D 209 -11.24 13.60 -33.07
CA ASP D 209 -11.97 13.07 -31.92
C ASP D 209 -13.47 13.32 -32.00
N ASP D 210 -14.01 13.57 -33.21
CA ASP D 210 -15.42 13.96 -33.34
C ASP D 210 -16.39 12.80 -33.12
N LEU D 211 -15.96 11.57 -33.37
CA LEU D 211 -16.75 10.38 -33.11
C LEU D 211 -16.13 9.55 -31.98
N ALA D 212 -15.58 10.20 -30.95
CA ALA D 212 -14.95 9.47 -29.85
C ALA D 212 -15.94 8.54 -29.16
N TRP D 213 -17.23 8.92 -29.12
CA TRP D 213 -18.26 7.99 -28.61
C TRP D 213 -18.16 6.66 -29.34
N VAL D 214 -18.13 6.71 -30.67
CA VAL D 214 -18.06 5.50 -31.47
C VAL D 214 -16.70 4.84 -31.33
N ASP D 215 -15.62 5.60 -31.47
CA ASP D 215 -14.28 5.01 -31.41
C ASP D 215 -14.06 4.28 -30.08
N SER D 216 -14.48 4.88 -28.95
CA SER D 216 -14.24 4.22 -27.68
C SER D 216 -15.06 2.94 -27.54
N HIS D 217 -16.31 2.93 -28.02
CA HIS D 217 -17.05 1.66 -27.95
C HIS D 217 -16.36 0.58 -28.77
N ILE D 218 -15.92 0.91 -29.99
CA ILE D 218 -15.27 -0.10 -30.82
C ILE D 218 -14.01 -0.64 -30.13
N LYS D 219 -13.21 0.25 -29.53
CA LYS D 219 -12.02 -0.20 -28.81
C LYS D 219 -12.39 -1.04 -27.59
N ALA D 220 -13.49 -0.69 -26.93
CA ALA D 220 -13.89 -1.43 -25.73
C ALA D 220 -14.49 -2.78 -26.07
N GLU D 221 -15.19 -2.92 -27.19
CA GLU D 221 -15.82 -4.20 -27.51
C GLU D 221 -14.75 -5.27 -27.76
N THR D 222 -15.26 -6.51 -27.91
CA THR D 222 -14.55 -7.79 -27.73
C THR D 222 -14.61 -8.18 -26.25
N MET D 223 -14.17 -7.28 -25.37
CA MET D 223 -14.10 -7.61 -23.96
C MET D 223 -15.49 -7.80 -23.35
N HIS D 224 -16.44 -6.90 -23.69
CA HIS D 224 -17.80 -7.02 -23.17
C HIS D 224 -18.53 -8.22 -23.74
N ALA D 225 -18.28 -8.56 -25.01
CA ALA D 225 -18.86 -9.80 -25.55
C ALA D 225 -18.32 -11.04 -24.84
N ALA D 226 -17.08 -10.96 -24.32
CA ALA D 226 -16.47 -12.07 -23.60
C ALA D 226 -16.66 -11.98 -22.08
N GLN D 227 -17.20 -10.87 -21.57
CA GLN D 227 -17.60 -10.85 -20.15
C GLN D 227 -18.98 -11.47 -19.96
N VAL D 228 -19.88 -11.24 -20.92
CA VAL D 228 -21.27 -11.69 -20.80
C VAL D 228 -21.50 -13.13 -21.28
N SER D 229 -20.59 -13.67 -22.09
CA SER D 229 -20.73 -15.04 -22.60
C SER D 229 -20.03 -16.06 -21.70
N GLU D 231 -18.65 -17.88 -19.25
CA GLU D 231 -17.87 -18.99 -18.71
C GLU D 231 -18.21 -19.21 -17.24
N ASP D 232 -17.37 -18.68 -16.33
CA ASP D 232 -17.67 -18.70 -14.91
C ASP D 232 -18.40 -17.45 -14.44
N THR D 233 -18.17 -16.32 -15.11
CA THR D 233 -18.78 -15.05 -14.71
C THR D 233 -19.65 -14.46 -15.83
N GLY D 234 -20.10 -15.31 -16.79
CA GLY D 234 -21.00 -14.88 -17.83
C GLY D 234 -22.46 -14.80 -17.39
N MET D 235 -23.30 -14.25 -18.27
CA MET D 235 -24.66 -13.87 -17.88
C MET D 235 -25.52 -15.08 -17.56
N THR D 236 -25.36 -16.19 -18.30
CA THR D 236 -26.13 -17.38 -17.99
C THR D 236 -25.76 -17.98 -16.64
N ARG D 237 -24.61 -17.59 -16.08
CA ARG D 237 -24.27 -18.06 -14.74
C ARG D 237 -25.12 -17.41 -13.66
N LEU D 238 -26.01 -16.49 -14.00
CA LEU D 238 -26.97 -16.00 -13.03
C LEU D 238 -28.21 -16.88 -12.96
N VAL D 239 -28.37 -17.82 -13.88
CA VAL D 239 -29.49 -18.75 -13.83
C VAL D 239 -29.21 -19.81 -12.77
N ALA D 240 -30.16 -19.98 -11.84
CA ALA D 240 -29.91 -20.83 -10.68
C ALA D 240 -30.42 -22.26 -10.81
N ASP D 241 -31.37 -22.53 -11.71
CA ASP D 241 -31.95 -23.86 -11.84
C ASP D 241 -32.62 -23.99 -13.20
N ARG D 242 -33.20 -25.18 -13.45
CA ARG D 242 -33.79 -25.48 -14.75
C ARG D 242 -34.99 -24.59 -15.06
N GLU D 243 -35.80 -24.27 -14.04
CA GLU D 243 -36.95 -23.40 -14.28
C GLU D 243 -36.52 -22.03 -14.75
N GLN D 244 -35.49 -21.45 -14.11
CA GLN D 244 -35.00 -20.15 -14.52
C GLN D 244 -34.32 -20.20 -15.87
N ALA D 245 -33.70 -21.34 -16.22
CA ALA D 245 -33.10 -21.44 -17.54
C ALA D 245 -34.15 -21.42 -18.64
N GLU D 246 -35.33 -21.98 -18.36
CA GLU D 246 -36.40 -21.91 -19.34
C GLU D 246 -36.91 -20.49 -19.49
N GLU D 247 -37.16 -19.81 -18.37
CA GLU D 247 -37.54 -18.40 -18.42
C GLU D 247 -36.49 -17.55 -19.16
N PHE D 248 -35.20 -17.81 -18.91
CA PHE D 248 -34.13 -17.05 -19.56
C PHE D 248 -34.18 -17.19 -21.07
N LEU D 249 -34.36 -18.42 -21.58
CA LEU D 249 -34.40 -18.62 -23.03
C LEU D 249 -35.61 -17.95 -23.65
N THR D 250 -36.79 -18.09 -23.04
CA THR D 250 -37.97 -17.46 -23.65
C THR D 250 -37.90 -15.95 -23.62
N ALA D 251 -37.31 -15.37 -22.55
CA ALA D 251 -37.13 -13.92 -22.53
C ALA D 251 -36.11 -13.47 -23.56
N VAL D 252 -35.01 -14.23 -23.70
CA VAL D 252 -34.02 -13.93 -24.73
C VAL D 252 -34.65 -13.92 -26.11
N ARG D 253 -35.50 -14.92 -26.39
CA ARG D 253 -36.11 -15.01 -27.70
C ARG D 253 -36.90 -13.75 -28.03
N GLU D 254 -37.79 -13.33 -27.13
CA GLU D 254 -38.62 -12.16 -27.41
C GLU D 254 -37.78 -10.88 -27.41
N TYR D 255 -36.85 -10.76 -26.46
CA TYR D 255 -36.00 -9.57 -26.43
C TYR D 255 -35.20 -9.42 -27.72
N ALA D 256 -34.62 -10.52 -28.20
CA ALA D 256 -33.82 -10.47 -29.42
C ALA D 256 -34.66 -10.10 -30.64
N ALA D 257 -35.91 -10.58 -30.72
CA ALA D 257 -36.80 -10.18 -31.82
C ALA D 257 -37.04 -8.68 -31.80
N HIS D 258 -37.30 -8.11 -30.62
CA HIS D 258 -37.54 -6.68 -30.53
C HIS D 258 -36.31 -5.89 -30.98
N TRP D 259 -35.12 -6.36 -30.62
CA TRP D 259 -33.90 -5.69 -31.08
C TRP D 259 -33.73 -5.83 -32.59
N SER D 260 -34.06 -7.00 -33.14
CA SER D 260 -33.92 -7.16 -34.58
C SER D 260 -34.84 -6.21 -35.32
N ALA D 261 -36.09 -6.12 -34.87
CA ALA D 261 -37.05 -5.21 -35.50
C ALA D 261 -36.61 -3.76 -35.38
N ALA D 262 -36.11 -3.36 -34.20
CA ALA D 262 -35.66 -1.98 -34.01
C ALA D 262 -34.52 -1.63 -34.95
N LEU D 263 -33.53 -2.52 -35.07
CA LEU D 263 -32.41 -2.21 -35.96
C LEU D 263 -32.85 -2.18 -37.43
N GLU D 264 -33.86 -2.99 -37.79
CA GLU D 264 -34.35 -3.00 -39.17
C GLU D 264 -34.91 -1.63 -39.59
N THR D 265 -35.41 -0.83 -38.64
CA THR D 265 -35.88 0.49 -39.00
C THR D 265 -34.73 1.44 -39.33
N TYR D 266 -33.53 1.17 -38.84
CA TYR D 266 -32.38 2.00 -39.19
C TYR D 266 -31.99 1.82 -40.65
N ALA D 267 -32.08 0.58 -41.16
CA ALA D 267 -31.80 0.37 -42.58
C ALA D 267 -32.87 1.03 -43.42
N GLN D 268 -34.13 0.96 -42.97
CA GLN D 268 -35.22 1.68 -43.64
C GLN D 268 -34.93 3.17 -43.76
N ALA D 269 -34.39 3.79 -42.71
CA ALA D 269 -34.13 5.23 -42.78
C ALA D 269 -32.92 5.54 -43.65
N LEU D 270 -31.92 4.65 -43.68
CA LEU D 270 -30.79 4.84 -44.58
C LEU D 270 -31.22 4.72 -46.04
N ARG D 271 -32.02 3.69 -46.35
CA ARG D 271 -32.48 3.47 -47.72
C ARG D 271 -33.34 4.62 -48.20
N ASP D 272 -34.38 4.97 -47.43
CA ASP D 272 -35.33 5.99 -47.83
C ASP D 272 -34.78 7.41 -47.68
N GLY D 273 -33.61 7.59 -47.07
CA GLY D 273 -33.12 8.93 -46.77
C GLY D 273 -34.00 9.70 -45.81
N HIS D 274 -34.90 9.00 -45.11
CA HIS D 274 -35.94 9.48 -44.19
C HIS D 274 -35.91 10.94 -43.76
N THR E 2 -1.48 -24.50 -15.80
CA THR E 2 -0.08 -24.11 -15.68
C THR E 2 0.67 -24.35 -17.00
N VAL E 3 1.65 -23.47 -17.28
CA VAL E 3 2.38 -23.53 -18.56
C VAL E 3 3.47 -24.60 -18.55
N ASN E 4 4.11 -24.85 -17.39
CA ASN E 4 5.29 -25.71 -17.32
C ASN E 4 4.96 -27.19 -17.14
N ALA E 5 3.79 -27.53 -16.58
CA ALA E 5 3.43 -28.91 -16.35
C ALA E 5 1.93 -29.07 -16.55
N LEU E 6 1.48 -30.32 -16.67
CA LEU E 6 0.05 -30.61 -16.67
C LEU E 6 -0.40 -30.62 -15.22
N ALA E 7 -1.01 -29.52 -14.79
CA ALA E 7 -1.36 -29.35 -13.39
C ALA E 7 -2.31 -30.45 -12.93
N LEU E 8 -2.20 -30.80 -11.65
CA LEU E 8 -3.21 -31.64 -11.04
C LEU E 8 -4.53 -30.89 -11.02
N SER E 9 -5.61 -31.61 -11.33
CA SER E 9 -6.94 -31.02 -11.21
C SER E 9 -7.28 -30.78 -9.74
N ALA E 10 -8.36 -30.02 -9.51
CA ALA E 10 -8.80 -29.77 -8.14
C ALA E 10 -9.09 -31.07 -7.40
N ALA E 11 -9.55 -32.11 -8.11
CA ALA E 11 -9.83 -33.39 -7.48
C ALA E 11 -8.57 -34.24 -7.30
N GLU E 12 -7.60 -34.14 -8.22
CA GLU E 12 -6.33 -34.82 -8.02
C GLU E 12 -5.52 -34.15 -6.91
N GLN E 13 -5.70 -32.84 -6.72
CA GLN E 13 -5.03 -32.15 -5.64
C GLN E 13 -5.59 -32.56 -4.29
N GLN E 14 -6.92 -32.66 -4.17
CA GLN E 14 -7.47 -33.09 -2.91
C GLN E 14 -7.24 -34.59 -2.67
N ASP E 15 -7.21 -35.39 -3.74
CA ASP E 15 -6.91 -36.81 -3.57
C ASP E 15 -5.45 -37.04 -3.16
N LEU E 16 -4.53 -36.22 -3.65
CA LEU E 16 -3.13 -36.35 -3.22
C LEU E 16 -2.96 -35.95 -1.77
N ASP E 17 -3.54 -34.81 -1.38
CA ASP E 17 -3.45 -34.36 0.01
C ASP E 17 -3.96 -35.42 0.96
N ALA E 18 -5.16 -35.96 0.69
CA ALA E 18 -5.76 -36.95 1.57
C ALA E 18 -4.88 -38.19 1.67
N ARG E 19 -4.31 -38.63 0.55
CA ARG E 19 -3.40 -39.77 0.59
C ARG E 19 -2.16 -39.48 1.42
N VAL E 20 -1.71 -38.23 1.45
CA VAL E 20 -0.56 -37.87 2.28
C VAL E 20 -0.94 -37.92 3.75
N GLY E 21 -2.10 -37.36 4.11
CA GLY E 21 -2.56 -37.44 5.49
C GLY E 21 -2.73 -38.88 5.97
N LYS E 22 -3.28 -39.74 5.12
CA LYS E 22 -3.46 -41.14 5.49
C LYS E 22 -2.14 -41.90 5.49
N GLU E 23 -1.13 -41.40 4.78
CA GLU E 23 0.19 -42.02 4.86
C GLU E 23 0.88 -41.69 6.19
N ILE E 24 0.63 -40.50 6.73
CA ILE E 24 1.20 -40.12 8.01
C ILE E 24 0.49 -40.85 9.14
N ASP E 25 -0.82 -41.09 8.98
CA ASP E 25 -1.57 -41.88 9.96
C ASP E 25 -1.00 -43.28 10.11
N ALA E 26 -0.90 -44.02 8.99
CA ALA E 26 -0.35 -45.37 9.00
C ALA E 26 1.12 -45.42 9.40
N ALA E 27 1.80 -44.29 9.46
CA ALA E 27 3.16 -44.28 9.96
C ALA E 27 3.21 -44.27 11.49
N ARG E 28 2.05 -44.19 12.15
CA ARG E 28 1.96 -44.13 13.62
C ARG E 28 2.59 -42.86 14.16
N LEU E 29 2.23 -41.73 13.56
CA LEU E 29 2.83 -40.44 13.92
C LEU E 29 1.83 -39.49 14.53
N ARG E 30 0.55 -39.84 14.62
CA ARG E 30 -0.43 -38.91 15.14
C ARG E 30 -0.37 -38.84 16.67
N ARG E 31 -1.06 -37.83 17.21
CA ARG E 31 -1.00 -37.53 18.64
C ARG E 31 -1.47 -38.70 19.49
N ALA E 32 -2.31 -39.57 18.93
CA ALA E 32 -2.84 -40.70 19.66
C ALA E 32 -2.03 -41.98 19.48
N ASP E 33 -1.26 -42.11 18.41
CA ASP E 33 -0.73 -43.41 18.03
C ASP E 33 0.77 -43.57 18.19
N ASN E 34 1.50 -42.50 18.50
CA ASN E 34 2.96 -42.59 18.47
C ASN E 34 3.52 -42.90 19.86
N ALA E 35 4.45 -43.85 19.91
CA ALA E 35 4.95 -44.35 21.18
C ALA E 35 5.68 -43.27 21.98
N PHE E 36 6.38 -42.35 21.32
CA PHE E 36 7.09 -41.33 22.08
C PHE E 36 6.12 -40.36 22.76
N PHE E 37 5.04 -40.01 22.06
CA PHE E 37 4.08 -39.08 22.64
C PHE E 37 3.31 -39.74 23.78
N GLY E 38 3.04 -41.04 23.66
CA GLY E 38 2.48 -41.77 24.79
C GLY E 38 3.40 -41.79 26.00
N GLU E 39 4.65 -42.23 25.81
CA GLU E 39 5.57 -42.31 26.93
C GLU E 39 5.73 -40.97 27.62
N ALA E 40 5.92 -39.91 26.83
CA ALA E 40 6.03 -38.57 27.42
C ALA E 40 4.76 -38.22 28.18
N ARG E 41 3.64 -38.83 27.80
CA ARG E 41 2.33 -38.63 28.40
C ARG E 41 2.13 -39.45 29.68
N LYS E 42 2.94 -40.51 29.88
CA LYS E 42 2.84 -41.32 31.08
C LYS E 42 3.28 -40.58 32.33
N ALA E 43 3.77 -39.35 32.19
CA ALA E 43 4.11 -38.49 33.32
C ALA E 43 5.08 -39.17 34.30
N GLU E 44 5.87 -40.13 33.82
CA GLU E 44 6.83 -40.77 34.68
C GLU E 44 8.06 -39.88 34.88
N SER E 45 8.91 -40.29 35.82
CA SER E 45 10.13 -39.55 36.08
C SER E 45 11.24 -39.98 35.12
N VAL E 46 12.13 -39.04 34.80
CA VAL E 46 13.11 -39.19 33.73
C VAL E 46 14.52 -38.99 34.28
N THR E 47 15.41 -39.94 34.00
CA THR E 47 16.80 -39.80 34.43
C THR E 47 17.50 -38.79 33.54
N PRO E 48 18.55 -38.14 34.06
CA PRO E 48 19.33 -37.23 33.19
C PRO E 48 20.00 -37.95 32.03
N GLU E 49 20.32 -39.24 32.17
CA GLU E 49 21.01 -39.97 31.11
C GLU E 49 20.06 -40.29 29.95
N ALA E 50 18.81 -40.63 30.25
CA ALA E 50 17.83 -40.82 29.19
C ALA E 50 17.48 -39.49 28.53
N ALA E 51 17.44 -38.41 29.32
CA ALA E 51 17.18 -37.08 28.78
C ALA E 51 18.33 -36.61 27.90
N LEU E 52 19.56 -36.95 28.29
CA LEU E 52 20.73 -36.62 27.47
C LEU E 52 20.74 -37.43 26.18
N ALA E 53 20.41 -38.71 26.27
CA ALA E 53 20.34 -39.53 25.06
C ALA E 53 19.37 -38.94 24.06
N ILE E 54 18.20 -38.51 24.53
CA ILE E 54 17.20 -37.94 23.62
C ILE E 54 17.69 -36.63 23.04
N ALA E 55 18.38 -35.81 23.86
CA ALA E 55 18.89 -34.54 23.39
C ALA E 55 19.94 -34.73 22.29
N HIS E 56 20.79 -35.75 22.41
CA HIS E 56 21.78 -36.00 21.35
C HIS E 56 21.08 -36.47 20.09
N ARG E 57 20.11 -37.36 20.21
CA ARG E 57 19.37 -37.74 19.02
C ARG E 57 18.69 -36.54 18.38
N TRP E 58 18.15 -35.62 19.20
CA TRP E 58 17.40 -34.50 18.63
C TRP E 58 18.34 -33.49 17.99
N ARG E 59 19.45 -33.17 18.66
CA ARG E 59 20.47 -32.34 18.06
C ARG E 59 20.78 -32.78 16.64
N ALA E 60 20.99 -34.08 16.45
CA ALA E 60 21.41 -34.56 15.13
C ALA E 60 20.24 -34.56 14.15
N MET E 61 19.04 -34.95 14.62
CA MET E 61 17.92 -34.96 13.69
C MET E 61 17.52 -33.54 13.25
N THR E 62 17.52 -32.57 14.18
CA THR E 62 17.07 -31.23 13.80
C THR E 62 18.15 -30.47 13.03
N LYS E 63 19.42 -30.71 13.33
CA LYS E 63 20.49 -30.15 12.52
C LYS E 63 20.37 -30.64 11.08
N ALA E 64 20.22 -31.94 10.91
CA ALA E 64 20.09 -32.53 9.57
C ALA E 64 18.83 -32.06 8.87
N PHE E 65 17.70 -32.03 9.59
CA PHE E 65 16.47 -31.54 8.99
C PHE E 65 16.66 -30.16 8.38
N MET E 66 17.37 -29.26 9.08
CA MET E 66 17.48 -27.89 8.62
C MET E 66 18.40 -27.77 7.42
N PHE E 67 19.60 -28.33 7.51
CA PHE E 67 20.56 -28.24 6.41
C PHE E 67 20.09 -28.99 5.17
N THR E 68 19.50 -30.18 5.34
CA THR E 68 19.09 -30.92 4.15
C THR E 68 17.83 -30.33 3.55
N THR E 69 16.99 -29.68 4.34
CA THR E 69 15.85 -28.96 3.78
C THR E 69 16.32 -27.76 2.95
N LEU E 70 17.29 -27.00 3.43
CA LEU E 70 17.83 -25.92 2.61
C LEU E 70 18.50 -26.46 1.36
N SER E 71 19.21 -27.59 1.47
CA SER E 71 19.76 -28.21 0.27
C SER E 71 18.66 -28.49 -0.74
N GLY E 72 17.51 -28.98 -0.28
CA GLY E 72 16.43 -29.29 -1.21
C GLY E 72 15.83 -28.05 -1.85
N LEU E 73 15.75 -26.96 -1.09
CA LEU E 73 15.38 -25.67 -1.64
C LEU E 73 16.27 -25.27 -2.81
N GLY E 74 17.59 -25.42 -2.63
CA GLY E 74 18.52 -25.10 -3.70
C GLY E 74 18.32 -25.94 -4.94
N VAL E 75 17.96 -27.22 -4.75
CA VAL E 75 17.68 -28.08 -5.90
C VAL E 75 16.46 -27.60 -6.65
N MET E 76 15.39 -27.26 -5.92
CA MET E 76 14.21 -26.69 -6.55
C MET E 76 14.58 -25.41 -7.29
N ALA E 77 15.36 -24.54 -6.65
CA ALA E 77 15.72 -23.27 -7.28
C ALA E 77 16.43 -23.50 -8.61
N ARG E 78 17.32 -24.50 -8.66
CA ARG E 78 18.04 -24.83 -9.88
C ARG E 78 17.07 -25.29 -10.97
N ARG E 79 16.03 -26.02 -10.59
CA ARG E 79 15.06 -26.46 -11.59
C ARG E 79 14.17 -25.31 -12.04
N PHE E 80 13.77 -24.42 -11.12
CA PHE E 80 12.99 -23.26 -11.52
C PHE E 80 13.74 -22.43 -12.55
N GLN E 81 15.06 -22.30 -12.37
CA GLN E 81 15.84 -21.46 -13.26
C GLN E 81 15.96 -22.04 -14.67
N GLY E 82 15.81 -23.37 -14.82
CA GLY E 82 15.71 -23.98 -16.15
C GLY E 82 14.40 -23.73 -16.87
N GLN E 83 13.47 -23.04 -16.26
CA GLN E 83 12.17 -22.74 -16.86
C GLN E 83 12.11 -21.26 -17.20
N ASP E 84 11.55 -20.94 -18.37
CA ASP E 84 11.49 -19.56 -18.79
C ASP E 84 10.60 -18.73 -17.87
N ALA E 85 9.49 -19.31 -17.41
CA ALA E 85 8.54 -18.57 -16.59
C ALA E 85 7.88 -19.53 -15.61
N PRO E 86 8.53 -19.78 -14.45
CA PRO E 86 7.95 -20.71 -13.47
C PRO E 86 6.52 -20.34 -13.10
N ASP E 87 5.70 -21.34 -12.84
CA ASP E 87 4.30 -21.04 -12.53
C ASP E 87 4.20 -20.41 -11.16
N HIS E 88 3.36 -19.38 -11.07
CA HIS E 88 3.25 -18.63 -9.82
C HIS E 88 2.67 -19.48 -8.70
N GLU E 89 1.83 -20.46 -9.04
CA GLU E 89 1.29 -21.37 -8.05
C GLU E 89 2.40 -22.17 -7.39
N LEU E 90 3.42 -22.56 -8.15
CA LEU E 90 4.54 -23.26 -7.52
C LEU E 90 5.44 -22.29 -6.78
N LEU E 91 5.62 -21.07 -7.29
CA LEU E 91 6.42 -20.08 -6.56
C LEU E 91 5.81 -19.73 -5.21
N ALA E 92 4.48 -19.75 -5.09
CA ALA E 92 3.85 -19.42 -3.81
C ALA E 92 4.22 -20.43 -2.75
N ALA E 93 4.27 -21.71 -3.10
CA ALA E 93 4.65 -22.75 -2.15
C ALA E 93 6.15 -22.74 -1.88
N PHE E 94 6.95 -22.46 -2.92
CA PHE E 94 8.38 -22.27 -2.76
C PHE E 94 8.65 -21.16 -1.72
N GLN E 95 7.90 -20.06 -1.79
CA GLN E 95 8.02 -18.99 -0.80
C GLN E 95 7.73 -19.50 0.60
N THR E 96 6.71 -20.38 0.72
CA THR E 96 6.34 -20.92 2.02
C THR E 96 7.47 -21.74 2.62
N VAL E 97 8.13 -22.57 1.81
CA VAL E 97 9.25 -23.37 2.29
C VAL E 97 10.34 -22.48 2.81
N TYR E 98 10.68 -21.44 2.04
CA TYR E 98 11.75 -20.53 2.45
C TYR E 98 11.43 -19.87 3.78
N GLN E 99 10.18 -19.46 3.97
CA GLN E 99 9.83 -18.76 5.20
C GLN E 99 9.82 -19.72 6.39
N VAL E 100 9.24 -20.90 6.22
CA VAL E 100 9.13 -21.80 7.36
C VAL E 100 10.51 -22.30 7.80
N ILE E 101 11.41 -22.60 6.85
CA ILE E 101 12.75 -23.03 7.25
C ILE E 101 13.58 -21.86 7.77
N GLY E 102 13.20 -20.62 7.41
CA GLY E 102 13.90 -19.47 7.97
C GLY E 102 13.71 -19.31 9.47
N ASP E 103 12.64 -19.87 10.03
CA ASP E 103 12.48 -19.90 11.48
C ASP E 103 13.68 -20.55 12.14
N ASP E 104 14.02 -21.77 11.70
CA ASP E 104 15.12 -22.55 12.24
C ASP E 104 16.46 -21.86 12.06
N LEU E 105 16.63 -21.12 10.95
CA LEU E 105 17.92 -20.54 10.66
C LEU E 105 18.04 -19.12 11.19
N ASP E 106 16.94 -18.40 11.32
CA ASP E 106 17.00 -16.96 11.53
C ASP E 106 15.98 -16.43 12.54
N ASN E 107 15.10 -17.28 13.06
CA ASN E 107 14.08 -16.86 14.04
C ASN E 107 13.22 -15.71 13.51
N ALA E 108 12.75 -15.83 12.27
CA ALA E 108 11.90 -14.80 11.68
C ALA E 108 10.59 -14.64 12.47
N ALA E 109 9.76 -15.68 12.51
CA ALA E 109 8.43 -15.68 13.14
C ALA E 109 8.42 -15.01 14.50
N PRO E 110 7.32 -14.30 14.86
CA PRO E 110 7.35 -13.49 16.10
C PRO E 110 7.53 -14.30 17.38
N ALA E 111 6.99 -15.52 17.45
CA ALA E 111 7.23 -16.39 18.61
C ALA E 111 8.72 -16.56 18.90
N PHE E 112 9.55 -16.59 17.86
CA PHE E 112 10.97 -16.85 18.02
C PHE E 112 11.77 -15.59 18.19
N ARG E 113 11.47 -14.54 17.42
CA ARG E 113 12.35 -13.37 17.40
C ARG E 113 12.40 -12.70 18.76
N GLU E 114 11.38 -12.88 19.60
CA GLU E 114 11.33 -12.23 20.90
C GLU E 114 11.93 -13.06 22.03
N VAL E 115 12.29 -14.33 21.80
CA VAL E 115 12.91 -15.14 22.84
C VAL E 115 14.24 -15.75 22.42
N ALA E 116 14.54 -15.88 21.11
CA ALA E 116 15.72 -16.58 20.68
C ALA E 116 16.95 -15.67 20.76
N PRO E 117 18.12 -16.25 21.05
CA PRO E 117 19.37 -15.46 20.98
C PRO E 117 19.58 -14.91 19.57
N ARG E 118 20.36 -13.83 19.49
CA ARG E 118 20.68 -13.27 18.18
C ARG E 118 21.82 -14.06 17.52
N GLY E 119 21.93 -13.94 16.20
CA GLY E 119 23.02 -14.53 15.46
C GLY E 119 23.04 -16.04 15.49
N PRO E 120 24.21 -16.64 15.29
CA PRO E 120 24.28 -18.10 15.14
C PRO E 120 23.92 -18.89 16.39
N ALA E 121 24.05 -18.29 17.59
CA ALA E 121 23.56 -18.97 18.78
C ALA E 121 22.05 -19.18 18.73
N GLY E 122 21.33 -18.42 17.90
CA GLY E 122 19.90 -18.66 17.81
C GLY E 122 19.47 -19.72 16.80
N ILE E 123 20.39 -20.26 15.99
CA ILE E 123 20.02 -21.34 15.06
C ILE E 123 19.52 -22.49 15.89
N HIS E 124 18.40 -23.09 15.47
CA HIS E 124 17.64 -23.88 16.44
C HIS E 124 18.39 -25.11 16.93
N TYR E 125 19.24 -25.74 16.11
CA TYR E 125 19.99 -26.88 16.66
C TYR E 125 21.10 -26.40 17.60
N VAL E 126 21.65 -25.21 17.36
CA VAL E 126 22.66 -24.64 18.25
C VAL E 126 22.03 -24.17 19.55
N TRP E 127 20.83 -23.61 19.45
CA TRP E 127 20.09 -23.16 20.62
C TRP E 127 19.67 -24.35 21.48
N TRP E 128 19.28 -25.44 20.85
CA TRP E 128 18.98 -26.67 21.58
C TRP E 128 20.24 -27.22 22.26
N GLU E 129 21.39 -27.14 21.58
CA GLU E 129 22.66 -27.54 22.19
C GLU E 129 22.94 -26.77 23.46
N ASP E 130 22.74 -25.45 23.40
CA ASP E 130 23.21 -24.55 24.45
C ASP E 130 22.29 -24.52 25.67
N THR E 131 21.00 -24.74 25.49
CA THR E 131 20.05 -24.54 26.57
C THR E 131 19.35 -25.79 27.02
N VAL E 132 19.41 -26.89 26.27
CA VAL E 132 18.77 -28.14 26.64
C VAL E 132 19.79 -29.25 26.83
N LEU E 133 20.69 -29.42 25.86
CA LEU E 133 21.62 -30.54 25.92
C LEU E 133 22.68 -30.32 26.98
N LYS E 134 23.38 -29.18 26.93
CA LYS E 134 24.52 -28.93 27.80
C LYS E 134 24.11 -28.77 29.27
N PRO E 135 22.98 -28.13 29.58
CA PRO E 135 22.49 -28.19 30.97
C PRO E 135 22.28 -29.61 31.47
N VAL E 136 21.61 -30.46 30.70
CA VAL E 136 21.38 -31.85 31.13
C VAL E 136 22.69 -32.62 31.24
N ALA E 137 23.66 -32.30 30.38
CA ALA E 137 24.92 -33.05 30.36
C ALA E 137 25.73 -32.85 31.64
N ALA E 138 25.68 -31.65 32.22
CA ALA E 138 26.49 -31.37 33.40
C ALA E 138 26.05 -32.14 34.64
N HIS E 139 24.91 -32.84 34.58
CA HIS E 139 24.44 -33.73 35.63
C HIS E 139 24.57 -35.20 35.23
N VAL E 140 25.34 -35.49 34.19
CA VAL E 140 25.62 -36.85 33.77
C VAL E 140 27.11 -37.08 33.92
N ALA E 141 27.48 -38.26 34.44
CA ALA E 141 28.87 -38.60 34.66
C ALA E 141 29.61 -38.77 33.33
N GLU E 142 30.92 -38.50 33.36
CA GLU E 142 31.73 -38.49 32.15
C GLU E 142 31.60 -39.78 31.34
N GLU E 143 31.65 -40.94 32.01
CA GLU E 143 31.55 -42.21 31.28
C GLU E 143 30.19 -42.35 30.60
N ASP E 144 29.14 -41.81 31.23
CA ASP E 144 27.78 -41.97 30.72
C ASP E 144 27.47 -41.02 29.57
N ARG E 145 28.14 -39.87 29.49
CA ARG E 145 27.94 -38.94 28.37
C ARG E 145 28.25 -39.61 27.04
N GLN E 146 29.38 -40.32 26.97
CA GLN E 146 29.78 -40.96 25.72
C GLN E 146 28.72 -41.93 25.21
N SER E 147 28.17 -42.76 26.09
CA SER E 147 27.16 -43.72 25.64
C SER E 147 25.84 -43.02 25.30
N ALA E 148 25.55 -41.87 25.95
CA ALA E 148 24.37 -41.08 25.60
C ALA E 148 24.44 -40.53 24.19
N ALA E 149 25.66 -40.24 23.71
CA ALA E 149 25.83 -39.64 22.39
C ALA E 149 25.72 -40.66 21.26
N VAL E 150 25.72 -41.96 21.56
CA VAL E 150 25.78 -42.97 20.51
C VAL E 150 24.40 -43.10 19.87
N LEU E 151 24.32 -42.95 18.54
CA LEU E 151 23.00 -42.85 17.96
C LEU E 151 22.46 -44.22 17.58
N PRO E 152 21.23 -44.57 17.96
CA PRO E 152 20.65 -45.84 17.51
C PRO E 152 20.56 -45.85 15.99
N ARG E 153 20.50 -47.06 15.43
CA ARG E 153 20.51 -47.15 13.97
C ARG E 153 19.21 -46.63 13.36
N ALA E 154 18.09 -46.69 14.10
CA ALA E 154 16.87 -46.06 13.59
C ALA E 154 17.04 -44.56 13.41
N VAL E 155 17.80 -43.90 14.28
CA VAL E 155 18.05 -42.47 14.13
C VAL E 155 18.97 -42.21 12.93
N THR E 156 20.06 -42.98 12.81
CA THR E 156 20.95 -42.81 11.67
C THR E 156 20.24 -43.19 10.38
N GLY E 157 19.30 -44.13 10.43
CA GLY E 157 18.50 -44.43 9.25
C GLY E 157 17.71 -43.22 8.78
N LEU E 158 17.19 -42.42 9.74
CA LEU E 158 16.52 -41.17 9.38
C LEU E 158 17.51 -40.14 8.85
N LEU E 159 18.66 -40.00 9.49
CA LEU E 159 19.68 -39.08 8.99
C LEU E 159 20.06 -39.40 7.53
N ASP E 160 20.25 -40.68 7.20
CA ASP E 160 20.59 -41.03 5.82
C ASP E 160 19.46 -40.68 4.85
N SER E 161 18.20 -40.87 5.27
CA SER E 161 17.08 -40.56 4.38
C SER E 161 17.00 -39.05 4.11
N MET E 162 17.25 -38.24 5.13
CA MET E 162 17.37 -36.79 4.95
C MET E 162 18.51 -36.44 3.99
N ASP E 163 19.64 -37.15 4.11
CA ASP E 163 20.76 -36.87 3.21
C ASP E 163 20.41 -37.20 1.76
N ARG E 164 19.61 -38.25 1.56
CA ARG E 164 19.12 -38.53 0.21
C ARG E 164 18.07 -37.50 -0.24
N LEU E 165 17.22 -37.01 0.68
CA LEU E 165 16.25 -36.01 0.24
C LEU E 165 16.89 -34.64 -0.01
N ALA E 166 18.08 -34.40 0.54
CA ALA E 166 18.82 -33.16 0.31
C ALA E 166 19.06 -32.87 -1.17
N THR E 167 19.07 -33.90 -2.02
CA THR E 167 19.28 -33.70 -3.46
C THR E 167 18.09 -34.20 -4.26
N HIS E 168 16.96 -34.42 -3.61
CA HIS E 168 15.76 -34.80 -4.34
C HIS E 168 14.97 -33.55 -4.73
N PRO E 169 14.40 -33.52 -5.94
CA PRO E 169 13.65 -32.32 -6.39
C PRO E 169 12.31 -32.07 -5.70
N LEU E 170 11.74 -33.03 -4.98
CA LEU E 170 10.64 -32.73 -4.07
C LEU E 170 11.05 -32.91 -2.61
N GLY E 171 12.35 -33.03 -2.35
CA GLY E 171 12.82 -33.37 -1.02
C GLY E 171 12.39 -32.38 0.04
N ALA E 172 12.53 -31.07 -0.24
CA ALA E 172 12.17 -30.07 0.76
C ALA E 172 10.68 -30.09 1.06
N ALA E 173 9.87 -30.35 0.03
CA ALA E 173 8.43 -30.39 0.21
C ALA E 173 8.01 -31.62 1.01
N VAL E 174 8.64 -32.76 0.77
CA VAL E 174 8.36 -33.96 1.55
C VAL E 174 8.72 -33.74 3.02
N GLN E 175 9.94 -33.25 3.28
CA GLN E 175 10.34 -33.12 4.68
C GLN E 175 9.42 -32.15 5.43
N LEU E 176 9.13 -31.00 4.85
CA LEU E 176 8.31 -30.05 5.59
C LEU E 176 6.90 -30.60 5.77
N ARG E 177 6.37 -31.30 4.76
CA ARG E 177 5.01 -31.78 4.84
C ARG E 177 4.82 -32.73 6.02
N VAL E 178 5.79 -33.62 6.26
CA VAL E 178 5.72 -34.57 7.37
C VAL E 178 6.05 -33.90 8.70
N VAL E 179 7.17 -33.18 8.76
CA VAL E 179 7.60 -32.56 10.01
C VAL E 179 6.60 -31.50 10.47
N GLU E 180 5.97 -30.81 9.50
CA GLU E 180 4.90 -29.85 9.79
C GLU E 180 3.88 -30.44 10.75
N ASP E 181 3.43 -31.66 10.45
CA ASP E 181 2.34 -32.29 11.19
C ASP E 181 2.77 -32.71 12.59
N ILE E 182 3.99 -33.20 12.74
CA ILE E 182 4.41 -33.80 14.01
C ILE E 182 5.16 -32.85 14.90
N ALA E 183 5.35 -31.60 14.45
CA ALA E 183 6.24 -30.68 15.15
C ALA E 183 5.67 -30.27 16.52
N LEU E 184 4.35 -30.07 16.61
CA LEU E 184 3.77 -29.64 17.87
C LEU E 184 3.81 -30.76 18.90
N ASP E 185 3.40 -31.97 18.50
CA ASP E 185 3.41 -33.11 19.43
C ASP E 185 4.81 -33.44 19.94
N ILE E 186 5.85 -33.21 19.13
CA ILE E 186 7.20 -33.44 19.61
C ILE E 186 7.57 -32.42 20.68
N ALA E 187 7.25 -31.14 20.45
CA ALA E 187 7.64 -30.08 21.38
C ALA E 187 6.89 -30.18 22.71
N VAL E 188 5.62 -30.59 22.69
CA VAL E 188 4.93 -30.80 23.96
C VAL E 188 5.52 -32.00 24.67
N GLY E 189 5.71 -33.12 23.94
CA GLY E 189 6.43 -34.25 24.47
C GLY E 189 7.76 -33.86 25.09
N PHE E 190 8.40 -32.82 24.55
CA PHE E 190 9.61 -32.27 25.15
C PHE E 190 9.31 -31.46 26.41
N ARG E 191 8.22 -30.70 26.42
CA ARG E 191 7.83 -29.98 27.63
C ARG E 191 7.55 -30.95 28.76
N ARG E 192 6.79 -32.01 28.48
CA ARG E 192 6.46 -33.00 29.50
C ARG E 192 7.67 -33.81 29.96
N LEU E 193 8.71 -33.93 29.14
CA LEU E 193 9.86 -34.76 29.45
C LEU E 193 10.91 -34.01 30.26
N TYR E 194 11.26 -32.81 29.83
CA TYR E 194 12.42 -32.10 30.35
C TYR E 194 12.15 -31.29 31.61
N ALA E 195 10.88 -31.05 31.97
CA ALA E 195 10.54 -30.48 33.26
C ALA E 195 10.34 -31.56 34.33
N LYS E 196 10.58 -32.83 33.99
CA LYS E 196 10.50 -33.93 34.95
C LYS E 196 11.79 -34.73 35.00
N VAL E 197 12.93 -34.06 34.81
CA VAL E 197 14.24 -34.71 34.81
C VAL E 197 14.76 -34.75 36.25
N GLU E 198 14.94 -35.95 36.77
CA GLU E 198 15.19 -36.17 38.19
C GLU E 198 16.69 -36.10 38.47
N VAL E 199 17.10 -35.05 39.17
CA VAL E 199 18.44 -34.98 39.76
C VAL E 199 18.24 -34.76 41.26
N PRO E 200 18.85 -35.59 42.11
CA PRO E 200 18.57 -35.51 43.55
C PRO E 200 18.90 -34.14 44.13
N GLY E 201 17.98 -33.61 44.93
CA GLY E 201 18.19 -32.31 45.52
C GLY E 201 17.60 -31.18 44.70
N THR E 202 18.28 -30.78 43.63
CA THR E 202 17.90 -29.64 42.82
C THR E 202 16.90 -30.02 41.73
N THR E 203 16.14 -29.04 41.28
CA THR E 203 15.16 -29.20 40.21
C THR E 203 15.70 -28.58 38.93
N LEU E 204 15.64 -29.35 37.84
CA LEU E 204 16.21 -28.93 36.57
C LEU E 204 15.14 -28.30 35.69
N PHE E 205 15.46 -27.14 35.11
CA PHE E 205 14.58 -26.41 34.18
C PHE E 205 13.34 -25.86 34.88
N ALA E 206 13.55 -25.29 36.07
CA ALA E 206 12.46 -24.60 36.77
C ALA E 206 12.46 -23.09 36.53
N GLY E 207 13.60 -22.51 36.15
CA GLY E 207 13.71 -21.10 35.83
C GLY E 207 12.64 -20.60 34.87
N ARG E 208 12.40 -19.28 34.88
CA ARG E 208 11.28 -18.73 34.14
C ARG E 208 11.41 -19.02 32.65
N ASP E 209 12.56 -18.65 32.06
CA ASP E 209 12.80 -18.86 30.65
C ASP E 209 13.90 -19.89 30.45
N ASP E 210 13.76 -21.06 31.10
CA ASP E 210 14.76 -22.11 30.98
C ASP E 210 14.54 -22.99 29.77
N LEU E 211 13.27 -23.19 29.40
CA LEU E 211 12.87 -24.01 28.25
C LEU E 211 12.30 -23.12 27.14
N ALA E 212 12.90 -21.95 26.93
CA ALA E 212 12.40 -21.04 25.90
C ALA E 212 12.37 -21.71 24.52
N TRP E 213 13.42 -22.46 24.17
CA TRP E 213 13.42 -23.24 22.93
C TRP E 213 12.12 -24.01 22.76
N VAL E 214 11.73 -24.79 23.78
CA VAL E 214 10.51 -25.58 23.69
C VAL E 214 9.27 -24.70 23.73
N ASP E 215 9.29 -23.65 24.55
CA ASP E 215 8.09 -22.82 24.70
C ASP E 215 7.75 -22.13 23.39
N SER E 216 8.72 -21.39 22.83
CA SER E 216 8.52 -20.70 21.56
C SER E 216 8.01 -21.63 20.45
N HIS E 217 8.53 -22.85 20.40
CA HIS E 217 8.04 -23.77 19.36
C HIS E 217 6.57 -24.10 19.55
N ILE E 218 6.15 -24.33 20.79
CA ILE E 218 4.74 -24.57 21.08
C ILE E 218 3.89 -23.38 20.61
N LYS E 219 4.32 -22.16 20.92
CA LYS E 219 3.62 -20.96 20.45
C LYS E 219 3.55 -20.93 18.93
N ALA E 220 4.71 -21.09 18.28
CA ALA E 220 4.80 -20.93 16.84
C ALA E 220 3.92 -21.95 16.12
N GLU E 221 3.98 -23.22 16.54
CA GLU E 221 3.20 -24.26 15.87
C GLU E 221 1.71 -24.13 16.11
N THR E 222 1.31 -23.41 17.17
CA THR E 222 -0.10 -23.20 17.45
C THR E 222 -0.67 -22.06 16.61
N MET E 223 0.05 -20.93 16.54
CA MET E 223 -0.35 -19.85 15.64
C MET E 223 -0.48 -20.34 14.20
N HIS E 224 0.43 -21.23 13.76
CA HIS E 224 0.46 -21.62 12.36
C HIS E 224 -0.86 -22.25 11.90
N ALA E 225 -1.48 -23.06 12.75
CA ALA E 225 -2.77 -23.68 12.40
C ALA E 225 -3.90 -22.65 12.41
N ASP E 232 -3.35 -23.32 -0.43
CA ASP E 232 -2.94 -22.56 -1.60
C ASP E 232 -1.42 -22.40 -1.61
N THR E 233 -0.85 -22.44 -0.41
CA THR E 233 0.58 -22.26 -0.21
C THR E 233 1.22 -23.45 0.49
N GLY E 234 0.55 -24.63 0.48
CA GLY E 234 1.05 -25.81 1.16
C GLY E 234 2.02 -26.62 0.30
N MET E 235 2.79 -27.46 1.00
CA MET E 235 3.85 -28.27 0.38
C MET E 235 3.37 -29.05 -0.84
N THR E 236 2.13 -29.52 -0.84
CA THR E 236 1.69 -30.28 -1.99
C THR E 236 1.45 -29.40 -3.21
N ARG E 237 1.36 -28.08 -3.04
CA ARG E 237 1.28 -27.21 -4.21
C ARG E 237 2.60 -27.15 -4.97
N LEU E 238 3.68 -27.71 -4.40
CA LEU E 238 4.93 -27.92 -5.14
C LEU E 238 4.90 -29.15 -6.04
N VAL E 239 3.88 -29.99 -5.95
CA VAL E 239 3.77 -31.14 -6.84
C VAL E 239 3.17 -30.66 -8.16
N ALA E 240 3.91 -30.89 -9.25
CA ALA E 240 3.55 -30.23 -10.51
C ALA E 240 2.52 -30.99 -11.31
N ASP E 241 2.55 -32.33 -11.26
CA ASP E 241 1.69 -33.18 -12.10
C ASP E 241 1.47 -34.53 -11.41
N ARG E 242 0.98 -35.52 -12.18
CA ARG E 242 0.63 -36.82 -11.58
C ARG E 242 1.85 -37.65 -11.27
N GLU E 243 2.86 -37.63 -12.14
CA GLU E 243 4.04 -38.45 -11.89
C GLU E 243 4.78 -37.97 -10.65
N GLN E 244 4.90 -36.66 -10.48
CA GLN E 244 5.50 -36.12 -9.25
C GLN E 244 4.62 -36.41 -8.04
N ALA E 245 3.30 -36.51 -8.24
CA ALA E 245 2.40 -36.82 -7.12
C ALA E 245 2.60 -38.23 -6.61
N GLU E 246 2.94 -39.17 -7.51
CA GLU E 246 3.19 -40.54 -7.08
C GLU E 246 4.55 -40.67 -6.42
N GLU E 247 5.57 -40.05 -7.02
CA GLU E 247 6.89 -40.07 -6.39
C GLU E 247 6.86 -39.37 -5.03
N PHE E 248 5.98 -38.39 -4.87
CA PHE E 248 5.88 -37.67 -3.60
C PHE E 248 5.36 -38.58 -2.50
N LEU E 249 4.45 -39.49 -2.83
CA LEU E 249 3.86 -40.35 -1.79
C LEU E 249 4.82 -41.46 -1.38
N THR E 250 5.51 -42.09 -2.33
CA THR E 250 6.45 -43.12 -1.93
C THR E 250 7.60 -42.56 -1.08
N ALA E 251 7.99 -41.29 -1.32
CA ALA E 251 9.01 -40.68 -0.48
C ALA E 251 8.47 -40.31 0.90
N VAL E 252 7.25 -39.77 0.95
CA VAL E 252 6.60 -39.52 2.25
C VAL E 252 6.50 -40.82 3.05
N ARG E 253 6.03 -41.89 2.41
CA ARG E 253 5.87 -43.16 3.12
C ARG E 253 7.20 -43.60 3.72
N GLU E 254 8.27 -43.50 2.94
CA GLU E 254 9.58 -43.93 3.41
C GLU E 254 10.11 -42.99 4.49
N TYR E 255 9.91 -41.68 4.31
CA TYR E 255 10.40 -40.69 5.27
C TYR E 255 9.60 -40.76 6.56
N ALA E 256 8.27 -40.84 6.47
CA ALA E 256 7.45 -41.02 7.66
C ALA E 256 7.88 -42.25 8.45
N ALA E 257 8.16 -43.36 7.77
CA ALA E 257 8.55 -44.58 8.49
C ALA E 257 9.85 -44.36 9.25
N HIS E 258 10.82 -43.64 8.67
CA HIS E 258 12.07 -43.39 9.41
C HIS E 258 11.83 -42.47 10.59
N TRP E 259 10.88 -41.52 10.47
CA TRP E 259 10.55 -40.62 11.56
C TRP E 259 9.89 -41.37 12.71
N SER E 260 8.94 -42.25 12.41
CA SER E 260 8.31 -43.08 13.44
C SER E 260 9.35 -43.92 14.17
N ALA E 261 10.16 -44.65 13.42
CA ALA E 261 11.15 -45.53 14.04
C ALA E 261 12.15 -44.74 14.88
N ALA E 262 12.53 -43.56 14.40
CA ALA E 262 13.44 -42.69 15.16
C ALA E 262 12.81 -42.29 16.48
N LEU E 263 11.59 -41.74 16.43
CA LEU E 263 10.88 -41.35 17.65
C LEU E 263 10.61 -42.55 18.56
N GLU E 264 10.38 -43.73 17.98
CA GLU E 264 10.25 -44.94 18.79
C GLU E 264 11.43 -45.10 19.76
N THR E 265 12.66 -44.84 19.30
CA THR E 265 13.80 -44.95 20.20
C THR E 265 13.71 -43.97 21.35
N TYR E 266 13.01 -42.85 21.16
CA TYR E 266 12.78 -41.91 22.26
C TYR E 266 11.93 -42.54 23.36
N ALA E 267 10.87 -43.27 22.98
CA ALA E 267 10.11 -44.03 23.97
C ALA E 267 11.01 -45.02 24.70
N GLN E 268 11.86 -45.74 23.96
CA GLN E 268 12.77 -46.72 24.54
C GLN E 268 13.72 -46.09 25.56
N ALA E 269 14.28 -44.93 25.26
CA ALA E 269 15.18 -44.31 26.22
C ALA E 269 14.44 -43.86 27.48
N LEU E 270 13.14 -43.57 27.36
CA LEU E 270 12.39 -43.15 28.53
C LEU E 270 12.09 -44.33 29.45
N ARG E 271 11.83 -45.51 28.87
CA ARG E 271 11.63 -46.71 29.68
C ARG E 271 12.91 -47.15 30.39
N ASP E 272 14.02 -47.27 29.65
CA ASP E 272 15.24 -47.85 30.17
C ASP E 272 16.04 -46.93 31.07
N GLY E 273 15.74 -45.64 31.11
CA GLY E 273 16.56 -44.74 31.90
C GLY E 273 17.94 -44.40 31.36
N HIS E 274 18.27 -44.83 30.14
CA HIS E 274 19.54 -44.52 29.50
C HIS E 274 19.47 -44.93 28.03
N ALA E 275 20.55 -44.66 27.29
CA ALA E 275 20.63 -45.08 25.89
C ALA E 275 20.66 -46.60 25.79
N LEU F 6 23.54 29.75 -10.93
CA LEU F 6 24.83 29.22 -11.38
C LEU F 6 25.17 27.92 -10.64
N ALA F 7 24.65 26.81 -11.14
CA ALA F 7 24.59 25.58 -10.37
C ALA F 7 25.82 24.70 -10.58
N LEU F 8 26.07 23.83 -9.60
CA LEU F 8 27.16 22.86 -9.70
C LEU F 8 26.94 21.93 -10.90
N SER F 9 28.01 21.57 -11.57
CA SER F 9 27.93 20.58 -12.63
C SER F 9 28.19 19.19 -12.05
N ALA F 10 27.91 18.17 -12.85
CA ALA F 10 28.05 16.81 -12.37
C ALA F 10 29.44 16.56 -11.79
N ALA F 11 30.47 17.20 -12.36
CA ALA F 11 31.82 17.04 -11.84
C ALA F 11 31.95 17.70 -10.47
N GLU F 12 31.48 18.94 -10.35
CA GLU F 12 31.55 19.65 -9.08
C GLU F 12 30.76 18.91 -8.00
N GLN F 13 29.61 18.32 -8.36
CA GLN F 13 28.80 17.63 -7.37
C GLN F 13 29.53 16.44 -6.79
N GLN F 14 30.14 15.61 -7.65
CA GLN F 14 30.82 14.42 -7.12
C GLN F 14 32.05 14.80 -6.28
N ASP F 15 32.76 15.85 -6.69
CA ASP F 15 33.82 16.41 -5.84
C ASP F 15 33.30 16.71 -4.44
N LEU F 16 32.15 17.39 -4.35
CA LEU F 16 31.59 17.79 -3.06
C LEU F 16 31.23 16.57 -2.22
N ASP F 17 30.54 15.60 -2.82
CA ASP F 17 30.12 14.42 -2.05
C ASP F 17 31.33 13.63 -1.58
N ALA F 18 32.37 13.55 -2.41
CA ALA F 18 33.60 12.85 -2.00
C ALA F 18 34.25 13.58 -0.83
N ARG F 19 34.36 14.91 -0.91
CA ARG F 19 34.99 15.68 0.16
C ARG F 19 34.19 15.59 1.45
N VAL F 20 32.85 15.66 1.37
CA VAL F 20 32.05 15.55 2.59
C VAL F 20 32.32 14.23 3.29
N GLY F 21 32.35 13.14 2.51
CA GLY F 21 32.65 11.84 3.10
C GLY F 21 34.05 11.81 3.70
N LYS F 22 34.99 12.53 3.09
CA LYS F 22 36.36 12.60 3.61
C LYS F 22 36.39 13.20 5.01
N GLU F 23 35.67 14.31 5.21
CA GLU F 23 35.68 14.99 6.51
C GLU F 23 35.15 14.10 7.61
N ILE F 24 34.05 13.38 7.33
CA ILE F 24 33.48 12.48 8.32
C ILE F 24 34.48 11.40 8.70
N ASP F 25 35.42 11.09 7.78
CA ASP F 25 36.50 10.17 8.10
C ASP F 25 37.54 10.84 9.00
N ALA F 26 38.00 12.03 8.61
CA ALA F 26 38.97 12.78 9.40
C ALA F 26 38.50 12.95 10.85
N ALA F 27 37.25 13.36 11.03
CA ALA F 27 36.76 13.54 12.39
C ALA F 27 36.54 12.22 13.13
N ARG F 28 36.84 11.08 12.50
CA ARG F 28 36.85 9.78 13.17
C ARG F 28 35.48 9.42 13.74
N LEU F 29 34.45 9.51 12.88
CA LEU F 29 33.10 9.11 13.25
C LEU F 29 32.75 7.71 12.78
N ARG F 30 33.53 7.14 11.87
CA ARG F 30 33.24 5.82 11.32
C ARG F 30 33.16 4.77 12.44
N ARG F 31 32.74 3.56 12.06
CA ARG F 31 32.40 2.53 13.03
C ARG F 31 33.61 2.19 13.91
N ALA F 32 34.73 1.85 13.30
CA ALA F 32 35.89 1.36 14.06
C ALA F 32 36.80 2.47 14.55
N ASP F 33 36.45 3.75 14.35
CA ASP F 33 37.36 4.84 14.64
C ASP F 33 36.98 5.67 15.87
N ASN F 34 35.69 5.85 16.17
CA ASN F 34 35.29 6.61 17.34
C ASN F 34 35.25 5.72 18.57
N ALA F 35 35.78 6.24 19.67
CA ALA F 35 35.97 5.41 20.86
C ALA F 35 34.66 4.86 21.38
N PHE F 36 33.58 5.62 21.28
CA PHE F 36 32.32 5.19 21.91
C PHE F 36 31.84 3.88 21.32
N PHE F 37 32.08 3.67 20.02
CA PHE F 37 31.59 2.45 19.38
C PHE F 37 32.36 1.23 19.89
N GLY F 38 33.68 1.33 19.98
CA GLY F 38 34.47 0.25 20.54
C GLY F 38 34.15 -0.02 22.01
N GLU F 39 34.03 1.05 22.80
CA GLU F 39 33.80 0.88 24.23
C GLU F 39 32.41 0.35 24.56
N ALA F 40 31.48 0.37 23.60
CA ALA F 40 30.11 -0.09 23.89
C ALA F 40 30.01 -1.61 23.93
N ARG F 41 30.91 -2.32 23.25
CA ARG F 41 30.95 -3.78 23.28
C ARG F 41 32.03 -4.34 24.20
N LYS F 42 33.19 -3.66 24.27
CA LYS F 42 34.27 -4.11 25.15
C LYS F 42 33.83 -4.21 26.60
N ALA F 43 32.90 -3.37 27.02
CA ALA F 43 32.44 -3.41 28.40
C ALA F 43 31.78 -4.74 28.70
N GLU F 44 32.21 -5.39 29.78
CA GLU F 44 31.56 -6.60 30.24
C GLU F 44 30.31 -6.26 31.05
N SER F 45 30.42 -5.30 31.95
CA SER F 45 29.30 -4.79 32.73
C SER F 45 29.19 -3.29 32.49
N VAL F 46 28.05 -2.73 32.91
CA VAL F 46 27.77 -1.30 32.72
C VAL F 46 27.13 -0.76 33.99
N THR F 47 27.66 0.34 34.50
CA THR F 47 27.15 0.96 35.71
C THR F 47 25.92 1.81 35.41
N PRO F 48 24.84 1.67 36.19
CA PRO F 48 23.62 2.46 35.91
C PRO F 48 23.83 3.97 35.98
N GLU F 49 24.91 4.45 36.60
CA GLU F 49 25.18 5.88 36.63
C GLU F 49 26.03 6.33 35.45
N ALA F 50 26.82 5.44 34.86
CA ALA F 50 27.43 5.75 33.57
C ALA F 50 26.40 5.71 32.46
N ALA F 51 25.41 4.81 32.57
CA ALA F 51 24.33 4.77 31.59
C ALA F 51 23.39 5.95 31.75
N LEU F 52 23.07 6.32 32.99
CA LEU F 52 22.22 7.47 33.23
C LEU F 52 22.88 8.75 32.71
N ALA F 53 24.21 8.83 32.77
CA ALA F 53 24.91 9.97 32.18
C ALA F 53 24.72 10.00 30.67
N ILE F 54 24.87 8.85 30.01
CA ILE F 54 24.65 8.78 28.57
C ILE F 54 23.23 9.22 28.21
N ALA F 55 22.24 8.71 28.96
CA ALA F 55 20.85 9.03 28.68
C ALA F 55 20.56 10.52 28.81
N HIS F 56 21.26 11.21 29.71
CA HIS F 56 21.05 12.65 29.85
C HIS F 56 21.71 13.42 28.72
N ARG F 57 22.90 13.00 28.30
CA ARG F 57 23.55 13.70 27.20
C ARG F 57 22.81 13.45 25.89
N TRP F 58 22.41 12.19 25.65
CA TRP F 58 21.72 11.90 24.40
C TRP F 58 20.42 12.68 24.32
N ARG F 59 19.66 12.69 25.43
CA ARG F 59 18.40 13.44 25.50
C ARG F 59 18.59 14.89 25.06
N ALA F 60 19.60 15.56 25.59
CA ALA F 60 19.86 16.94 25.19
C ALA F 60 20.28 17.04 23.73
N MET F 61 21.14 16.11 23.26
CA MET F 61 21.65 16.23 21.90
C MET F 61 20.60 15.84 20.85
N THR F 62 19.79 14.83 21.14
CA THR F 62 18.79 14.42 20.17
C THR F 62 17.59 15.37 20.16
N LYS F 63 17.21 15.92 21.33
CA LYS F 63 16.19 16.97 21.34
C LYS F 63 16.64 18.18 20.55
N ALA F 64 17.91 18.58 20.72
CA ALA F 64 18.44 19.73 20.00
C ALA F 64 18.64 19.44 18.53
N PHE F 65 19.02 18.21 18.18
CA PHE F 65 19.10 17.83 16.78
C PHE F 65 17.77 18.06 16.06
N MET F 66 16.69 17.52 16.59
CA MET F 66 15.40 17.63 15.91
C MET F 66 14.96 19.09 15.77
N PHE F 67 14.90 19.80 16.90
CA PHE F 67 14.35 21.16 16.88
C PHE F 67 15.20 22.12 16.07
N THR F 68 16.53 21.94 16.08
CA THR F 68 17.38 22.83 15.28
C THR F 68 17.35 22.46 13.80
N THR F 69 17.20 21.18 13.47
CA THR F 69 17.02 20.85 12.05
C THR F 69 15.69 21.37 11.54
N LEU F 70 14.61 21.23 12.33
CA LEU F 70 13.34 21.82 11.90
C LEU F 70 13.48 23.32 11.69
N SER F 71 14.29 23.97 12.56
CA SER F 71 14.54 25.40 12.40
C SER F 71 15.23 25.68 11.08
N GLY F 72 16.31 24.97 10.78
CA GLY F 72 16.95 25.14 9.49
C GLY F 72 16.06 24.83 8.29
N LEU F 73 15.10 23.90 8.45
CA LEU F 73 14.13 23.67 7.38
C LEU F 73 13.33 24.96 7.10
N GLY F 74 12.83 25.59 8.16
CA GLY F 74 12.10 26.84 7.99
C GLY F 74 12.92 27.92 7.32
N VAL F 75 14.23 27.99 7.62
CA VAL F 75 15.08 29.01 7.01
C VAL F 75 15.25 28.76 5.52
N MET F 76 15.36 27.50 5.11
CA MET F 76 15.44 27.20 3.67
C MET F 76 14.15 27.60 2.97
N ALA F 77 13.01 27.34 3.60
CA ALA F 77 11.72 27.72 3.03
C ALA F 77 11.62 29.22 2.84
N ARG F 78 12.07 29.98 3.83
CA ARG F 78 12.09 31.44 3.69
C ARG F 78 12.94 31.86 2.51
N ARG F 79 14.15 31.30 2.39
CA ARG F 79 14.96 31.61 1.21
C ARG F 79 14.25 31.24 -0.09
N PHE F 80 13.60 30.06 -0.15
CA PHE F 80 12.86 29.68 -1.35
C PHE F 80 11.76 30.69 -1.66
N GLN F 81 11.06 31.15 -0.63
CA GLN F 81 9.94 32.06 -0.87
C GLN F 81 10.40 33.32 -1.58
N GLY F 82 11.67 33.72 -1.39
CA GLY F 82 12.19 34.89 -2.06
C GLY F 82 12.46 34.70 -3.55
N GLN F 83 12.60 33.47 -4.00
CA GLN F 83 12.88 33.24 -5.42
C GLN F 83 11.56 33.12 -6.16
N ASP F 84 11.54 33.63 -7.40
CA ASP F 84 10.32 33.56 -8.20
C ASP F 84 9.99 32.12 -8.60
N ALA F 85 10.99 31.31 -8.90
CA ALA F 85 10.76 29.91 -9.28
C ALA F 85 11.93 29.08 -8.79
N PRO F 86 11.89 28.63 -7.52
CA PRO F 86 12.95 27.78 -7.00
C PRO F 86 13.21 26.60 -7.93
N ASP F 87 14.48 26.23 -8.06
CA ASP F 87 14.87 25.19 -9.00
C ASP F 87 14.44 23.81 -8.49
N HIS F 88 13.89 23.00 -9.40
CA HIS F 88 13.26 21.74 -8.97
C HIS F 88 14.28 20.76 -8.39
N GLU F 89 15.54 20.82 -8.86
CA GLU F 89 16.58 19.98 -8.29
C GLU F 89 16.81 20.26 -6.82
N LEU F 90 16.70 21.54 -6.41
CA LEU F 90 16.85 21.85 -5.00
C LEU F 90 15.61 21.43 -4.21
N LEU F 91 14.43 21.67 -4.77
CA LEU F 91 13.19 21.29 -4.11
C LEU F 91 13.14 19.79 -3.82
N ALA F 92 13.65 18.99 -4.76
CA ALA F 92 13.73 17.54 -4.56
C ALA F 92 14.47 17.22 -3.27
N ALA F 93 15.60 17.87 -3.02
CA ALA F 93 16.39 17.59 -1.82
C ALA F 93 15.75 18.17 -0.57
N PHE F 94 15.03 19.30 -0.72
CA PHE F 94 14.22 19.86 0.36
C PHE F 94 13.13 18.89 0.82
N GLN F 95 12.48 18.19 -0.12
CA GLN F 95 11.53 17.15 0.26
C GLN F 95 12.19 16.06 1.11
N THR F 96 13.42 15.68 0.77
CA THR F 96 14.14 14.69 1.56
C THR F 96 14.29 15.15 3.00
N VAL F 97 14.70 16.42 3.18
CA VAL F 97 14.83 17.00 4.52
C VAL F 97 13.56 16.80 5.29
N TYR F 98 12.45 17.26 4.70
CA TYR F 98 11.15 17.15 5.35
C TYR F 98 10.84 15.69 5.70
N GLN F 99 11.14 14.77 4.78
CA GLN F 99 10.82 13.36 5.00
C GLN F 99 11.61 12.77 6.15
N VAL F 100 12.94 12.95 6.14
CA VAL F 100 13.74 12.24 7.12
C VAL F 100 13.54 12.82 8.52
N ILE F 101 13.53 14.16 8.66
CA ILE F 101 13.38 14.70 10.01
C ILE F 101 11.99 14.41 10.55
N GLY F 102 11.02 14.14 9.67
CA GLY F 102 9.68 13.85 10.14
C GLY F 102 9.55 12.61 10.98
N ASP F 103 10.45 11.65 10.79
CA ASP F 103 10.37 10.44 11.61
C ASP F 103 10.62 10.76 13.09
N ASP F 104 11.54 11.70 13.35
CA ASP F 104 11.82 12.14 14.72
C ASP F 104 10.63 12.85 15.34
N LEU F 105 9.93 13.68 14.56
CA LEU F 105 8.79 14.38 15.12
C LEU F 105 7.53 13.53 15.14
N ASP F 106 7.38 12.60 14.21
CA ASP F 106 6.07 11.98 14.05
C ASP F 106 6.06 10.54 13.56
N ASN F 107 7.21 9.90 13.34
CA ASN F 107 7.24 8.46 13.10
C ASN F 107 6.40 8.12 11.86
N ALA F 108 6.85 8.66 10.73
CA ALA F 108 6.16 8.45 9.47
C ALA F 108 6.43 7.05 8.92
N ALA F 109 7.70 6.65 8.88
CA ALA F 109 8.04 5.32 8.40
C ALA F 109 7.39 4.25 9.27
N PRO F 110 6.90 3.16 8.65
CA PRO F 110 6.29 2.08 9.44
C PRO F 110 7.26 1.39 10.40
N ALA F 111 8.57 1.41 10.09
CA ALA F 111 9.57 0.98 11.07
C ALA F 111 9.34 1.63 12.43
N PHE F 112 8.91 2.89 12.44
CA PHE F 112 8.57 3.58 13.69
C PHE F 112 7.07 3.57 13.96
N ARG F 113 6.24 3.74 12.93
CA ARG F 113 4.81 3.83 13.14
C ARG F 113 4.26 2.58 13.82
N GLU F 114 4.88 1.42 13.55
CA GLU F 114 4.41 0.16 14.10
C GLU F 114 4.55 0.10 15.62
N VAL F 115 5.59 0.74 16.18
CA VAL F 115 6.01 0.48 17.55
C VAL F 115 6.02 1.74 18.42
N ALA F 116 6.22 2.91 17.81
CA ALA F 116 6.34 4.14 18.59
C ALA F 116 5.02 4.48 19.28
N PRO F 117 5.07 5.18 20.41
CA PRO F 117 3.83 5.59 21.07
C PRO F 117 3.06 6.64 20.27
N ARG F 118 1.78 6.76 20.59
CA ARG F 118 0.90 7.70 19.92
C ARG F 118 1.09 9.13 20.44
N GLY F 119 1.00 10.10 19.54
CA GLY F 119 1.08 11.50 19.89
C GLY F 119 2.48 11.98 20.26
N PRO F 120 2.55 13.01 21.11
CA PRO F 120 3.86 13.57 21.47
C PRO F 120 4.74 12.58 22.22
N ALA F 121 4.13 11.66 22.99
CA ALA F 121 4.89 10.61 23.65
C ALA F 121 5.79 9.84 22.67
N GLY F 122 5.43 9.82 21.40
CA GLY F 122 6.24 9.15 20.39
C GLY F 122 7.35 9.96 19.77
N ILE F 123 7.37 11.29 19.98
CA ILE F 123 8.52 12.09 19.55
C ILE F 123 9.77 11.47 20.16
N HIS F 124 10.87 11.51 19.42
CA HIS F 124 11.94 10.58 19.69
C HIS F 124 12.82 10.94 20.88
N TYR F 125 12.88 12.21 21.32
CA TYR F 125 13.55 12.47 22.60
C TYR F 125 12.58 12.24 23.75
N VAL F 126 11.28 12.38 23.51
CA VAL F 126 10.28 12.10 24.55
C VAL F 126 10.15 10.59 24.75
N TRP F 127 10.13 9.84 23.65
CA TRP F 127 10.18 8.38 23.70
C TRP F 127 11.43 7.89 24.40
N TRP F 128 12.56 8.58 24.18
CA TRP F 128 13.83 8.21 24.79
C TRP F 128 13.82 8.43 26.30
N GLU F 129 13.34 9.60 26.74
CA GLU F 129 13.23 9.88 28.16
C GLU F 129 12.42 8.79 28.87
N ASP F 130 11.27 8.46 28.30
CA ASP F 130 10.30 7.62 29.01
C ASP F 130 10.66 6.15 29.02
N THR F 131 11.48 5.68 28.07
CA THR F 131 11.78 4.25 27.99
C THR F 131 13.24 3.90 28.26
N VAL F 132 14.17 4.82 28.02
CA VAL F 132 15.59 4.59 28.30
C VAL F 132 16.06 5.34 29.54
N LEU F 133 15.78 6.64 29.62
CA LEU F 133 16.33 7.47 30.68
C LEU F 133 15.68 7.16 32.02
N LYS F 134 14.38 7.42 32.14
CA LYS F 134 13.69 7.26 33.41
C LYS F 134 13.87 5.90 34.09
N PRO F 135 13.83 4.76 33.37
CA PRO F 135 14.05 3.48 34.07
C PRO F 135 15.48 3.26 34.51
N VAL F 136 16.46 3.88 33.84
CA VAL F 136 17.84 3.79 34.32
C VAL F 136 18.04 4.66 35.55
N ALA F 137 17.46 5.87 35.54
CA ALA F 137 17.54 6.74 36.71
C ALA F 137 16.88 6.14 37.93
N ALA F 138 15.99 5.17 37.76
CA ALA F 138 15.32 4.55 38.90
C ALA F 138 16.30 3.76 39.77
N HIS F 139 17.39 3.27 39.17
CA HIS F 139 18.41 2.53 39.92
C HIS F 139 19.65 3.39 40.11
N VAL F 140 19.45 4.64 40.55
CA VAL F 140 20.54 5.59 40.75
C VAL F 140 20.15 6.52 41.90
N ALA F 141 21.04 6.65 42.88
CA ALA F 141 20.77 7.49 44.04
C ALA F 141 20.66 8.96 43.63
N GLU F 142 19.90 9.73 44.42
CA GLU F 142 19.57 11.09 44.05
C GLU F 142 20.82 11.94 43.79
N GLU F 143 21.87 11.75 44.59
CA GLU F 143 23.06 12.57 44.43
C GLU F 143 23.78 12.28 43.13
N ASP F 144 23.66 11.06 42.62
CA ASP F 144 24.29 10.70 41.34
C ASP F 144 23.45 11.11 40.15
N ARG F 145 22.12 11.21 40.33
CA ARG F 145 21.26 11.77 39.29
C ARG F 145 21.74 13.16 38.89
N GLN F 146 21.81 14.07 39.87
CA GLN F 146 22.22 15.44 39.57
C GLN F 146 23.64 15.51 39.03
N SER F 147 24.49 14.53 39.40
CA SER F 147 25.86 14.52 38.90
C SER F 147 25.91 14.03 37.45
N ALA F 148 25.21 12.94 37.15
CA ALA F 148 25.18 12.45 35.77
C ALA F 148 24.48 13.43 34.83
N ALA F 149 23.51 14.18 35.34
CA ALA F 149 22.79 15.17 34.54
C ALA F 149 23.67 16.35 34.13
N VAL F 150 24.84 16.52 34.74
CA VAL F 150 25.77 17.56 34.33
C VAL F 150 26.28 17.24 32.94
N LEU F 151 26.25 18.22 32.04
CA LEU F 151 26.62 17.99 30.65
C LEU F 151 28.09 18.34 30.42
N PRO F 152 28.91 17.40 29.91
CA PRO F 152 30.32 17.72 29.62
C PRO F 152 30.52 18.93 28.73
N ARG F 153 31.77 19.35 28.61
CA ARG F 153 32.09 20.53 27.83
C ARG F 153 31.92 20.27 26.34
N ALA F 154 32.42 19.14 25.85
CA ALA F 154 32.32 18.84 24.43
C ALA F 154 30.88 18.62 23.99
N VAL F 155 30.05 18.08 24.87
CA VAL F 155 28.62 17.94 24.58
C VAL F 155 27.97 19.30 24.40
N THR F 156 28.21 20.22 25.34
CA THR F 156 27.64 21.57 25.24
C THR F 156 28.19 22.33 24.04
N GLY F 157 29.45 22.10 23.68
CA GLY F 157 29.96 22.67 22.44
C GLY F 157 29.21 22.19 21.23
N LEU F 158 28.69 20.95 21.27
CA LEU F 158 27.85 20.47 20.18
C LEU F 158 26.50 21.17 20.21
N LEU F 159 25.86 21.22 21.40
CA LEU F 159 24.60 21.93 21.53
C LEU F 159 24.69 23.35 20.97
N ASP F 160 25.84 23.99 21.15
CA ASP F 160 26.00 25.36 20.69
C ASP F 160 26.15 25.43 19.19
N SER F 161 26.85 24.46 18.59
CA SER F 161 26.96 24.42 17.13
C SER F 161 25.60 24.15 16.48
N MET F 162 24.83 23.24 17.06
CA MET F 162 23.45 23.02 16.60
C MET F 162 22.65 24.32 16.66
N ASP F 163 22.76 25.05 17.78
CA ASP F 163 22.02 26.31 17.91
C ASP F 163 22.40 27.30 16.83
N ARG F 164 23.65 27.27 16.37
CA ARG F 164 24.05 28.19 15.30
C ARG F 164 23.58 27.70 13.94
N LEU F 165 23.58 26.38 13.73
CA LEU F 165 23.09 25.86 12.46
C LEU F 165 21.59 26.03 12.33
N ALA F 166 20.89 26.29 13.44
CA ALA F 166 19.44 26.48 13.42
C ALA F 166 19.01 27.66 12.57
N THR F 167 19.91 28.61 12.28
CA THR F 167 19.58 29.78 11.48
C THR F 167 20.41 29.88 10.21
N HIS F 168 21.27 28.93 9.93
CA HIS F 168 22.10 28.89 8.73
C HIS F 168 21.28 28.41 7.52
N PRO F 169 21.49 28.98 6.33
CA PRO F 169 20.72 28.54 5.15
C PRO F 169 21.02 27.12 4.68
N LEU F 170 22.05 26.46 5.24
CA LEU F 170 22.39 25.07 4.91
C LEU F 170 22.42 24.19 6.15
N GLY F 171 22.00 24.71 7.30
CA GLY F 171 22.22 24.00 8.54
C GLY F 171 21.46 22.69 8.63
N ALA F 172 20.26 22.64 8.04
CA ALA F 172 19.49 21.41 8.07
C ALA F 172 20.21 20.32 7.30
N ALA F 173 20.70 20.66 6.10
CA ALA F 173 21.43 19.71 5.28
C ALA F 173 22.68 19.19 5.99
N VAL F 174 23.44 20.09 6.61
CA VAL F 174 24.65 19.71 7.33
C VAL F 174 24.32 18.72 8.44
N GLN F 175 23.39 19.08 9.31
CA GLN F 175 23.08 18.20 10.44
C GLN F 175 22.56 16.84 9.98
N LEU F 176 21.77 16.80 8.90
CA LEU F 176 21.21 15.54 8.46
C LEU F 176 22.27 14.68 7.77
N ARG F 177 23.10 15.30 6.93
CA ARG F 177 24.14 14.59 6.21
C ARG F 177 25.11 13.88 7.17
N VAL F 178 25.41 14.51 8.30
CA VAL F 178 26.33 13.93 9.27
C VAL F 178 25.61 12.94 10.19
N VAL F 179 24.52 13.38 10.84
CA VAL F 179 23.89 12.58 11.89
C VAL F 179 23.30 11.28 11.33
N GLU F 180 22.72 11.33 10.13
CA GLU F 180 22.12 10.11 9.58
C GLU F 180 23.18 9.14 9.10
N ASP F 181 24.39 9.63 8.81
CA ASP F 181 25.50 8.76 8.43
C ASP F 181 26.00 7.92 9.61
N ILE F 182 25.97 8.47 10.84
CA ILE F 182 26.49 7.78 12.01
C ILE F 182 25.40 7.19 12.88
N ALA F 183 24.14 7.38 12.52
CA ALA F 183 23.04 7.05 13.43
C ALA F 183 22.96 5.55 13.72
N LEU F 184 23.34 4.71 12.77
CA LEU F 184 23.27 3.26 13.00
C LEU F 184 24.31 2.82 14.03
N ASP F 185 25.58 3.17 13.80
CA ASP F 185 26.64 2.87 14.77
C ASP F 185 26.27 3.31 16.17
N ILE F 186 25.69 4.51 16.30
CA ILE F 186 25.24 4.98 17.62
C ILE F 186 24.15 4.08 18.15
N ALA F 187 23.24 3.64 17.28
CA ALA F 187 22.07 2.90 17.75
C ALA F 187 22.44 1.54 18.30
N VAL F 188 23.35 0.83 17.62
CA VAL F 188 23.77 -0.46 18.13
C VAL F 188 24.61 -0.26 19.38
N GLY F 189 25.34 0.86 19.47
CA GLY F 189 26.04 1.21 20.69
C GLY F 189 25.11 1.21 21.90
N PHE F 190 23.88 1.70 21.71
CA PHE F 190 22.91 1.73 22.80
C PHE F 190 22.31 0.35 23.08
N ARG F 191 22.14 -0.47 22.05
CA ARG F 191 21.68 -1.85 22.26
C ARG F 191 22.73 -2.64 23.05
N ARG F 192 24.00 -2.56 22.62
CA ARG F 192 25.08 -3.20 23.36
C ARG F 192 25.18 -2.64 24.77
N LEU F 193 25.04 -1.32 24.92
CA LEU F 193 25.24 -0.67 26.21
C LEU F 193 24.15 -1.04 27.20
N TYR F 194 22.90 -0.64 26.92
CA TYR F 194 21.85 -0.59 27.92
C TYR F 194 21.23 -1.95 28.28
N ALA F 195 21.58 -3.03 27.59
CA ALA F 195 21.21 -4.36 28.06
C ALA F 195 22.30 -5.00 28.91
N LYS F 196 23.41 -4.28 29.16
CA LYS F 196 24.46 -4.68 30.09
C LYS F 196 24.43 -3.87 31.38
N VAL F 197 23.31 -3.20 31.66
CA VAL F 197 23.16 -2.38 32.86
C VAL F 197 22.95 -3.34 34.03
N GLU F 198 24.00 -3.57 34.83
CA GLU F 198 23.97 -4.55 35.91
C GLU F 198 23.65 -3.85 37.22
N VAL F 199 22.45 -4.12 37.74
CA VAL F 199 22.04 -3.71 39.08
C VAL F 199 21.98 -4.97 39.93
N PRO F 200 21.99 -4.86 41.26
CA PRO F 200 21.99 -6.08 42.10
C PRO F 200 20.80 -6.97 41.85
N GLY F 201 21.09 -8.24 41.51
CA GLY F 201 20.07 -9.25 41.33
C GLY F 201 19.39 -9.23 39.97
N THR F 202 18.59 -8.20 39.74
CA THR F 202 17.80 -8.08 38.52
C THR F 202 18.63 -7.41 37.42
N THR F 203 18.19 -7.61 36.18
CA THR F 203 18.64 -6.81 35.05
C THR F 203 17.53 -5.83 34.67
N LEU F 204 17.92 -4.71 34.06
CA LEU F 204 16.93 -3.69 33.72
C LEU F 204 16.11 -4.08 32.51
N PHE F 205 16.68 -3.93 31.31
CA PHE F 205 15.93 -4.12 30.06
C PHE F 205 15.98 -5.59 29.68
N ALA F 206 15.11 -6.37 30.35
CA ALA F 206 14.91 -7.77 30.04
C ALA F 206 13.60 -8.05 29.33
N GLY F 207 12.65 -7.11 29.35
CA GLY F 207 11.38 -7.30 28.68
C GLY F 207 11.50 -7.34 27.17
N ARG F 208 10.39 -7.74 26.53
CA ARG F 208 10.41 -8.00 25.10
C ARG F 208 10.48 -6.72 24.28
N ASP F 209 9.88 -5.65 24.76
CA ASP F 209 9.94 -4.35 24.08
C ASP F 209 10.23 -3.24 25.08
N ASP F 210 11.26 -3.46 25.92
CA ASP F 210 11.72 -2.41 26.82
C ASP F 210 12.67 -1.44 26.12
N LEU F 211 13.36 -1.88 25.08
CA LEU F 211 14.21 -1.03 24.25
C LEU F 211 13.63 -0.86 22.85
N ALA F 212 12.31 -0.73 22.75
CA ALA F 212 11.66 -0.52 21.45
C ALA F 212 12.28 0.67 20.73
N TRP F 213 12.59 1.75 21.47
CA TRP F 213 13.23 2.92 20.88
C TRP F 213 14.50 2.55 20.12
N VAL F 214 15.32 1.67 20.70
CA VAL F 214 16.58 1.30 20.05
C VAL F 214 16.32 0.36 18.89
N ASP F 215 15.40 -0.59 19.06
CA ASP F 215 15.17 -1.61 18.04
C ASP F 215 14.61 -1.01 16.74
N SER F 216 13.72 -0.01 16.87
CA SER F 216 13.15 0.59 15.67
C SER F 216 14.14 1.50 14.96
N HIS F 217 15.07 2.11 15.70
CA HIS F 217 16.10 2.93 15.09
C HIS F 217 17.11 2.10 14.31
N ILE F 218 17.44 0.91 14.80
CA ILE F 218 18.40 0.08 14.08
C ILE F 218 17.83 -0.32 12.72
N LYS F 219 16.56 -0.75 12.71
CA LYS F 219 15.88 -1.09 11.46
C LYS F 219 15.84 0.11 10.52
N ALA F 220 15.38 1.26 11.04
CA ALA F 220 15.07 2.40 10.19
C ALA F 220 16.28 3.27 9.83
N GLU F 221 17.35 3.27 10.61
CA GLU F 221 18.42 4.24 10.35
C GLU F 221 19.19 3.93 9.07
N THR F 222 19.07 2.71 8.55
CA THR F 222 19.81 2.36 7.33
C THR F 222 19.28 3.13 6.12
N MET F 223 17.97 3.35 6.04
CA MET F 223 17.39 4.02 4.88
C MET F 223 17.59 5.54 4.95
N HIS F 224 17.48 6.13 6.15
CA HIS F 224 17.82 7.55 6.31
C HIS F 224 19.25 7.82 5.85
N ALA F 225 20.17 6.95 6.24
CA ALA F 225 21.57 7.10 5.80
C ALA F 225 21.66 7.14 4.28
N ALA F 226 20.89 6.27 3.61
CA ALA F 226 20.88 6.28 2.15
C ALA F 226 20.22 7.55 1.59
N GLN F 227 19.11 7.98 2.19
CA GLN F 227 18.41 9.16 1.67
C GLN F 227 19.31 10.41 1.69
N VAL F 228 20.02 10.66 2.80
CA VAL F 228 20.76 11.92 2.91
C VAL F 228 22.02 11.94 2.05
N SER F 229 22.56 10.78 1.69
CA SER F 229 23.75 10.72 0.84
C SER F 229 23.41 10.52 -0.63
N ASP F 230 22.11 10.40 -0.96
CA ASP F 230 21.68 10.18 -2.34
C ASP F 230 22.27 11.21 -3.27
N GLU F 231 22.74 10.75 -4.43
CA GLU F 231 23.42 11.62 -5.38
C GLU F 231 22.49 12.63 -6.03
N ASP F 232 21.20 12.30 -6.17
CA ASP F 232 20.26 13.18 -6.85
C ASP F 232 19.37 13.98 -5.91
N THR F 233 18.97 13.40 -4.78
CA THR F 233 18.04 14.04 -3.86
C THR F 233 18.57 14.12 -2.43
N GLY F 234 19.89 14.01 -2.25
CA GLY F 234 20.49 14.01 -0.93
C GLY F 234 20.84 15.42 -0.46
N MET F 235 21.39 15.47 0.76
CA MET F 235 21.60 16.76 1.43
C MET F 235 22.53 17.67 0.64
N THR F 236 23.53 17.09 -0.04
CA THR F 236 24.44 17.96 -0.79
C THR F 236 23.80 18.53 -2.04
N ARG F 237 22.59 18.11 -2.38
CA ARG F 237 21.93 18.72 -3.54
C ARG F 237 21.14 19.97 -3.16
N LEU F 238 21.14 20.35 -1.88
CA LEU F 238 20.65 21.66 -1.49
C LEU F 238 21.68 22.76 -1.72
N VAL F 239 22.95 22.40 -1.86
CA VAL F 239 24.00 23.36 -2.17
C VAL F 239 23.79 23.91 -3.58
N ALA F 240 23.61 25.21 -3.70
CA ALA F 240 23.22 25.81 -4.98
C ALA F 240 24.40 26.21 -5.87
N ASP F 241 25.59 26.46 -5.30
CA ASP F 241 26.73 26.91 -6.10
C ASP F 241 28.04 26.70 -5.34
N ARG F 242 29.14 27.14 -5.97
CA ARG F 242 30.47 26.83 -5.46
C ARG F 242 30.73 27.47 -4.09
N GLU F 243 30.26 28.70 -3.89
CA GLU F 243 30.41 29.33 -2.58
C GLU F 243 29.73 28.52 -1.49
N GLN F 244 28.45 28.18 -1.70
CA GLN F 244 27.76 27.34 -0.73
C GLN F 244 28.47 26.01 -0.55
N ALA F 245 28.97 25.44 -1.65
CA ALA F 245 29.82 24.25 -1.55
C ALA F 245 30.92 24.45 -0.52
N GLU F 246 31.72 25.51 -0.70
CA GLU F 246 32.77 25.84 0.27
C GLU F 246 32.19 26.00 1.66
N GLU F 247 31.07 26.73 1.78
CA GLU F 247 30.43 26.89 3.07
C GLU F 247 29.94 25.55 3.61
N PHE F 248 29.45 24.68 2.72
CA PHE F 248 28.96 23.37 3.17
C PHE F 248 30.11 22.56 3.79
N LEU F 249 31.27 22.54 3.11
CA LEU F 249 32.41 21.77 3.61
C LEU F 249 32.90 22.30 4.97
N THR F 250 33.08 23.62 5.08
CA THR F 250 33.51 24.20 6.35
C THR F 250 32.57 23.80 7.49
N ALA F 251 31.26 23.91 7.26
CA ALA F 251 30.28 23.57 8.30
C ALA F 251 30.34 22.10 8.68
N VAL F 252 30.52 21.22 7.68
CA VAL F 252 30.66 19.79 7.98
C VAL F 252 31.88 19.55 8.85
N ARG F 253 33.00 20.20 8.53
CA ARG F 253 34.21 20.09 9.34
C ARG F 253 33.93 20.38 10.82
N GLU F 254 33.48 21.61 11.12
CA GLU F 254 33.26 21.98 12.52
C GLU F 254 32.22 21.08 13.17
N TYR F 255 31.09 20.85 12.47
CA TYR F 255 30.01 20.07 13.04
C TYR F 255 30.45 18.64 13.31
N ALA F 256 31.21 18.05 12.38
CA ALA F 256 31.68 16.68 12.60
C ALA F 256 32.66 16.61 13.78
N ALA F 257 33.55 17.59 13.90
CA ALA F 257 34.44 17.64 15.06
C ALA F 257 33.65 17.63 16.37
N HIS F 258 32.57 18.42 16.44
CA HIS F 258 31.78 18.48 17.66
C HIS F 258 31.10 17.14 17.96
N TRP F 259 30.63 16.43 16.94
CA TRP F 259 30.01 15.13 17.18
C TRP F 259 31.04 14.13 17.69
N SER F 260 32.24 14.14 17.10
CA SER F 260 33.31 13.27 17.60
C SER F 260 33.57 13.52 19.07
N ALA F 261 33.91 14.76 19.43
CA ALA F 261 34.24 15.10 20.81
C ALA F 261 33.11 14.78 21.77
N ALA F 262 31.86 14.93 21.34
CA ALA F 262 30.74 14.66 22.24
C ALA F 262 30.49 13.16 22.43
N LEU F 263 30.77 12.35 21.41
CA LEU F 263 30.66 10.91 21.59
C LEU F 263 31.82 10.36 22.41
N GLU F 264 33.02 10.95 22.29
CA GLU F 264 34.15 10.47 23.08
C GLU F 264 33.86 10.60 24.58
N THR F 265 33.10 11.62 24.97
CA THR F 265 32.68 11.71 26.37
C THR F 265 31.76 10.57 26.76
N TYR F 266 31.17 9.86 25.79
CA TYR F 266 30.38 8.68 26.12
C TYR F 266 31.29 7.50 26.48
N ALA F 267 32.42 7.38 25.78
CA ALA F 267 33.39 6.36 26.14
C ALA F 267 33.95 6.60 27.54
N GLN F 268 34.22 7.86 27.87
CA GLN F 268 34.77 8.18 29.18
C GLN F 268 33.78 7.83 30.29
N ALA F 269 32.48 8.00 30.04
CA ALA F 269 31.50 7.59 31.05
C ALA F 269 31.50 6.08 31.24
N LEU F 270 31.71 5.32 30.16
CA LEU F 270 31.78 3.87 30.27
C LEU F 270 33.00 3.43 31.08
N ARG F 271 34.16 4.02 30.81
CA ARG F 271 35.36 3.73 31.59
C ARG F 271 35.16 4.13 33.04
N ASP F 272 34.97 5.44 33.29
CA ASP F 272 34.87 5.96 34.65
C ASP F 272 33.69 5.37 35.42
N GLY F 273 32.66 4.90 34.72
CA GLY F 273 31.50 4.33 35.38
C GLY F 273 31.83 3.09 36.19
N ILE G . 18.29 -7.06 -5.82
CA ILE G . 18.19 -6.55 -7.20
C ILE G . 17.02 -7.19 -8.01
O ILE G . 16.01 -7.68 -7.48
CB ILE G . 19.53 -6.76 -7.90
CG1 ILE G . 19.77 -8.24 -8.18
CG2 ILE G . 20.61 -6.29 -6.98
CD1 ILE G . 20.64 -8.51 -9.44
OXT ILE G . 17.01 -7.16 -9.26
FE FE2 H . 16.08 -7.35 -5.21
FE FE2 I . -17.13 -1.48 2.48
N ILE J . -18.14 -0.01 4.09
CA ILE J . -18.33 -0.72 5.36
C ILE J . -18.47 -2.23 5.17
O ILE J . -18.16 -2.78 4.12
CB ILE J . -19.55 -0.17 6.10
CG1 ILE J . -20.83 -0.41 5.30
CG2 ILE J . -19.38 1.31 6.33
CD1 ILE J . -22.06 -0.54 6.21
OXT ILE J . -18.90 -2.99 6.05
FE FE2 K . -17.45 3.26 1.64
O1 OXY L . -16.57 0.07 0.79
O2 OXY L . -16.21 0.87 1.61
FE FE2 M . -3.58 21.78 2.84
N ILE N . -3.89 23.33 -0.05
CA ILE N . -4.29 24.26 -1.12
C ILE N . -3.24 24.39 -2.23
O ILE N . -3.23 25.35 -3.02
CB ILE N . -4.61 25.65 -0.53
CG1 ILE N . -3.40 26.16 0.27
CG2 ILE N . -5.82 25.54 0.36
CD1 ILE N . -3.16 27.68 0.14
OXT ILE N . -2.33 23.56 -2.38
FE FE2 O . -2.48 21.73 -1.11
O1 OXY P . -2.31 20.19 0.62
O2 OXY P . -3.48 20.13 0.86
N ILE Q . -22.96 0.42 -25.02
CA ILE Q . -23.72 0.94 -26.15
C ILE Q . -24.30 2.32 -25.85
O ILE Q . -25.13 2.78 -26.64
CB ILE Q . -24.84 -0.03 -26.56
CG1 ILE Q . -25.88 -0.18 -25.44
CG2 ILE Q . -24.26 -1.39 -26.84
CD1 ILE Q . -27.26 -0.69 -25.96
OXT ILE Q . -23.99 3.03 -24.90
FE FE2 R . -22.02 2.26 -23.88
N ILE S . 11.37 -26.85 14.22
CA ILE S . 11.76 -27.93 15.14
C ILE S . 13.22 -27.85 15.56
O ILE S . 13.89 -26.85 15.40
CB ILE S . 11.50 -29.29 14.52
CG1 ILE S . 12.35 -29.43 13.25
CG2 ILE S . 10.03 -29.47 14.25
CD1 ILE S . 12.68 -30.91 12.92
OXT ILE S . 13.80 -28.80 16.06
FE FE2 T . 12.68 -25.00 14.82
N ILE U . 17.27 10.01 15.09
CA ILE U . 18.01 9.66 16.30
C ILE U . 17.25 10.03 17.58
O ILE U . 16.06 10.34 17.60
CB ILE U . 19.38 10.33 16.29
CG1 ILE U . 19.22 11.84 16.48
CG2 ILE U . 20.10 10.02 15.00
CD1 ILE U . 20.42 12.52 17.08
OXT ILE U . 17.83 10.01 18.66
FE FE2 V . 14.89 9.33 15.55
FE FE2 W . 17.27 9.76 12.09
O1 OXY X . 15.00 8.50 13.01
O2 OXY X . 14.69 9.62 12.67
#